data_3TV5
#
_entry.id   3TV5
#
_cell.length_a   246.500
_cell.length_b   123.114
_cell.length_c   146.440
_cell.angle_alpha   90.00
_cell.angle_beta   94.24
_cell.angle_gamma   90.00
#
_symmetry.space_group_name_H-M   'C 1 2 1'
#
loop_
_entity.id
_entity.type
_entity.pdbx_description
1 polymer 'Acetyl-CoA carboxylase'
2 non-polymer "(3R)-1'-(9-ANTHRYLCARBONYL)-3-(MORPHOLIN-4-YLCARBONYL)-1,4'-BIPIPERIDINE"
3 water water
#
_entity_poly.entity_id   1
_entity_poly.type   'polypeptide(L)'
_entity_poly.pdbx_seq_one_letter_code
;MASGSMHLRPIATPYPVKEWLQPKRYKAHLMGTTYVYDFPELFRQASSSQWKNFSADVKLTDDFFISNELIEDENGELTE
VEREPGANAIGMVAFKITVKTPEYPRGRQFVVVANDITFKIGSFGPQEDEFFNKVTEYARKRGIPRIYLAANSGARIGMA
EEIVPLFQVAWNDAANPDKGFQYLYLTSEGMETLKKFDKENSVLTERTVINGEERFVIKTIIGSEDGLGVECLRGSGLIA
GATSRAYHDIFTITLVTCRSVGIGAYLVRLGQRAIQVEGQPIILTGASALNKVLGREVYTSNLQLGGTQIMYNNGVSHLT
AVDDLAGVEKIVEWMSYVPAKRNMPVPILETKDTWDRPVDFTPTNDETYDVRWMIEGRETESGFEYGLFDKGSFFETLSG
WAKGVVVGRARLGGIPLGVIGVETRTVENLIPADPANPNSAETLIQQAGQVWFPNSAFKTAQAINDFNNGEQLPMMILAN
WRGFSGGQRDMFNEVLKYGSFIVDALVDYKQPIIIYIPPTGELRGGSWVVVDPTINADQMEMYADVNARAGVLEPEGTVE
IKFRREKLLDTMNRLDDKYRELRSQLSNKSLAPEVHQQISKQLADRERELLPIYGQISLQFADLHDRSSRMVAKGVISKE
LEWTEARRFFFWRLRRRLNEEYLIKRLSHQVGEASRLEKIARIRSWYPASVDHEDDRQVATWIEENYKTLDDKLKGLKLE
SFAQDLAKKIRSDHDNAIDGLSEVIKMLSTDDKEKLLKTLKLEHHHHHH
;
_entity_poly.pdbx_strand_id   A,B,C
#
loop_
_chem_comp.id
_chem_comp.type
_chem_comp.name
_chem_comp.formula
RCP non-polymer (3R)-1'-(9-ANTHRYLCARBONYL)-3-(MORPHOLIN-4-YLCARBONYL)-1,4'-BIPIPERIDINE 'C30 H35 N3 O3'
#
# COMPACT_ATOMS: atom_id res chain seq x y z
N LEU A 8 -71.40 -2.52 -43.24
CA LEU A 8 -70.78 -1.95 -42.04
C LEU A 8 -71.68 -2.00 -40.81
N ARG A 9 -71.15 -2.66 -39.76
CA ARG A 9 -71.77 -2.86 -38.47
C ARG A 9 -70.63 -2.93 -37.40
N PRO A 10 -70.65 -2.07 -36.35
CA PRO A 10 -71.67 -1.05 -36.06
C PRO A 10 -71.46 0.30 -36.73
N ILE A 11 -72.58 1.01 -36.97
CA ILE A 11 -72.56 2.37 -37.51
C ILE A 11 -72.18 3.35 -36.38
N ALA A 12 -71.81 4.60 -36.76
CA ALA A 12 -71.48 5.67 -35.84
C ALA A 12 -70.48 5.38 -34.72
N THR A 13 -69.40 4.63 -34.98
CA THR A 13 -68.37 4.43 -33.93
C THR A 13 -67.41 5.65 -33.96
N PRO A 14 -66.71 6.03 -32.83
CA PRO A 14 -65.78 7.18 -32.89
C PRO A 14 -64.61 7.00 -33.88
N TYR A 15 -64.05 5.79 -33.95
CA TYR A 15 -62.94 5.46 -34.83
C TYR A 15 -63.32 4.36 -35.84
N PRO A 16 -62.55 4.14 -36.94
CA PRO A 16 -62.93 3.08 -37.91
C PRO A 16 -63.10 1.68 -37.31
N VAL A 17 -64.12 0.93 -37.82
CA VAL A 17 -64.41 -0.44 -37.38
C VAL A 17 -63.36 -1.39 -37.98
N LYS A 18 -62.32 -1.70 -37.17
CA LYS A 18 -61.22 -2.56 -37.58
C LYS A 18 -61.66 -3.96 -38.07
N GLU A 19 -62.82 -4.46 -37.57
CA GLU A 19 -63.35 -5.78 -37.95
C GLU A 19 -64.08 -5.75 -39.29
N TRP A 20 -64.26 -4.55 -39.83
CA TRP A 20 -64.87 -4.31 -41.11
C TRP A 20 -63.78 -4.00 -42.17
N LEU A 21 -62.81 -3.10 -41.86
CA LEU A 21 -61.65 -2.79 -42.70
C LEU A 21 -60.92 -4.11 -43.08
N GLN A 22 -60.81 -5.04 -42.12
CA GLN A 22 -60.27 -6.35 -42.35
C GLN A 22 -61.26 -7.37 -41.76
N PRO A 23 -62.20 -7.91 -42.58
CA PRO A 23 -63.16 -8.92 -42.06
C PRO A 23 -62.56 -10.16 -41.44
N LYS A 24 -61.26 -10.44 -41.71
CA LYS A 24 -60.54 -11.58 -41.15
C LYS A 24 -60.31 -11.40 -39.65
N ARG A 25 -60.22 -10.12 -39.17
CA ARG A 25 -60.05 -9.84 -37.74
C ARG A 25 -61.29 -10.35 -37.03
N TYR A 26 -62.48 -10.10 -37.60
CA TYR A 26 -63.75 -10.54 -37.04
C TYR A 26 -63.82 -12.08 -36.99
N LYS A 27 -63.32 -12.76 -38.04
CA LYS A 27 -63.28 -14.23 -38.16
C LYS A 27 -62.44 -14.83 -37.03
N ALA A 28 -61.22 -14.29 -36.83
CA ALA A 28 -60.32 -14.75 -35.77
C ALA A 28 -61.05 -14.58 -34.45
N HIS A 29 -61.63 -13.40 -34.20
CA HIS A 29 -62.38 -13.12 -32.97
C HIS A 29 -63.52 -14.11 -32.77
N LEU A 30 -64.31 -14.37 -33.82
CA LEU A 30 -65.41 -15.33 -33.80
C LEU A 30 -64.97 -16.72 -33.39
N MET A 31 -63.68 -17.05 -33.59
CA MET A 31 -63.09 -18.35 -33.19
C MET A 31 -62.37 -18.29 -31.84
N GLY A 32 -62.65 -17.24 -31.08
CA GLY A 32 -62.12 -17.02 -29.74
C GLY A 32 -60.63 -16.85 -29.64
N THR A 33 -60.02 -16.13 -30.60
CA THR A 33 -58.58 -15.88 -30.59
C THR A 33 -58.24 -14.49 -31.15
N THR A 34 -57.01 -14.01 -30.90
CA THR A 34 -56.51 -12.73 -31.40
C THR A 34 -56.17 -12.92 -32.87
N TYR A 35 -56.52 -11.94 -33.68
CA TYR A 35 -56.17 -11.96 -35.09
C TYR A 35 -54.63 -11.87 -35.18
N VAL A 36 -53.99 -12.72 -36.02
CA VAL A 36 -52.52 -12.75 -36.17
C VAL A 36 -51.82 -11.38 -36.18
N TYR A 37 -52.30 -10.48 -37.01
CA TYR A 37 -51.69 -9.15 -37.15
C TYR A 37 -51.74 -8.26 -35.95
N ASP A 38 -52.56 -8.63 -34.97
CA ASP A 38 -52.73 -7.90 -33.72
C ASP A 38 -51.82 -8.43 -32.62
N PHE A 39 -51.15 -9.54 -32.84
CA PHE A 39 -50.20 -10.11 -31.86
C PHE A 39 -48.99 -9.19 -31.61
N PRO A 40 -48.32 -8.58 -32.64
CA PRO A 40 -47.24 -7.62 -32.33
C PRO A 40 -47.68 -6.54 -31.32
N GLU A 41 -48.94 -6.01 -31.44
CA GLU A 41 -49.48 -5.02 -30.49
C GLU A 41 -49.52 -5.56 -29.05
N LEU A 42 -49.83 -6.87 -28.87
CA LEU A 42 -49.87 -7.51 -27.56
C LEU A 42 -48.47 -7.57 -26.97
N PHE A 43 -47.44 -7.85 -27.82
CA PHE A 43 -46.03 -7.85 -27.43
C PHE A 43 -45.58 -6.44 -27.03
N ARG A 44 -46.10 -5.40 -27.72
CA ARG A 44 -45.80 -4.01 -27.38
C ARG A 44 -46.40 -3.65 -26.00
N GLN A 45 -47.69 -3.98 -25.78
CA GLN A 45 -48.37 -3.77 -24.50
C GLN A 45 -47.64 -4.50 -23.36
N ALA A 46 -47.31 -5.80 -23.56
CA ALA A 46 -46.60 -6.62 -22.56
C ALA A 46 -45.21 -6.06 -22.23
N SER A 47 -44.48 -5.59 -23.26
CA SER A 47 -43.14 -5.00 -23.14
C SER A 47 -43.19 -3.69 -22.38
N SER A 48 -44.21 -2.88 -22.63
CA SER A 48 -44.43 -1.60 -21.96
C SER A 48 -44.73 -1.85 -20.44
N SER A 49 -45.48 -2.95 -20.12
CA SER A 49 -45.83 -3.34 -18.76
C SER A 49 -44.57 -3.75 -18.00
N GLN A 50 -43.63 -4.44 -18.67
CA GLN A 50 -42.34 -4.86 -18.13
C GLN A 50 -41.62 -3.64 -17.59
N TRP A 51 -41.60 -2.53 -18.37
CA TRP A 51 -40.97 -1.29 -17.97
C TRP A 51 -41.64 -0.67 -16.77
N LYS A 52 -42.98 -0.60 -16.75
CA LYS A 52 -43.78 -0.04 -15.67
C LYS A 52 -43.53 -0.76 -14.35
N ASN A 53 -43.44 -2.09 -14.39
CA ASN A 53 -43.18 -2.92 -13.22
C ASN A 53 -41.74 -2.78 -12.74
N PHE A 54 -40.80 -2.51 -13.65
CA PHE A 54 -39.39 -2.33 -13.32
C PHE A 54 -39.10 -0.96 -12.73
N SER A 55 -39.36 0.10 -13.47
CA SER A 55 -39.13 1.47 -13.04
C SER A 55 -40.33 2.27 -13.53
N ALA A 56 -41.29 2.48 -12.64
CA ALA A 56 -42.55 3.19 -12.92
C ALA A 56 -42.38 4.58 -13.57
N ASP A 57 -41.25 5.25 -13.30
CA ASP A 57 -40.96 6.59 -13.81
C ASP A 57 -40.45 6.68 -15.25
N VAL A 58 -40.03 5.54 -15.84
CA VAL A 58 -39.50 5.47 -17.22
C VAL A 58 -40.49 6.00 -18.28
N LYS A 59 -40.01 6.95 -19.09
CA LYS A 59 -40.79 7.53 -20.19
C LYS A 59 -40.47 6.71 -21.46
N LEU A 60 -41.45 5.94 -21.94
CA LEU A 60 -41.21 5.13 -23.14
C LEU A 60 -41.77 5.83 -24.37
N THR A 61 -41.11 5.65 -25.52
CA THR A 61 -41.60 6.16 -26.79
C THR A 61 -41.74 4.96 -27.73
N ASP A 62 -42.62 5.07 -28.74
CA ASP A 62 -42.85 3.99 -29.69
C ASP A 62 -41.61 3.36 -30.36
N ASP A 63 -40.48 4.08 -30.41
CA ASP A 63 -39.22 3.58 -30.98
C ASP A 63 -38.55 2.48 -30.14
N PHE A 64 -39.06 2.23 -28.90
CA PHE A 64 -38.58 1.21 -27.97
C PHE A 64 -38.96 -0.20 -28.46
N PHE A 65 -40.01 -0.29 -29.31
CA PHE A 65 -40.53 -1.54 -29.85
C PHE A 65 -40.73 -1.40 -31.36
N ILE A 66 -40.20 -2.36 -32.12
CA ILE A 66 -40.32 -2.41 -33.58
C ILE A 66 -40.75 -3.82 -33.98
N SER A 67 -41.79 -3.93 -34.80
CA SER A 67 -42.21 -5.21 -35.34
C SER A 67 -42.20 -5.08 -36.85
N ASN A 68 -41.51 -6.01 -37.53
CA ASN A 68 -41.42 -6.03 -38.98
C ASN A 68 -41.83 -7.40 -39.44
N GLU A 69 -42.85 -7.47 -40.30
CA GLU A 69 -43.29 -8.76 -40.83
C GLU A 69 -42.20 -9.33 -41.73
N LEU A 70 -41.99 -10.64 -41.67
CA LEU A 70 -41.05 -11.35 -42.52
C LEU A 70 -41.82 -12.14 -43.54
N ILE A 71 -41.50 -11.94 -44.81
CA ILE A 71 -42.09 -12.69 -45.92
C ILE A 71 -40.99 -13.14 -46.84
N GLU A 72 -41.25 -14.17 -47.66
CA GLU A 72 -40.26 -14.64 -48.61
C GLU A 72 -40.25 -13.82 -49.87
N ASP A 73 -39.04 -13.51 -50.37
CA ASP A 73 -38.88 -12.82 -51.65
C ASP A 73 -39.02 -13.83 -52.82
N GLU A 74 -38.73 -13.39 -54.05
CA GLU A 74 -38.83 -14.22 -55.28
C GLU A 74 -37.97 -15.49 -55.21
N ASN A 75 -36.81 -15.40 -54.54
CA ASN A 75 -35.86 -16.51 -54.37
C ASN A 75 -36.06 -17.28 -53.06
N GLY A 76 -37.22 -17.07 -52.41
CA GLY A 76 -37.59 -17.72 -51.16
C GLY A 76 -36.79 -17.33 -49.95
N GLU A 77 -36.13 -16.15 -50.01
CA GLU A 77 -35.35 -15.62 -48.90
C GLU A 77 -36.19 -14.66 -48.08
N LEU A 78 -36.15 -14.83 -46.77
CA LEU A 78 -36.93 -13.97 -45.87
C LEU A 78 -36.47 -12.52 -45.95
N THR A 79 -37.43 -11.58 -46.01
CA THR A 79 -37.21 -10.13 -46.04
C THR A 79 -38.24 -9.41 -45.18
N GLU A 80 -37.86 -8.25 -44.65
CA GLU A 80 -38.77 -7.43 -43.84
C GLU A 80 -39.71 -6.63 -44.75
N VAL A 81 -41.02 -6.60 -44.39
CA VAL A 81 -42.05 -5.86 -45.13
C VAL A 81 -42.96 -5.05 -44.22
N GLU A 82 -43.53 -4.00 -44.81
CA GLU A 82 -44.51 -3.14 -44.20
C GLU A 82 -45.65 -3.16 -45.20
N ARG A 83 -46.66 -3.97 -44.89
CA ARG A 83 -47.83 -4.15 -45.74
C ARG A 83 -49.10 -4.13 -44.90
N GLU A 84 -50.26 -4.13 -45.56
CA GLU A 84 -51.52 -4.14 -44.84
C GLU A 84 -51.83 -5.52 -44.27
N PRO A 85 -52.42 -5.63 -43.06
CA PRO A 85 -52.77 -6.95 -42.54
C PRO A 85 -53.75 -7.70 -43.44
N GLY A 86 -53.71 -9.02 -43.45
CA GLY A 86 -54.61 -9.84 -44.25
C GLY A 86 -54.19 -10.06 -45.68
N ALA A 87 -52.97 -9.60 -46.02
CA ALA A 87 -52.42 -9.72 -47.37
C ALA A 87 -51.65 -11.05 -47.55
N ASN A 88 -51.53 -11.86 -46.48
CA ASN A 88 -50.81 -13.12 -46.51
C ASN A 88 -51.39 -14.13 -47.50
N ALA A 89 -50.55 -14.57 -48.45
CA ALA A 89 -50.95 -15.53 -49.46
C ALA A 89 -50.85 -16.99 -48.91
N ILE A 90 -50.14 -17.20 -47.78
CA ILE A 90 -50.05 -18.48 -47.07
C ILE A 90 -50.64 -18.33 -45.64
N GLY A 91 -50.97 -19.45 -45.00
CA GLY A 91 -51.57 -19.47 -43.67
C GLY A 91 -50.63 -19.45 -42.49
N MET A 92 -49.39 -18.96 -42.71
CA MET A 92 -48.34 -18.85 -41.68
C MET A 92 -47.72 -17.47 -41.83
N VAL A 93 -47.58 -16.75 -40.73
CA VAL A 93 -47.04 -15.38 -40.72
C VAL A 93 -45.89 -15.29 -39.69
N ALA A 94 -44.96 -14.35 -39.89
CA ALA A 94 -43.83 -14.15 -38.98
C ALA A 94 -43.50 -12.69 -38.86
N PHE A 95 -42.89 -12.33 -37.71
CA PHE A 95 -42.47 -10.98 -37.38
C PHE A 95 -41.13 -10.99 -36.71
N LYS A 96 -40.26 -10.02 -37.05
CA LYS A 96 -38.97 -9.85 -36.36
C LYS A 96 -39.21 -8.71 -35.41
N ILE A 97 -39.05 -9.02 -34.09
CA ILE A 97 -39.26 -8.05 -33.02
C ILE A 97 -37.96 -7.53 -32.42
N THR A 98 -37.84 -6.20 -32.34
CA THR A 98 -36.68 -5.55 -31.72
C THR A 98 -37.21 -4.69 -30.60
N VAL A 99 -36.95 -5.11 -29.36
CA VAL A 99 -37.43 -4.44 -28.15
C VAL A 99 -36.30 -4.05 -27.19
N LYS A 100 -36.44 -2.86 -26.61
CA LYS A 100 -35.57 -2.34 -25.56
C LYS A 100 -36.28 -2.75 -24.27
N THR A 101 -35.69 -3.66 -23.50
CA THR A 101 -36.29 -4.18 -22.26
C THR A 101 -35.47 -3.76 -21.03
N PRO A 102 -35.95 -3.86 -19.76
CA PRO A 102 -35.08 -3.52 -18.62
C PRO A 102 -33.73 -4.26 -18.61
N GLU A 103 -33.68 -5.50 -19.06
CA GLU A 103 -32.40 -6.24 -19.11
C GLU A 103 -31.56 -6.01 -20.36
N TYR A 104 -32.17 -5.47 -21.42
CA TYR A 104 -31.53 -5.13 -22.69
C TYR A 104 -32.02 -3.74 -23.14
N PRO A 105 -31.62 -2.67 -22.41
CA PRO A 105 -32.13 -1.32 -22.72
C PRO A 105 -31.79 -0.77 -24.11
N ARG A 106 -30.75 -1.32 -24.74
CA ARG A 106 -30.33 -0.92 -26.08
C ARG A 106 -31.00 -1.80 -27.14
N GLY A 107 -31.71 -2.85 -26.69
CA GLY A 107 -32.47 -3.72 -27.58
C GLY A 107 -32.12 -5.18 -27.57
N ARG A 108 -33.13 -6.03 -27.79
CA ARG A 108 -33.00 -7.49 -27.94
C ARG A 108 -33.95 -7.89 -29.07
N GLN A 109 -33.61 -8.98 -29.78
CA GLN A 109 -34.43 -9.44 -30.90
C GLN A 109 -34.93 -10.85 -30.74
N PHE A 110 -36.04 -11.14 -31.42
CA PHE A 110 -36.70 -12.45 -31.49
C PHE A 110 -37.66 -12.53 -32.65
N VAL A 111 -38.00 -13.76 -33.04
CA VAL A 111 -38.95 -13.98 -34.12
C VAL A 111 -40.23 -14.56 -33.56
N VAL A 112 -41.36 -14.13 -34.11
CA VAL A 112 -42.66 -14.68 -33.74
C VAL A 112 -43.24 -15.36 -35.01
N VAL A 113 -43.48 -16.68 -35.00
CA VAL A 113 -44.14 -17.45 -36.08
C VAL A 113 -45.55 -17.71 -35.60
N ALA A 114 -46.52 -17.65 -36.49
CA ALA A 114 -47.88 -17.88 -36.06
C ALA A 114 -48.72 -18.42 -37.16
N ASN A 115 -49.67 -19.27 -36.82
CA ASN A 115 -50.65 -19.76 -37.80
C ASN A 115 -51.70 -18.68 -37.99
N ASP A 116 -52.22 -18.52 -39.21
CA ASP A 116 -53.35 -17.60 -39.39
C ASP A 116 -54.59 -18.49 -39.39
N ILE A 117 -55.33 -18.56 -38.28
CA ILE A 117 -56.54 -19.38 -38.12
C ILE A 117 -57.63 -19.04 -39.16
N THR A 118 -57.60 -17.81 -39.75
CA THR A 118 -58.56 -17.35 -40.75
C THR A 118 -58.21 -17.85 -42.14
N PHE A 119 -56.98 -18.37 -42.33
CA PHE A 119 -56.53 -18.89 -43.62
C PHE A 119 -56.68 -20.39 -43.62
N LYS A 120 -57.63 -20.91 -44.41
CA LYS A 120 -57.88 -22.35 -44.53
C LYS A 120 -57.84 -23.05 -43.15
N ILE A 121 -58.62 -22.53 -42.18
CA ILE A 121 -58.79 -22.98 -40.79
C ILE A 121 -57.48 -23.16 -40.02
N GLY A 122 -56.43 -22.46 -40.46
CA GLY A 122 -55.09 -22.51 -39.87
C GLY A 122 -54.40 -23.84 -40.11
N SER A 123 -54.83 -24.59 -41.13
CA SER A 123 -54.26 -25.88 -41.51
C SER A 123 -52.83 -25.72 -42.03
N PHE A 124 -52.01 -26.77 -41.88
CA PHE A 124 -50.64 -26.78 -42.37
C PHE A 124 -50.58 -27.48 -43.74
N GLY A 125 -50.26 -26.70 -44.76
CA GLY A 125 -50.03 -27.19 -46.11
C GLY A 125 -48.54 -27.13 -46.38
N PRO A 126 -48.06 -27.63 -47.55
CA PRO A 126 -46.59 -27.59 -47.84
C PRO A 126 -45.94 -26.20 -47.73
N GLN A 127 -46.67 -25.15 -48.16
CA GLN A 127 -46.15 -23.76 -48.14
C GLN A 127 -46.01 -23.17 -46.75
N GLU A 128 -46.92 -23.53 -45.84
CA GLU A 128 -46.89 -23.06 -44.45
C GLU A 128 -45.72 -23.76 -43.73
N ASP A 129 -45.51 -25.05 -44.07
CA ASP A 129 -44.45 -25.90 -43.54
C ASP A 129 -43.10 -25.39 -43.97
N GLU A 130 -42.94 -25.07 -45.26
CA GLU A 130 -41.65 -24.55 -45.71
C GLU A 130 -41.29 -23.19 -45.15
N PHE A 131 -42.31 -22.31 -44.95
CA PHE A 131 -42.14 -20.99 -44.34
C PHE A 131 -41.79 -21.12 -42.86
N PHE A 132 -42.52 -21.99 -42.11
CA PHE A 132 -42.26 -22.23 -40.69
C PHE A 132 -40.83 -22.70 -40.51
N ASN A 133 -40.36 -23.60 -41.37
CA ASN A 133 -39.01 -24.13 -41.34
C ASN A 133 -38.00 -23.02 -41.66
N LYS A 134 -38.26 -22.21 -42.70
CA LYS A 134 -37.41 -21.10 -43.09
C LYS A 134 -37.21 -20.11 -41.92
N VAL A 135 -38.31 -19.77 -41.21
CA VAL A 135 -38.31 -18.85 -40.04
C VAL A 135 -37.51 -19.44 -38.88
N THR A 136 -37.65 -20.76 -38.64
CA THR A 136 -36.91 -21.49 -37.59
C THR A 136 -35.42 -21.43 -37.88
N GLU A 137 -35.00 -21.70 -39.14
CA GLU A 137 -33.61 -21.63 -39.56
C GLU A 137 -33.05 -20.20 -39.45
N TYR A 138 -33.88 -19.21 -39.74
CA TYR A 138 -33.54 -17.80 -39.65
C TYR A 138 -33.19 -17.44 -38.20
N ALA A 139 -34.05 -17.89 -37.25
CA ALA A 139 -33.89 -17.65 -35.83
C ALA A 139 -32.61 -18.31 -35.35
N ARG A 140 -32.42 -19.60 -35.69
CA ARG A 140 -31.26 -20.43 -35.35
C ARG A 140 -29.96 -19.88 -35.87
N LYS A 141 -29.91 -19.44 -37.15
CA LYS A 141 -28.70 -18.87 -37.74
C LYS A 141 -28.22 -17.65 -36.90
N ARG A 142 -29.16 -16.82 -36.45
CA ARG A 142 -28.91 -15.63 -35.66
C ARG A 142 -28.79 -15.85 -34.15
N GLY A 143 -29.14 -17.06 -33.68
CA GLY A 143 -29.14 -17.40 -32.26
C GLY A 143 -30.25 -16.74 -31.44
N ILE A 144 -31.23 -16.14 -32.10
CA ILE A 144 -32.31 -15.41 -31.42
C ILE A 144 -33.51 -16.28 -31.07
N PRO A 145 -34.27 -15.98 -29.97
CA PRO A 145 -35.44 -16.82 -29.64
C PRO A 145 -36.51 -16.96 -30.72
N ARG A 146 -37.17 -18.13 -30.74
CA ARG A 146 -38.26 -18.41 -31.66
C ARG A 146 -39.50 -18.67 -30.83
N ILE A 147 -40.48 -17.75 -30.92
CA ILE A 147 -41.80 -17.79 -30.26
C ILE A 147 -42.77 -18.28 -31.32
N TYR A 148 -43.55 -19.31 -31.00
CA TYR A 148 -44.55 -19.86 -31.91
C TYR A 148 -45.92 -19.67 -31.27
N LEU A 149 -46.84 -19.10 -32.02
CA LEU A 149 -48.22 -18.88 -31.57
C LEU A 149 -49.07 -19.87 -32.34
N ALA A 150 -49.49 -20.92 -31.65
CA ALA A 150 -50.23 -22.04 -32.21
C ALA A 150 -51.73 -21.81 -32.21
N ALA A 151 -52.34 -21.86 -33.41
CA ALA A 151 -53.79 -21.69 -33.64
C ALA A 151 -54.07 -22.41 -34.96
N ASN A 152 -54.31 -23.73 -34.92
CA ASN A 152 -54.41 -24.53 -36.14
C ASN A 152 -55.36 -25.73 -36.14
N SER A 153 -55.55 -26.34 -37.32
CA SER A 153 -56.39 -27.54 -37.53
C SER A 153 -55.52 -28.73 -37.98
N GLY A 154 -54.20 -28.65 -37.76
CA GLY A 154 -53.24 -29.65 -38.14
C GLY A 154 -52.95 -29.64 -39.63
N ALA A 155 -52.40 -30.73 -40.16
CA ALA A 155 -52.08 -30.94 -41.58
C ALA A 155 -53.34 -30.74 -42.43
N ARG A 156 -53.18 -30.07 -43.57
CA ARG A 156 -54.26 -29.81 -44.54
C ARG A 156 -54.71 -31.12 -45.19
N ILE A 157 -56.01 -31.23 -45.49
CA ILE A 157 -56.58 -32.41 -46.16
C ILE A 157 -57.43 -32.00 -47.35
N GLY A 158 -57.43 -32.83 -48.38
CA GLY A 158 -58.21 -32.59 -49.59
C GLY A 158 -58.38 -33.82 -50.44
N MET A 159 -59.06 -33.64 -51.57
CA MET A 159 -59.32 -34.64 -52.57
C MET A 159 -59.19 -33.94 -53.93
N ALA A 160 -59.02 -34.74 -54.99
CA ALA A 160 -58.95 -34.25 -56.34
C ALA A 160 -60.38 -33.89 -56.77
N GLU A 161 -60.75 -32.63 -56.48
CA GLU A 161 -62.07 -32.07 -56.74
C GLU A 161 -62.47 -32.08 -58.22
N GLU A 162 -61.48 -32.11 -59.14
CA GLU A 162 -61.72 -32.17 -60.57
C GLU A 162 -62.25 -33.55 -61.03
N ILE A 163 -61.87 -34.62 -60.31
CA ILE A 163 -62.27 -36.00 -60.60
C ILE A 163 -63.67 -36.32 -60.06
N VAL A 164 -64.14 -35.52 -59.07
CA VAL A 164 -65.46 -35.66 -58.45
C VAL A 164 -66.60 -35.60 -59.50
N PRO A 165 -66.70 -34.56 -60.39
CA PRO A 165 -67.80 -34.58 -61.37
C PRO A 165 -67.56 -35.49 -62.60
N LEU A 166 -66.33 -36.06 -62.74
CA LEU A 166 -65.99 -36.87 -63.92
C LEU A 166 -66.09 -38.38 -63.75
N PHE A 167 -65.73 -38.92 -62.58
CA PHE A 167 -65.73 -40.38 -62.32
C PHE A 167 -67.03 -41.13 -62.62
N GLN A 168 -66.90 -42.40 -63.00
CA GLN A 168 -68.01 -43.30 -63.32
C GLN A 168 -67.82 -44.60 -62.57
N VAL A 169 -68.92 -45.31 -62.28
CA VAL A 169 -68.84 -46.58 -61.56
C VAL A 169 -69.25 -47.78 -62.37
N ALA A 170 -68.38 -48.81 -62.40
CA ALA A 170 -68.62 -50.07 -63.11
C ALA A 170 -69.51 -50.94 -62.23
N TRP A 171 -70.83 -50.76 -62.37
CA TRP A 171 -71.84 -51.51 -61.60
C TRP A 171 -71.82 -52.96 -62.01
N ASN A 172 -72.07 -53.84 -61.03
CA ASN A 172 -72.16 -55.28 -61.30
C ASN A 172 -73.43 -55.51 -62.15
N ASP A 173 -74.52 -54.82 -61.76
CA ASP A 173 -75.83 -54.82 -62.40
C ASP A 173 -76.29 -53.36 -62.37
N ALA A 174 -76.33 -52.69 -63.53
CA ALA A 174 -76.72 -51.28 -63.64
C ALA A 174 -78.10 -50.96 -63.03
N ALA A 175 -79.09 -51.86 -63.25
CA ALA A 175 -80.47 -51.75 -62.75
C ALA A 175 -80.57 -51.86 -61.21
N ASN A 176 -79.58 -52.52 -60.56
CA ASN A 176 -79.49 -52.71 -59.11
C ASN A 176 -78.14 -52.20 -58.55
N PRO A 177 -78.06 -50.89 -58.20
CA PRO A 177 -76.81 -50.34 -57.66
C PRO A 177 -76.36 -50.99 -56.36
N ASP A 178 -77.32 -51.33 -55.47
CA ASP A 178 -77.15 -51.99 -54.16
C ASP A 178 -76.32 -53.29 -54.24
N LYS A 179 -76.38 -53.99 -55.39
CA LYS A 179 -75.67 -55.25 -55.65
C LYS A 179 -74.13 -55.17 -55.71
N GLY A 180 -73.58 -53.95 -55.73
CA GLY A 180 -72.15 -53.70 -55.75
C GLY A 180 -71.59 -53.08 -57.01
N PHE A 181 -70.26 -52.77 -56.96
CA PHE A 181 -69.50 -52.19 -58.07
C PHE A 181 -68.09 -52.79 -58.19
N GLN A 182 -67.56 -52.85 -59.41
CA GLN A 182 -66.25 -53.43 -59.76
C GLN A 182 -65.04 -52.49 -59.59
N TYR A 183 -65.15 -51.25 -60.10
CA TYR A 183 -64.09 -50.23 -60.10
C TYR A 183 -64.68 -48.87 -60.47
N LEU A 184 -63.87 -47.80 -60.32
CA LEU A 184 -64.22 -46.45 -60.74
C LEU A 184 -63.51 -46.20 -62.07
N TYR A 185 -64.15 -45.46 -62.98
CA TYR A 185 -63.54 -45.18 -64.29
C TYR A 185 -63.87 -43.80 -64.86
N LEU A 186 -63.13 -43.41 -65.92
CA LEU A 186 -63.38 -42.18 -66.66
C LEU A 186 -63.75 -42.54 -68.10
N THR A 187 -64.51 -41.66 -68.77
CA THR A 187 -64.88 -41.86 -70.17
C THR A 187 -63.92 -41.03 -71.02
N SER A 188 -63.99 -41.18 -72.36
CA SER A 188 -63.17 -40.41 -73.31
C SER A 188 -63.41 -38.90 -73.10
N GLU A 189 -64.70 -38.50 -72.87
CA GLU A 189 -65.11 -37.11 -72.61
C GLU A 189 -64.63 -36.65 -71.23
N GLY A 190 -64.55 -37.58 -70.28
CA GLY A 190 -64.01 -37.33 -68.96
C GLY A 190 -62.52 -37.07 -69.07
N MET A 191 -61.82 -37.94 -69.83
CA MET A 191 -60.38 -37.86 -70.11
C MET A 191 -60.06 -36.54 -70.82
N GLU A 192 -60.87 -36.17 -71.84
CA GLU A 192 -60.74 -34.95 -72.64
C GLU A 192 -60.88 -33.68 -71.79
N THR A 193 -61.81 -33.70 -70.80
CA THR A 193 -62.04 -32.59 -69.86
C THR A 193 -60.73 -32.29 -69.12
N LEU A 194 -60.01 -33.34 -68.65
CA LEU A 194 -58.72 -33.21 -67.95
C LEU A 194 -57.65 -32.69 -68.91
N LYS A 195 -57.61 -33.22 -70.16
CA LYS A 195 -56.68 -32.82 -71.23
C LYS A 195 -56.81 -31.32 -71.51
N LYS A 196 -58.08 -30.85 -71.66
CA LYS A 196 -58.46 -29.46 -71.93
C LYS A 196 -57.99 -28.48 -70.84
N PHE A 197 -58.13 -28.88 -69.56
CA PHE A 197 -57.73 -28.02 -68.44
C PHE A 197 -56.30 -28.25 -67.94
N ASP A 198 -55.49 -29.00 -68.74
CA ASP A 198 -54.09 -29.39 -68.48
C ASP A 198 -53.92 -30.07 -67.09
N LYS A 199 -54.79 -31.06 -66.85
CA LYS A 199 -54.87 -31.83 -65.62
C LYS A 199 -54.85 -33.32 -65.97
N GLU A 200 -54.09 -33.70 -67.03
CA GLU A 200 -53.96 -35.08 -67.52
C GLU A 200 -53.38 -35.99 -66.44
N ASN A 201 -52.37 -35.50 -65.71
CA ASN A 201 -51.69 -36.23 -64.64
C ASN A 201 -52.44 -36.23 -63.28
N SER A 202 -53.73 -35.80 -63.25
CA SER A 202 -54.59 -35.80 -62.06
C SER A 202 -54.98 -37.21 -61.65
N VAL A 203 -54.99 -38.14 -62.63
CA VAL A 203 -55.29 -39.55 -62.43
C VAL A 203 -54.26 -40.43 -63.15
N LEU A 204 -54.16 -41.68 -62.69
CA LEU A 204 -53.34 -42.75 -63.26
C LEU A 204 -54.38 -43.75 -63.74
N THR A 205 -54.54 -43.87 -65.06
CA THR A 205 -55.56 -44.75 -65.63
C THR A 205 -55.00 -45.92 -66.41
N GLU A 206 -55.85 -46.90 -66.69
CA GLU A 206 -55.53 -48.12 -67.42
C GLU A 206 -56.75 -48.40 -68.31
N ARG A 207 -56.59 -48.20 -69.62
CA ARG A 207 -57.66 -48.36 -70.59
C ARG A 207 -58.04 -49.82 -70.85
N THR A 208 -59.36 -50.10 -70.83
CA THR A 208 -59.97 -51.40 -71.16
C THR A 208 -61.23 -51.13 -71.98
N VAL A 209 -61.61 -52.09 -72.82
CA VAL A 209 -62.81 -51.98 -73.65
C VAL A 209 -63.88 -52.92 -73.14
N ILE A 210 -65.01 -52.35 -72.69
CA ILE A 210 -66.12 -53.14 -72.17
C ILE A 210 -67.39 -52.86 -72.96
N ASN A 211 -67.84 -53.91 -73.70
CA ASN A 211 -69.02 -53.91 -74.56
C ASN A 211 -69.05 -52.72 -75.54
N GLY A 212 -67.96 -52.61 -76.31
CA GLY A 212 -67.77 -51.57 -77.31
C GLY A 212 -67.23 -50.25 -76.80
N GLU A 213 -67.60 -49.88 -75.55
CA GLU A 213 -67.18 -48.62 -74.91
C GLU A 213 -65.84 -48.74 -74.17
N GLU A 214 -64.95 -47.76 -74.43
CA GLU A 214 -63.62 -47.70 -73.81
C GLU A 214 -63.70 -47.02 -72.46
N ARG A 215 -63.30 -47.73 -71.41
CA ARG A 215 -63.33 -47.24 -70.03
C ARG A 215 -61.88 -47.00 -69.61
N PHE A 216 -61.65 -45.94 -68.83
CA PHE A 216 -60.33 -45.61 -68.31
C PHE A 216 -60.38 -45.83 -66.82
N VAL A 217 -60.00 -47.03 -66.40
CA VAL A 217 -60.03 -47.50 -65.02
C VAL A 217 -59.10 -46.66 -64.17
N ILE A 218 -59.65 -45.96 -63.17
CA ILE A 218 -58.85 -45.14 -62.26
C ILE A 218 -58.09 -46.09 -61.33
N LYS A 219 -56.76 -46.08 -61.44
CA LYS A 219 -55.86 -46.93 -60.65
C LYS A 219 -55.28 -46.15 -59.44
N THR A 220 -55.14 -44.83 -59.58
CA THR A 220 -54.69 -43.90 -58.53
C THR A 220 -55.24 -42.50 -58.87
N ILE A 221 -55.66 -41.74 -57.84
CA ILE A 221 -56.09 -40.35 -57.99
C ILE A 221 -54.96 -39.53 -57.35
N ILE A 222 -54.34 -38.61 -58.13
CA ILE A 222 -53.26 -37.76 -57.65
C ILE A 222 -53.77 -36.34 -57.31
N GLY A 223 -54.50 -35.73 -58.26
CA GLY A 223 -55.03 -34.39 -58.12
C GLY A 223 -54.06 -33.32 -58.57
N SER A 224 -54.60 -32.22 -59.12
CA SER A 224 -53.81 -31.08 -59.62
C SER A 224 -53.40 -30.14 -58.47
N GLU A 225 -54.29 -30.00 -57.47
CA GLU A 225 -54.06 -29.15 -56.32
C GLU A 225 -53.08 -29.82 -55.36
N ASP A 226 -52.10 -29.04 -54.88
CA ASP A 226 -51.10 -29.50 -53.93
C ASP A 226 -51.63 -29.31 -52.52
N GLY A 227 -51.24 -30.20 -51.63
CA GLY A 227 -51.64 -30.12 -50.23
C GLY A 227 -52.89 -30.88 -49.89
N LEU A 228 -53.03 -32.08 -50.45
CA LEU A 228 -54.18 -32.98 -50.27
C LEU A 228 -53.94 -34.09 -49.19
N GLY A 229 -52.69 -34.56 -49.07
CA GLY A 229 -52.36 -35.65 -48.17
C GLY A 229 -50.92 -35.79 -47.75
N VAL A 230 -50.25 -36.86 -48.23
CA VAL A 230 -48.86 -37.21 -47.82
C VAL A 230 -47.84 -36.09 -47.86
N GLU A 231 -47.97 -35.17 -48.84
CA GLU A 231 -47.10 -34.00 -48.99
C GLU A 231 -47.20 -33.06 -47.78
N CYS A 232 -48.37 -33.07 -47.09
CA CYS A 232 -48.64 -32.29 -45.87
C CYS A 232 -48.04 -33.00 -44.69
N LEU A 233 -48.03 -34.35 -44.73
CA LEU A 233 -47.43 -35.17 -43.68
C LEU A 233 -45.89 -35.03 -43.73
N ARG A 234 -45.29 -35.05 -44.96
CA ARG A 234 -43.86 -34.81 -45.17
C ARG A 234 -43.45 -33.46 -44.59
N GLY A 235 -44.19 -32.41 -44.91
CA GLY A 235 -43.94 -31.07 -44.40
C GLY A 235 -44.04 -30.98 -42.89
N SER A 236 -44.94 -31.75 -42.29
CA SER A 236 -45.13 -31.81 -40.84
C SER A 236 -43.90 -32.43 -40.20
N GLY A 237 -43.38 -33.49 -40.81
CA GLY A 237 -42.16 -34.16 -40.39
C GLY A 237 -40.99 -33.19 -40.43
N LEU A 238 -40.87 -32.43 -41.52
CA LEU A 238 -39.84 -31.40 -41.67
C LEU A 238 -39.85 -30.41 -40.52
N ILE A 239 -41.01 -29.81 -40.20
CA ILE A 239 -41.13 -28.85 -39.09
C ILE A 239 -40.96 -29.46 -37.70
N ALA A 240 -41.34 -30.75 -37.52
CA ALA A 240 -41.15 -31.46 -36.23
C ALA A 240 -39.63 -31.64 -35.95
N GLY A 241 -38.88 -32.07 -36.96
CA GLY A 241 -37.44 -32.22 -36.85
C GLY A 241 -36.74 -30.88 -36.65
N ALA A 242 -37.22 -29.83 -37.38
CA ALA A 242 -36.69 -28.47 -37.26
C ALA A 242 -36.82 -27.95 -35.83
N THR A 243 -37.97 -28.21 -35.17
CA THR A 243 -38.27 -27.76 -33.80
C THR A 243 -37.45 -28.53 -32.76
N SER A 244 -37.29 -29.84 -32.96
CA SER A 244 -36.47 -30.69 -32.13
C SER A 244 -35.03 -30.12 -32.06
N ARG A 245 -34.49 -29.64 -33.20
CA ARG A 245 -33.16 -29.06 -33.34
C ARG A 245 -33.11 -27.67 -32.74
N ALA A 246 -34.15 -26.86 -33.00
CA ALA A 246 -34.23 -25.50 -32.48
C ALA A 246 -34.15 -25.49 -30.94
N TYR A 247 -34.83 -26.45 -30.26
CA TYR A 247 -34.85 -26.55 -28.79
C TYR A 247 -33.45 -26.65 -28.15
N HIS A 248 -32.52 -27.27 -28.86
CA HIS A 248 -31.13 -27.46 -28.42
C HIS A 248 -30.21 -26.30 -28.76
N ASP A 249 -30.72 -25.35 -29.52
CA ASP A 249 -29.94 -24.31 -30.15
C ASP A 249 -30.33 -22.93 -29.72
N ILE A 250 -31.65 -22.69 -29.57
CA ILE A 250 -32.16 -21.36 -29.24
C ILE A 250 -33.28 -21.48 -28.22
N PHE A 251 -33.69 -20.34 -27.69
CA PHE A 251 -34.80 -20.33 -26.75
C PHE A 251 -36.10 -20.52 -27.55
N THR A 252 -36.81 -21.64 -27.34
CA THR A 252 -38.07 -21.92 -28.03
C THR A 252 -39.20 -21.88 -26.99
N ILE A 253 -40.31 -21.24 -27.34
CA ILE A 253 -41.50 -21.15 -26.51
C ILE A 253 -42.72 -21.12 -27.42
N THR A 254 -43.85 -21.65 -26.95
CA THR A 254 -45.10 -21.73 -27.70
C THR A 254 -46.26 -21.26 -26.87
N LEU A 255 -47.14 -20.45 -27.48
CA LEU A 255 -48.36 -20.04 -26.81
C LEU A 255 -49.53 -20.68 -27.57
N VAL A 256 -50.32 -21.52 -26.89
CA VAL A 256 -51.51 -22.18 -27.48
C VAL A 256 -52.61 -21.17 -27.34
N THR A 257 -52.95 -20.61 -28.48
CA THR A 257 -53.83 -19.48 -28.60
C THR A 257 -55.22 -19.73 -29.08
N CYS A 258 -55.52 -20.91 -29.73
CA CYS A 258 -56.89 -21.25 -30.20
C CYS A 258 -57.21 -22.74 -30.11
N ARG A 259 -56.25 -23.55 -30.51
CA ARG A 259 -56.26 -25.00 -30.52
C ARG A 259 -55.12 -25.37 -31.40
N SER A 260 -54.47 -26.47 -31.04
CA SER A 260 -53.34 -27.00 -31.77
C SER A 260 -53.65 -28.46 -32.01
N VAL A 261 -53.79 -28.83 -33.29
CA VAL A 261 -54.16 -30.18 -33.69
C VAL A 261 -53.00 -30.89 -34.41
N GLY A 262 -52.89 -32.20 -34.20
CA GLY A 262 -51.92 -33.06 -34.86
C GLY A 262 -50.49 -32.56 -34.78
N ILE A 263 -49.94 -32.13 -35.93
CA ILE A 263 -48.59 -31.54 -35.96
C ILE A 263 -48.53 -30.33 -35.00
N GLY A 264 -49.61 -29.56 -34.90
CA GLY A 264 -49.76 -28.44 -33.98
C GLY A 264 -49.46 -28.85 -32.54
N ALA A 265 -50.04 -29.99 -32.07
CA ALA A 265 -49.81 -30.55 -30.74
C ALA A 265 -48.34 -30.95 -30.57
N TYR A 266 -47.75 -31.64 -31.58
CA TYR A 266 -46.35 -32.06 -31.58
C TYR A 266 -45.38 -30.91 -31.50
N LEU A 267 -45.67 -29.83 -32.25
CA LEU A 267 -44.87 -28.62 -32.24
C LEU A 267 -44.83 -28.02 -30.85
N VAL A 268 -45.99 -28.03 -30.16
CA VAL A 268 -46.11 -27.53 -28.79
C VAL A 268 -45.08 -28.25 -27.90
N ARG A 269 -45.09 -29.59 -27.94
CA ARG A 269 -44.17 -30.42 -27.16
C ARG A 269 -42.71 -30.29 -27.59
N LEU A 270 -42.43 -30.37 -28.90
CA LEU A 270 -41.05 -30.33 -29.42
C LEU A 270 -40.26 -29.04 -29.06
N GLY A 271 -40.96 -27.91 -28.92
CA GLY A 271 -40.38 -26.65 -28.51
C GLY A 271 -40.25 -26.61 -26.99
N GLN A 272 -40.80 -27.65 -26.31
CA GLN A 272 -40.80 -27.88 -24.85
C GLN A 272 -41.57 -26.86 -23.99
N ARG A 273 -41.08 -25.62 -23.90
CA ARG A 273 -41.69 -24.54 -23.12
C ARG A 273 -43.05 -24.12 -23.74
N ALA A 274 -44.13 -24.31 -23.01
CA ALA A 274 -45.46 -24.03 -23.53
C ALA A 274 -46.33 -23.34 -22.51
N ILE A 275 -47.07 -22.33 -22.97
CA ILE A 275 -48.07 -21.59 -22.20
C ILE A 275 -49.39 -21.85 -22.91
N GLN A 276 -50.37 -22.42 -22.19
CA GLN A 276 -51.66 -22.77 -22.74
C GLN A 276 -52.75 -21.83 -22.25
N VAL A 277 -53.47 -21.18 -23.16
CA VAL A 277 -54.56 -20.27 -22.78
C VAL A 277 -55.75 -21.13 -22.35
N GLU A 278 -56.36 -20.82 -21.21
CA GLU A 278 -57.51 -21.55 -20.69
C GLU A 278 -58.60 -21.72 -21.75
N GLY A 279 -59.02 -22.96 -21.96
CA GLY A 279 -60.06 -23.31 -22.92
C GLY A 279 -59.63 -23.58 -24.33
N GLN A 280 -58.30 -23.56 -24.62
CA GLN A 280 -57.75 -23.83 -25.97
C GLN A 280 -57.03 -25.20 -25.97
N PRO A 281 -57.61 -26.23 -26.63
CA PRO A 281 -57.02 -27.58 -26.52
C PRO A 281 -55.81 -27.93 -27.39
N ILE A 282 -54.92 -28.78 -26.84
CA ILE A 282 -53.78 -29.40 -27.51
C ILE A 282 -54.26 -30.84 -27.76
N ILE A 283 -54.72 -31.13 -28.99
CA ILE A 283 -55.26 -32.46 -29.32
C ILE A 283 -54.56 -33.15 -30.47
N LEU A 284 -54.69 -34.50 -30.53
CA LEU A 284 -54.21 -35.29 -31.64
C LEU A 284 -55.41 -35.56 -32.53
N THR A 285 -56.45 -36.21 -31.99
CA THR A 285 -57.72 -36.47 -32.69
C THR A 285 -58.83 -35.83 -31.84
N GLY A 286 -59.74 -35.10 -32.50
CA GLY A 286 -60.85 -34.43 -31.83
C GLY A 286 -61.85 -35.38 -31.22
N ALA A 287 -62.63 -34.87 -30.25
CA ALA A 287 -63.67 -35.61 -29.54
C ALA A 287 -64.75 -36.16 -30.48
N SER A 288 -65.19 -35.35 -31.47
CA SER A 288 -66.19 -35.75 -32.46
C SER A 288 -65.71 -36.95 -33.30
N ALA A 289 -64.47 -36.90 -33.82
CA ALA A 289 -63.87 -37.97 -34.62
C ALA A 289 -63.70 -39.23 -33.78
N LEU A 290 -63.29 -39.08 -32.52
CA LEU A 290 -63.11 -40.19 -31.59
C LEU A 290 -64.44 -40.91 -31.32
N ASN A 291 -65.53 -40.16 -31.16
CA ASN A 291 -66.83 -40.78 -30.92
C ASN A 291 -67.27 -41.59 -32.12
N LYS A 292 -66.95 -41.11 -33.35
CA LYS A 292 -67.29 -41.82 -34.60
C LYS A 292 -66.46 -43.09 -34.71
N VAL A 293 -65.20 -43.07 -34.27
CA VAL A 293 -64.30 -44.24 -34.26
C VAL A 293 -64.80 -45.27 -33.22
N LEU A 294 -65.23 -44.79 -32.04
CA LEU A 294 -65.69 -45.62 -30.92
C LEU A 294 -67.17 -46.10 -31.04
N GLY A 295 -67.95 -45.44 -31.89
CA GLY A 295 -69.36 -45.73 -32.15
C GLY A 295 -70.28 -44.87 -31.31
N ARG A 296 -70.11 -44.97 -29.98
CA ARG A 296 -70.85 -44.30 -28.91
C ARG A 296 -70.40 -42.83 -28.73
N GLU A 297 -71.30 -41.92 -28.28
CA GLU A 297 -70.97 -40.51 -28.02
C GLU A 297 -70.30 -40.38 -26.60
N VAL A 298 -69.00 -40.74 -26.55
CA VAL A 298 -68.12 -40.82 -25.38
C VAL A 298 -67.68 -39.46 -24.80
N TYR A 299 -67.12 -38.58 -25.64
CA TYR A 299 -66.62 -37.27 -25.22
C TYR A 299 -67.57 -36.17 -25.62
N THR A 300 -67.64 -35.10 -24.82
CA THR A 300 -68.53 -33.96 -25.08
C THR A 300 -67.74 -32.70 -25.41
N SER A 301 -66.41 -32.74 -25.22
CA SER A 301 -65.54 -31.60 -25.49
C SER A 301 -64.13 -32.03 -25.84
N ASN A 302 -63.42 -31.21 -26.65
CA ASN A 302 -61.99 -31.41 -26.93
C ASN A 302 -61.15 -31.10 -25.70
N LEU A 303 -61.74 -30.41 -24.70
CA LEU A 303 -61.07 -30.04 -23.45
C LEU A 303 -60.83 -31.26 -22.55
N GLN A 304 -61.62 -32.31 -22.73
CA GLN A 304 -61.49 -33.56 -22.02
C GLN A 304 -60.24 -34.28 -22.51
N LEU A 305 -59.83 -34.02 -23.77
CA LEU A 305 -58.65 -34.62 -24.38
C LEU A 305 -57.38 -33.78 -24.23
N GLY A 306 -57.48 -32.47 -24.47
CA GLY A 306 -56.34 -31.57 -24.44
C GLY A 306 -56.47 -30.22 -23.77
N GLY A 307 -57.42 -30.08 -22.85
CA GLY A 307 -57.55 -28.84 -22.10
C GLY A 307 -56.43 -28.70 -21.08
N THR A 308 -56.41 -27.57 -20.33
CA THR A 308 -55.39 -27.33 -19.28
C THR A 308 -55.45 -28.42 -18.19
N GLN A 309 -56.66 -28.93 -17.90
CA GLN A 309 -56.94 -29.99 -16.94
C GLN A 309 -56.16 -31.27 -17.25
N ILE A 310 -55.73 -31.41 -18.54
CA ILE A 310 -54.94 -32.53 -19.03
C ILE A 310 -53.49 -32.07 -19.12
N MET A 311 -53.22 -31.06 -19.99
CA MET A 311 -51.88 -30.59 -20.33
C MET A 311 -51.06 -29.87 -19.29
N TYR A 312 -51.72 -29.06 -18.44
CA TYR A 312 -51.06 -28.33 -17.34
C TYR A 312 -50.78 -29.34 -16.21
N ASN A 313 -51.71 -30.28 -15.97
CA ASN A 313 -51.57 -31.38 -15.00
C ASN A 313 -50.48 -32.41 -15.40
N ASN A 314 -50.20 -32.53 -16.71
CA ASN A 314 -49.22 -33.40 -17.40
C ASN A 314 -47.80 -32.89 -17.36
N GLY A 315 -47.66 -31.57 -17.40
CA GLY A 315 -46.38 -30.92 -17.59
C GLY A 315 -46.08 -30.69 -19.08
N VAL A 316 -47.10 -30.91 -19.99
CA VAL A 316 -46.93 -30.58 -21.43
C VAL A 316 -47.03 -29.03 -21.51
N SER A 317 -47.98 -28.44 -20.73
CA SER A 317 -48.16 -27.00 -20.58
C SER A 317 -47.44 -26.58 -19.28
N HIS A 318 -46.43 -25.73 -19.43
CA HIS A 318 -45.62 -25.25 -18.32
C HIS A 318 -46.35 -24.27 -17.49
N LEU A 319 -47.20 -23.48 -18.15
CA LEU A 319 -48.03 -22.47 -17.52
C LEU A 319 -49.33 -22.39 -18.28
N THR A 320 -50.33 -21.83 -17.62
CA THR A 320 -51.64 -21.51 -18.19
C THR A 320 -51.77 -19.98 -18.21
N ALA A 321 -52.64 -19.47 -19.07
CA ALA A 321 -52.92 -18.03 -19.21
C ALA A 321 -54.42 -17.85 -19.36
N VAL A 322 -54.94 -16.86 -18.66
CA VAL A 322 -56.35 -16.50 -18.67
C VAL A 322 -56.88 -16.00 -20.02
N ASP A 323 -56.00 -15.36 -20.82
CA ASP A 323 -56.26 -14.86 -22.18
C ASP A 323 -54.91 -14.69 -22.92
N ASP A 324 -54.96 -14.33 -24.24
CA ASP A 324 -53.78 -14.13 -25.09
C ASP A 324 -52.75 -13.15 -24.56
N LEU A 325 -53.20 -11.98 -24.08
CA LEU A 325 -52.29 -10.98 -23.51
C LEU A 325 -51.58 -11.51 -22.28
N ALA A 326 -52.28 -12.30 -21.39
CA ALA A 326 -51.63 -12.91 -20.22
C ALA A 326 -50.52 -13.88 -20.67
N GLY A 327 -50.80 -14.66 -21.72
CA GLY A 327 -49.84 -15.55 -22.33
C GLY A 327 -48.64 -14.80 -22.89
N VAL A 328 -48.89 -13.70 -23.63
CA VAL A 328 -47.82 -12.86 -24.17
C VAL A 328 -46.98 -12.25 -23.03
N GLU A 329 -47.63 -11.81 -21.95
CA GLU A 329 -46.96 -11.28 -20.76
C GLU A 329 -46.03 -12.33 -20.11
N LYS A 330 -46.47 -13.58 -20.03
CA LYS A 330 -45.68 -14.70 -19.50
C LYS A 330 -44.47 -15.05 -20.40
N ILE A 331 -44.62 -14.98 -21.74
CA ILE A 331 -43.50 -15.20 -22.68
C ILE A 331 -42.42 -14.14 -22.40
N VAL A 332 -42.83 -12.88 -22.36
CA VAL A 332 -41.99 -11.71 -22.16
C VAL A 332 -41.28 -11.76 -20.79
N GLU A 333 -41.97 -12.24 -19.75
CA GLU A 333 -41.43 -12.41 -18.40
C GLU A 333 -40.39 -13.53 -18.37
N TRP A 334 -40.70 -14.67 -19.02
CA TRP A 334 -39.82 -15.82 -19.11
C TRP A 334 -38.55 -15.43 -19.82
N MET A 335 -38.66 -14.71 -20.95
CA MET A 335 -37.53 -14.24 -21.77
C MET A 335 -36.61 -13.29 -21.02
N SER A 336 -37.13 -12.59 -20.00
CA SER A 336 -36.33 -11.64 -19.22
C SER A 336 -35.18 -12.31 -18.44
N TYR A 337 -35.20 -13.67 -18.31
CA TYR A 337 -34.17 -14.44 -17.63
C TYR A 337 -33.16 -14.99 -18.59
N VAL A 338 -33.48 -14.94 -19.89
CA VAL A 338 -32.77 -15.55 -21.02
C VAL A 338 -31.84 -14.57 -21.78
N PRO A 339 -30.60 -15.00 -22.13
CA PRO A 339 -29.71 -14.13 -22.93
C PRO A 339 -30.37 -13.59 -24.22
N ALA A 340 -29.92 -12.42 -24.72
CA ALA A 340 -30.45 -11.81 -25.95
C ALA A 340 -30.34 -12.74 -27.16
N LYS A 341 -29.26 -13.56 -27.21
CA LYS A 341 -29.00 -14.55 -28.24
C LYS A 341 -28.04 -15.63 -27.75
N ARG A 342 -28.02 -16.79 -28.42
CA ARG A 342 -27.14 -17.91 -28.06
C ARG A 342 -25.72 -17.46 -27.74
N ASN A 343 -25.18 -17.96 -26.63
CA ASN A 343 -23.82 -17.71 -26.15
C ASN A 343 -23.52 -16.29 -25.69
N MET A 344 -24.55 -15.48 -25.50
CA MET A 344 -24.34 -14.16 -24.91
C MET A 344 -24.45 -14.39 -23.38
N PRO A 345 -23.83 -13.54 -22.53
CA PRO A 345 -23.94 -13.78 -21.08
C PRO A 345 -25.37 -13.70 -20.59
N VAL A 346 -25.68 -14.38 -19.46
CA VAL A 346 -27.02 -14.34 -18.85
C VAL A 346 -27.37 -12.88 -18.49
N PRO A 347 -28.62 -12.40 -18.73
CA PRO A 347 -28.91 -10.99 -18.48
C PRO A 347 -29.04 -10.62 -17.00
N ILE A 348 -28.05 -9.88 -16.49
CA ILE A 348 -28.03 -9.38 -15.10
C ILE A 348 -29.09 -8.28 -14.99
N LEU A 349 -29.88 -8.29 -13.93
CA LEU A 349 -30.88 -7.27 -13.68
C LEU A 349 -30.98 -7.01 -12.18
N GLU A 350 -30.24 -6.02 -11.69
CA GLU A 350 -30.28 -5.70 -10.28
C GLU A 350 -31.53 -4.88 -9.96
N THR A 351 -32.20 -5.25 -8.86
CA THR A 351 -33.40 -4.53 -8.40
C THR A 351 -33.15 -3.90 -7.02
N LYS A 352 -34.21 -3.40 -6.35
CA LYS A 352 -34.08 -2.75 -5.01
C LYS A 352 -33.46 -3.72 -3.99
N ASP A 353 -33.63 -5.04 -4.23
CA ASP A 353 -33.13 -6.11 -3.36
C ASP A 353 -31.70 -6.53 -3.75
N THR A 354 -30.74 -5.82 -3.16
CA THR A 354 -29.29 -6.00 -3.31
C THR A 354 -28.84 -7.34 -2.70
N TRP A 355 -27.65 -7.79 -3.11
CA TRP A 355 -27.02 -9.01 -2.60
C TRP A 355 -26.65 -8.94 -1.11
N ASP A 356 -26.32 -7.74 -0.60
CA ASP A 356 -25.77 -7.51 0.73
C ASP A 356 -26.77 -7.42 1.85
N ARG A 357 -27.31 -8.58 2.21
CA ARG A 357 -28.30 -8.71 3.32
C ARG A 357 -28.34 -10.15 3.79
N PRO A 358 -28.73 -10.41 5.05
CA PRO A 358 -28.94 -11.81 5.46
C PRO A 358 -30.26 -12.38 4.88
N VAL A 359 -30.46 -13.69 5.01
CA VAL A 359 -31.68 -14.37 4.58
C VAL A 359 -32.55 -14.39 5.86
N ASP A 360 -33.77 -13.81 5.81
CA ASP A 360 -34.63 -13.78 6.99
C ASP A 360 -35.41 -15.08 7.21
N PHE A 361 -36.16 -15.58 6.20
CA PHE A 361 -36.94 -16.80 6.39
C PHE A 361 -36.04 -17.98 6.65
N THR A 362 -36.22 -18.61 7.82
CA THR A 362 -35.45 -19.80 8.19
C THR A 362 -36.38 -20.96 8.56
N PRO A 363 -36.27 -22.13 7.88
CA PRO A 363 -37.12 -23.28 8.26
C PRO A 363 -36.77 -23.85 9.63
N THR A 364 -37.78 -24.43 10.29
CA THR A 364 -37.65 -25.08 11.61
C THR A 364 -38.07 -26.53 11.46
N ASN A 365 -37.50 -27.45 12.24
CA ASN A 365 -37.85 -28.87 12.15
C ASN A 365 -39.25 -29.15 12.69
N ASP A 366 -39.67 -28.37 13.68
CA ASP A 366 -40.97 -28.53 14.31
C ASP A 366 -42.15 -27.85 13.57
N GLU A 367 -41.86 -27.07 12.51
CA GLU A 367 -42.91 -26.36 11.78
C GLU A 367 -42.93 -26.64 10.26
N THR A 368 -44.14 -26.71 9.71
CA THR A 368 -44.38 -26.88 8.28
C THR A 368 -44.06 -25.57 7.57
N TYR A 369 -43.42 -25.66 6.40
CA TYR A 369 -43.11 -24.48 5.61
C TYR A 369 -43.33 -24.75 4.12
N ASP A 370 -43.52 -23.68 3.35
CA ASP A 370 -43.62 -23.76 1.90
C ASP A 370 -42.19 -23.48 1.47
N VAL A 371 -41.63 -24.33 0.60
CA VAL A 371 -40.26 -24.08 0.11
C VAL A 371 -40.13 -22.73 -0.61
N ARG A 372 -41.23 -22.21 -1.21
CA ARG A 372 -41.25 -20.92 -1.91
C ARG A 372 -40.85 -19.75 -1.01
N TRP A 373 -41.10 -19.89 0.32
CA TRP A 373 -40.70 -18.91 1.32
C TRP A 373 -39.19 -18.84 1.42
N MET A 374 -38.49 -19.97 1.29
CA MET A 374 -37.03 -20.02 1.33
C MET A 374 -36.44 -19.42 0.07
N ILE A 375 -37.13 -19.62 -1.05
CA ILE A 375 -36.74 -19.14 -2.35
C ILE A 375 -36.91 -17.62 -2.50
N GLU A 376 -38.12 -17.12 -2.29
CA GLU A 376 -38.48 -15.71 -2.56
C GLU A 376 -38.88 -14.86 -1.38
N GLY A 377 -39.00 -15.48 -0.20
CA GLY A 377 -39.42 -14.78 1.00
C GLY A 377 -40.91 -14.90 1.22
N ARG A 378 -41.40 -14.29 2.29
CA ARG A 378 -42.83 -14.33 2.62
C ARG A 378 -43.32 -13.12 3.38
N GLU A 379 -44.59 -12.75 3.12
CA GLU A 379 -45.24 -11.67 3.84
C GLU A 379 -45.64 -12.16 5.23
N THR A 380 -45.37 -11.32 6.25
CA THR A 380 -45.69 -11.60 7.66
C THR A 380 -46.40 -10.35 8.20
N GLU A 381 -47.20 -10.51 9.27
CA GLU A 381 -47.89 -9.38 9.92
C GLU A 381 -46.88 -8.35 10.43
N SER A 382 -45.69 -8.82 10.85
CA SER A 382 -44.58 -8.01 11.34
C SER A 382 -43.57 -7.56 10.24
N GLY A 383 -43.96 -7.70 8.98
CA GLY A 383 -43.14 -7.30 7.83
C GLY A 383 -42.70 -8.45 6.94
N PHE A 384 -42.16 -8.12 5.75
CA PHE A 384 -41.65 -9.11 4.78
C PHE A 384 -40.36 -9.77 5.24
N GLU A 385 -40.32 -11.13 5.23
CA GLU A 385 -39.14 -11.91 5.57
C GLU A 385 -38.51 -12.29 4.24
N TYR A 386 -37.35 -11.74 3.93
CA TYR A 386 -36.65 -12.02 2.67
C TYR A 386 -36.09 -13.43 2.67
N GLY A 387 -36.10 -14.04 1.49
CA GLY A 387 -35.58 -15.38 1.27
C GLY A 387 -34.22 -15.36 0.60
N LEU A 388 -33.81 -16.51 0.05
CA LEU A 388 -32.51 -16.65 -0.57
C LEU A 388 -32.33 -15.78 -1.82
N PHE A 389 -33.38 -15.73 -2.68
CA PHE A 389 -33.31 -14.98 -3.92
C PHE A 389 -33.94 -13.58 -3.85
N ASP A 390 -33.76 -12.80 -4.92
CA ASP A 390 -34.29 -11.42 -5.01
C ASP A 390 -35.81 -11.37 -4.84
N LYS A 391 -36.31 -10.41 -4.03
CA LYS A 391 -37.75 -10.20 -3.81
C LYS A 391 -38.47 -9.95 -5.17
N GLY A 392 -39.51 -10.72 -5.42
CA GLY A 392 -40.31 -10.67 -6.64
C GLY A 392 -39.70 -11.29 -7.87
N SER A 393 -38.59 -12.06 -7.73
CA SER A 393 -37.91 -12.62 -8.90
C SER A 393 -38.27 -14.05 -9.24
N PHE A 394 -38.99 -14.75 -8.34
CA PHE A 394 -39.30 -16.14 -8.60
C PHE A 394 -40.42 -16.33 -9.59
N PHE A 395 -40.08 -16.89 -10.75
CA PHE A 395 -41.00 -17.20 -11.83
C PHE A 395 -41.09 -18.75 -11.93
N GLU A 396 -42.09 -19.35 -11.26
CA GLU A 396 -42.33 -20.80 -11.21
C GLU A 396 -42.95 -21.28 -12.51
N THR A 397 -42.43 -22.38 -13.05
CA THR A 397 -42.94 -23.05 -14.24
C THR A 397 -43.22 -24.51 -13.89
N LEU A 398 -43.96 -25.25 -14.78
CA LEU A 398 -44.41 -26.65 -14.61
C LEU A 398 -45.19 -26.78 -13.29
N SER A 399 -45.87 -25.67 -12.89
CA SER A 399 -46.56 -25.58 -11.61
C SER A 399 -47.78 -26.46 -11.42
N GLY A 400 -48.32 -26.99 -12.51
CA GLY A 400 -49.49 -27.84 -12.48
C GLY A 400 -49.21 -29.32 -12.35
N TRP A 401 -47.96 -29.74 -12.64
CA TRP A 401 -47.48 -31.12 -12.65
C TRP A 401 -46.45 -31.40 -11.56
N ALA A 402 -46.41 -32.68 -11.08
CA ALA A 402 -45.47 -33.22 -10.10
C ALA A 402 -45.03 -32.18 -9.07
N LYS A 403 -46.04 -31.64 -8.34
CA LYS A 403 -45.91 -30.57 -7.35
C LYS A 403 -44.95 -30.82 -6.15
N GLY A 404 -44.33 -32.00 -6.07
CA GLY A 404 -43.36 -32.39 -5.06
C GLY A 404 -42.04 -31.71 -5.26
N VAL A 405 -41.73 -31.30 -6.51
CA VAL A 405 -40.56 -30.49 -6.87
C VAL A 405 -41.06 -29.13 -7.30
N VAL A 406 -40.34 -28.08 -6.89
CA VAL A 406 -40.68 -26.72 -7.22
C VAL A 406 -39.61 -26.20 -8.17
N VAL A 407 -39.99 -25.92 -9.44
CA VAL A 407 -39.04 -25.41 -10.42
C VAL A 407 -39.44 -24.05 -10.89
N GLY A 408 -38.44 -23.18 -11.05
CA GLY A 408 -38.63 -21.83 -11.54
C GLY A 408 -37.33 -21.14 -11.88
N ARG A 409 -37.43 -19.90 -12.35
CA ARG A 409 -36.29 -19.03 -12.61
C ARG A 409 -36.36 -17.97 -11.49
N ALA A 410 -35.19 -17.46 -11.07
CA ALA A 410 -35.09 -16.43 -10.07
C ALA A 410 -33.85 -15.61 -10.33
N ARG A 411 -33.60 -14.60 -9.49
CA ARG A 411 -32.41 -13.78 -9.60
C ARG A 411 -31.70 -13.73 -8.22
N LEU A 412 -30.36 -13.81 -8.22
CA LEU A 412 -29.49 -13.72 -7.02
C LEU A 412 -28.66 -12.42 -7.17
N GLY A 413 -29.08 -11.36 -6.50
CA GLY A 413 -28.44 -10.05 -6.63
C GLY A 413 -28.37 -9.57 -8.08
N GLY A 414 -29.36 -9.98 -8.89
CA GLY A 414 -29.47 -9.65 -10.30
C GLY A 414 -29.12 -10.78 -11.24
N ILE A 415 -28.38 -11.80 -10.76
CA ILE A 415 -27.94 -12.90 -11.60
C ILE A 415 -29.08 -13.86 -11.85
N PRO A 416 -29.52 -14.05 -13.12
CA PRO A 416 -30.62 -15.01 -13.38
C PRO A 416 -30.13 -16.44 -13.30
N LEU A 417 -30.95 -17.35 -12.77
CA LEU A 417 -30.60 -18.77 -12.66
C LEU A 417 -31.85 -19.62 -12.54
N GLY A 418 -31.72 -20.92 -12.78
CA GLY A 418 -32.79 -21.88 -12.59
C GLY A 418 -32.74 -22.40 -11.15
N VAL A 419 -33.89 -22.51 -10.51
CA VAL A 419 -33.96 -22.98 -9.13
C VAL A 419 -34.80 -24.25 -9.09
N ILE A 420 -34.32 -25.28 -8.33
CA ILE A 420 -35.07 -26.51 -8.05
C ILE A 420 -35.09 -26.65 -6.52
N GLY A 421 -36.29 -26.68 -5.97
CA GLY A 421 -36.52 -26.82 -4.52
C GLY A 421 -37.43 -28.02 -4.28
N VAL A 422 -37.52 -28.47 -3.03
CA VAL A 422 -38.32 -29.65 -2.63
C VAL A 422 -39.52 -29.25 -1.80
N GLU A 423 -40.71 -29.67 -2.22
CA GLU A 423 -41.94 -29.44 -1.49
C GLU A 423 -42.00 -30.48 -0.34
N THR A 424 -41.99 -29.99 0.91
CA THR A 424 -42.03 -30.83 2.11
C THR A 424 -43.41 -31.37 2.43
N ARG A 425 -44.46 -30.61 2.08
CA ARG A 425 -45.86 -30.98 2.28
C ARG A 425 -46.27 -32.15 1.35
N THR A 426 -47.13 -33.06 1.86
CA THR A 426 -47.62 -34.19 1.04
C THR A 426 -48.45 -33.64 -0.12
N VAL A 427 -48.25 -34.18 -1.31
CA VAL A 427 -48.95 -33.73 -2.50
C VAL A 427 -49.92 -34.83 -2.98
N GLU A 428 -51.07 -34.38 -3.48
CA GLU A 428 -52.12 -35.21 -4.07
C GLU A 428 -52.28 -34.85 -5.52
N ASN A 429 -52.71 -35.83 -6.32
CA ASN A 429 -53.03 -35.60 -7.71
C ASN A 429 -54.12 -36.55 -8.11
N LEU A 430 -55.06 -36.08 -8.94
CA LEU A 430 -56.17 -36.91 -9.36
C LEU A 430 -56.03 -37.39 -10.79
N ILE A 431 -55.99 -38.72 -10.94
CA ILE A 431 -55.96 -39.35 -12.25
C ILE A 431 -57.44 -39.42 -12.67
N PRO A 432 -57.82 -38.79 -13.81
CA PRO A 432 -59.23 -38.79 -14.21
C PRO A 432 -59.71 -40.15 -14.72
N ALA A 433 -61.04 -40.39 -14.69
CA ALA A 433 -61.61 -41.62 -15.23
C ALA A 433 -61.86 -41.36 -16.70
N ASP A 434 -61.38 -42.24 -17.58
CA ASP A 434 -61.54 -42.07 -19.03
C ASP A 434 -62.96 -42.48 -19.42
N PRO A 435 -63.77 -41.57 -20.02
CA PRO A 435 -65.14 -41.96 -20.43
C PRO A 435 -65.19 -43.12 -21.42
N ALA A 436 -64.09 -43.33 -22.19
CA ALA A 436 -63.95 -44.40 -23.17
C ALA A 436 -64.00 -45.79 -22.55
N ASN A 437 -63.63 -45.90 -21.26
CA ASN A 437 -63.69 -47.17 -20.53
C ASN A 437 -64.77 -47.12 -19.46
N PRO A 438 -65.88 -47.86 -19.63
CA PRO A 438 -66.95 -47.84 -18.61
C PRO A 438 -66.53 -48.40 -17.23
N ASN A 439 -65.49 -49.26 -17.22
CA ASN A 439 -64.95 -49.90 -16.00
C ASN A 439 -63.75 -49.12 -15.43
N SER A 440 -63.83 -47.77 -15.48
CA SER A 440 -62.80 -46.86 -14.98
C SER A 440 -63.35 -45.92 -13.94
N ALA A 441 -62.53 -45.63 -12.94
CA ALA A 441 -62.85 -44.71 -11.86
C ALA A 441 -61.64 -43.82 -11.59
N GLU A 442 -61.90 -42.58 -11.16
CA GLU A 442 -60.82 -41.65 -10.86
C GLU A 442 -60.04 -42.08 -9.62
N THR A 443 -58.70 -42.01 -9.68
CA THR A 443 -57.83 -42.38 -8.56
C THR A 443 -57.12 -41.15 -8.00
N LEU A 444 -57.03 -41.07 -6.67
CA LEU A 444 -56.32 -40.01 -5.98
C LEU A 444 -55.03 -40.59 -5.40
N ILE A 445 -53.91 -40.06 -5.84
CA ILE A 445 -52.60 -40.51 -5.43
C ILE A 445 -51.96 -39.49 -4.50
N GLN A 446 -51.57 -39.95 -3.32
CA GLN A 446 -50.83 -39.15 -2.35
C GLN A 446 -49.36 -39.52 -2.55
N GLN A 447 -48.47 -38.55 -2.37
CA GLN A 447 -47.02 -38.72 -2.47
C GLN A 447 -46.40 -37.86 -1.38
N ALA A 448 -45.66 -38.49 -0.47
CA ALA A 448 -44.99 -37.77 0.61
C ALA A 448 -43.88 -36.83 0.07
N GLY A 449 -43.58 -35.79 0.83
CA GLY A 449 -42.52 -34.86 0.46
C GLY A 449 -41.14 -35.45 0.69
N GLN A 450 -40.12 -34.82 0.09
CA GLN A 450 -38.70 -35.21 0.21
C GLN A 450 -38.38 -36.62 -0.31
N VAL A 451 -39.17 -37.12 -1.29
CA VAL A 451 -39.04 -38.44 -1.93
C VAL A 451 -39.22 -38.19 -3.41
N TRP A 452 -38.35 -38.75 -4.24
CA TRP A 452 -38.49 -38.63 -5.68
C TRP A 452 -39.35 -39.80 -6.15
N PHE A 453 -40.44 -39.47 -6.87
CA PHE A 453 -41.36 -40.42 -7.49
C PHE A 453 -41.11 -40.37 -9.00
N PRO A 454 -41.63 -41.32 -9.80
CA PRO A 454 -41.43 -41.20 -11.27
C PRO A 454 -41.71 -39.80 -11.83
N ASN A 455 -42.85 -39.18 -11.48
CA ASN A 455 -43.25 -37.83 -11.97
C ASN A 455 -42.28 -36.73 -11.57
N SER A 456 -42.00 -36.57 -10.25
CA SER A 456 -41.05 -35.59 -9.75
C SER A 456 -39.61 -35.81 -10.28
N ALA A 457 -39.20 -37.08 -10.53
CA ALA A 457 -37.88 -37.36 -11.09
C ALA A 457 -37.86 -36.85 -12.53
N PHE A 458 -38.92 -37.12 -13.30
CA PHE A 458 -39.11 -36.64 -14.66
C PHE A 458 -39.10 -35.09 -14.69
N LYS A 459 -39.86 -34.43 -13.79
CA LYS A 459 -39.93 -32.97 -13.71
C LYS A 459 -38.58 -32.35 -13.44
N THR A 460 -37.78 -32.95 -12.52
CA THR A 460 -36.43 -32.49 -12.16
C THR A 460 -35.54 -32.53 -13.40
N ALA A 461 -35.48 -33.67 -14.11
CA ALA A 461 -34.67 -33.87 -15.34
C ALA A 461 -35.11 -32.85 -16.39
N GLN A 462 -36.43 -32.72 -16.57
CA GLN A 462 -37.02 -31.80 -17.54
C GLN A 462 -36.55 -30.37 -17.28
N ALA A 463 -36.65 -29.91 -16.01
CA ALA A 463 -36.23 -28.61 -15.56
C ALA A 463 -34.77 -28.35 -15.87
N ILE A 464 -33.89 -29.30 -15.50
CA ILE A 464 -32.45 -29.22 -15.74
C ILE A 464 -32.17 -29.00 -17.22
N ASN A 465 -32.79 -29.83 -18.07
CA ASN A 465 -32.63 -29.70 -19.52
C ASN A 465 -33.15 -28.38 -20.06
N ASP A 466 -34.32 -27.90 -19.58
CA ASP A 466 -34.89 -26.64 -20.05
C ASP A 466 -34.09 -25.43 -19.61
N PHE A 467 -33.40 -25.49 -18.45
CA PHE A 467 -32.50 -24.40 -18.00
C PHE A 467 -31.25 -24.40 -18.88
N ASN A 468 -30.82 -25.59 -19.29
CA ASN A 468 -29.59 -25.76 -20.04
C ASN A 468 -29.69 -25.37 -21.51
N ASN A 469 -30.63 -26.02 -22.27
CA ASN A 469 -30.85 -25.73 -23.68
C ASN A 469 -31.60 -24.41 -23.85
N GLY A 470 -31.09 -23.59 -24.77
CA GLY A 470 -31.71 -22.31 -25.09
C GLY A 470 -31.67 -21.26 -24.00
N GLU A 471 -32.13 -21.58 -22.78
CA GLU A 471 -32.06 -20.65 -21.63
C GLU A 471 -30.59 -20.41 -21.22
N GLN A 472 -29.72 -21.46 -21.35
CA GLN A 472 -28.30 -21.42 -21.03
C GLN A 472 -28.03 -20.74 -19.70
N LEU A 473 -28.81 -21.10 -18.67
CA LEU A 473 -28.71 -20.52 -17.34
C LEU A 473 -27.89 -21.34 -16.35
N PRO A 474 -27.24 -20.69 -15.33
CA PRO A 474 -26.66 -21.47 -14.24
C PRO A 474 -27.83 -22.04 -13.40
N MET A 475 -27.53 -22.89 -12.42
CA MET A 475 -28.61 -23.49 -11.66
C MET A 475 -28.26 -23.70 -10.20
N MET A 476 -29.26 -23.64 -9.33
CA MET A 476 -29.17 -24.02 -7.93
C MET A 476 -30.24 -25.05 -7.58
N ILE A 477 -29.81 -26.18 -6.98
CA ILE A 477 -30.70 -27.21 -6.48
C ILE A 477 -30.61 -27.18 -4.96
N LEU A 478 -31.73 -26.83 -4.30
CA LEU A 478 -31.82 -26.83 -2.84
C LEU A 478 -32.21 -28.27 -2.50
N ALA A 479 -31.22 -29.20 -2.61
CA ALA A 479 -31.37 -30.65 -2.47
C ALA A 479 -31.83 -31.06 -1.12
N ASN A 480 -33.00 -31.74 -1.05
CA ASN A 480 -33.63 -32.17 0.19
C ASN A 480 -34.51 -33.40 -0.08
N TRP A 481 -33.88 -34.54 -0.37
CA TRP A 481 -34.59 -35.79 -0.66
C TRP A 481 -34.04 -36.90 0.20
N ARG A 482 -34.92 -37.76 0.70
CA ARG A 482 -34.60 -38.92 1.52
C ARG A 482 -34.27 -40.13 0.63
N GLY A 483 -34.58 -40.01 -0.65
CA GLY A 483 -34.31 -41.05 -1.65
C GLY A 483 -35.39 -41.13 -2.70
N PHE A 484 -35.35 -42.22 -3.49
CA PHE A 484 -36.37 -42.50 -4.50
C PHE A 484 -37.38 -43.44 -3.88
N SER A 485 -38.61 -43.47 -4.41
CA SER A 485 -39.59 -44.43 -3.93
C SER A 485 -39.25 -45.80 -4.49
N GLY A 486 -38.94 -46.72 -3.58
CA GLY A 486 -38.56 -48.08 -3.93
C GLY A 486 -39.64 -49.13 -3.79
N GLY A 487 -40.87 -48.68 -3.60
CA GLY A 487 -42.02 -49.56 -3.48
C GLY A 487 -42.44 -50.15 -4.80
N GLN A 488 -43.33 -51.17 -4.75
CA GLN A 488 -43.75 -51.85 -5.96
C GLN A 488 -44.35 -50.95 -7.04
N ARG A 489 -45.31 -50.10 -6.68
CA ARG A 489 -45.98 -49.20 -7.63
C ARG A 489 -44.97 -48.35 -8.42
N ASP A 490 -44.06 -47.66 -7.72
CA ASP A 490 -43.10 -46.76 -8.34
C ASP A 490 -41.98 -47.45 -9.07
N MET A 491 -41.62 -48.66 -8.62
CA MET A 491 -40.61 -49.48 -9.31
C MET A 491 -41.22 -49.95 -10.64
N PHE A 492 -42.46 -50.44 -10.60
CA PHE A 492 -43.19 -50.83 -11.79
C PHE A 492 -43.40 -49.61 -12.71
N ASN A 493 -43.60 -48.39 -12.15
CA ASN A 493 -43.79 -47.20 -12.97
C ASN A 493 -42.49 -46.55 -13.37
N GLU A 494 -41.42 -47.37 -13.42
CA GLU A 494 -40.11 -47.04 -13.94
C GLU A 494 -39.37 -45.89 -13.27
N VAL A 495 -39.43 -45.78 -11.94
CA VAL A 495 -38.70 -44.72 -11.23
C VAL A 495 -37.18 -44.67 -11.62
N LEU A 496 -36.57 -45.87 -11.88
CA LEU A 496 -35.16 -46.00 -12.28
C LEU A 496 -34.86 -45.24 -13.56
N LYS A 497 -35.82 -45.26 -14.50
CA LYS A 497 -35.67 -44.59 -15.80
C LYS A 497 -35.64 -43.10 -15.60
N TYR A 498 -36.59 -42.56 -14.81
CA TYR A 498 -36.72 -41.14 -14.56
C TYR A 498 -35.59 -40.56 -13.74
N GLY A 499 -35.15 -41.32 -12.73
CA GLY A 499 -33.98 -40.99 -11.93
C GLY A 499 -32.74 -40.90 -12.82
N SER A 500 -32.58 -41.84 -13.76
CA SER A 500 -31.45 -41.85 -14.69
C SER A 500 -31.40 -40.63 -15.62
N PHE A 501 -32.59 -40.10 -16.02
CA PHE A 501 -32.67 -38.91 -16.86
C PHE A 501 -32.00 -37.75 -16.13
N ILE A 502 -32.12 -37.68 -14.76
CA ILE A 502 -31.51 -36.62 -13.95
C ILE A 502 -30.00 -36.63 -14.19
N VAL A 503 -29.35 -37.83 -14.11
CA VAL A 503 -27.90 -38.00 -14.33
C VAL A 503 -27.54 -37.50 -15.74
N ASP A 504 -28.24 -37.98 -16.76
CA ASP A 504 -28.02 -37.57 -18.14
C ASP A 504 -28.15 -36.05 -18.31
N ALA A 505 -29.15 -35.43 -17.66
CA ALA A 505 -29.37 -34.00 -17.73
C ALA A 505 -28.20 -33.21 -17.14
N LEU A 506 -27.65 -33.67 -16.00
CA LEU A 506 -26.47 -33.06 -15.33
C LEU A 506 -25.18 -33.24 -16.12
N VAL A 507 -24.95 -34.41 -16.73
CA VAL A 507 -23.79 -34.66 -17.61
C VAL A 507 -23.74 -33.64 -18.75
N ASP A 508 -24.91 -33.24 -19.29
CA ASP A 508 -25.03 -32.29 -20.40
C ASP A 508 -24.98 -30.82 -20.02
N TYR A 509 -25.05 -30.50 -18.74
CA TYR A 509 -25.10 -29.11 -18.28
C TYR A 509 -23.81 -28.32 -18.63
N LYS A 510 -23.96 -27.13 -19.26
CA LYS A 510 -22.80 -26.34 -19.68
C LYS A 510 -22.58 -25.03 -18.91
N GLN A 511 -23.31 -24.82 -17.80
CA GLN A 511 -23.20 -23.60 -16.99
C GLN A 511 -23.00 -23.95 -15.50
N PRO A 512 -22.52 -23.01 -14.64
CA PRO A 512 -22.32 -23.38 -13.22
C PRO A 512 -23.56 -23.96 -12.53
N ILE A 513 -23.33 -25.02 -11.69
CA ILE A 513 -24.36 -25.67 -10.88
C ILE A 513 -23.92 -25.59 -9.41
N ILE A 514 -24.84 -25.24 -8.53
CA ILE A 514 -24.66 -25.20 -7.07
C ILE A 514 -25.68 -26.18 -6.51
N ILE A 515 -25.21 -27.20 -5.77
CA ILE A 515 -26.09 -28.13 -5.05
C ILE A 515 -25.91 -27.69 -3.59
N TYR A 516 -27.02 -27.38 -2.90
CA TYR A 516 -26.97 -26.90 -1.54
C TYR A 516 -28.00 -27.64 -0.71
N ILE A 517 -27.56 -28.46 0.26
CA ILE A 517 -28.46 -29.15 1.20
C ILE A 517 -28.84 -28.08 2.22
N PRO A 518 -30.09 -27.59 2.22
CA PRO A 518 -30.45 -26.46 3.11
C PRO A 518 -30.60 -26.79 4.59
N PRO A 519 -30.76 -25.78 5.50
CA PRO A 519 -31.01 -26.11 6.92
C PRO A 519 -32.31 -26.94 7.03
N THR A 520 -32.36 -27.91 7.99
CA THR A 520 -33.47 -28.87 8.22
C THR A 520 -33.56 -29.91 7.08
N GLY A 521 -32.73 -29.75 6.05
CA GLY A 521 -32.71 -30.61 4.89
C GLY A 521 -31.82 -31.81 5.01
N GLU A 522 -32.10 -32.82 4.17
CA GLU A 522 -31.32 -34.04 4.13
C GLU A 522 -31.13 -34.53 2.70
N LEU A 523 -30.06 -35.28 2.48
CA LEU A 523 -29.77 -35.86 1.18
C LEU A 523 -29.24 -37.22 1.49
N ARG A 524 -30.00 -38.25 1.16
CA ARG A 524 -29.68 -39.61 1.51
C ARG A 524 -29.70 -40.59 0.36
N GLY A 525 -28.99 -41.72 0.55
CA GLY A 525 -28.89 -42.85 -0.36
C GLY A 525 -28.92 -42.50 -1.83
N GLY A 526 -29.93 -43.01 -2.53
CA GLY A 526 -30.10 -42.81 -3.97
C GLY A 526 -30.22 -41.38 -4.44
N SER A 527 -30.69 -40.48 -3.57
CA SER A 527 -30.87 -39.06 -3.86
C SER A 527 -29.57 -38.32 -3.97
N TRP A 528 -28.57 -38.70 -3.13
CA TRP A 528 -27.26 -38.08 -3.20
C TRP A 528 -26.59 -38.50 -4.51
N VAL A 529 -26.60 -39.84 -4.83
CA VAL A 529 -25.98 -40.45 -6.01
C VAL A 529 -26.26 -39.64 -7.27
N VAL A 530 -27.52 -39.40 -7.51
CA VAL A 530 -28.09 -38.78 -8.71
C VAL A 530 -27.75 -37.27 -8.88
N VAL A 531 -27.18 -36.68 -7.84
CA VAL A 531 -26.90 -35.24 -7.78
C VAL A 531 -25.47 -34.90 -7.31
N ASP A 532 -24.59 -35.88 -7.12
CA ASP A 532 -23.23 -35.67 -6.65
C ASP A 532 -22.41 -34.88 -7.66
N PRO A 533 -21.57 -33.89 -7.24
CA PRO A 533 -20.79 -33.11 -8.21
C PRO A 533 -19.79 -33.85 -9.10
N THR A 534 -19.42 -35.13 -8.76
CA THR A 534 -18.49 -35.89 -9.61
C THR A 534 -19.16 -36.34 -10.91
N ILE A 535 -20.50 -36.13 -11.03
CA ILE A 535 -21.28 -36.42 -12.25
C ILE A 535 -20.81 -35.47 -13.36
N ASN A 536 -20.49 -34.22 -13.01
CA ASN A 536 -20.01 -33.19 -13.91
C ASN A 536 -19.12 -32.21 -13.07
N ALA A 537 -17.87 -32.58 -12.85
CA ALA A 537 -16.92 -31.81 -12.06
C ALA A 537 -16.56 -30.44 -12.65
N ASP A 538 -16.69 -30.29 -13.96
CA ASP A 538 -16.43 -29.04 -14.68
C ASP A 538 -17.43 -27.98 -14.31
N GLN A 539 -18.69 -28.37 -13.97
CA GLN A 539 -19.77 -27.45 -13.59
C GLN A 539 -20.32 -27.56 -12.18
N MET A 540 -20.26 -28.74 -11.57
CA MET A 540 -20.95 -28.90 -10.30
C MET A 540 -20.11 -28.64 -9.11
N GLU A 541 -20.79 -28.21 -8.03
CA GLU A 541 -20.23 -27.87 -6.73
C GLU A 541 -21.27 -28.17 -5.66
N MET A 542 -20.86 -28.73 -4.52
CA MET A 542 -21.82 -29.01 -3.47
C MET A 542 -21.50 -28.37 -2.14
N TYR A 543 -22.56 -27.90 -1.45
CA TYR A 543 -22.51 -27.26 -0.15
C TYR A 543 -23.58 -27.87 0.74
N ALA A 544 -23.31 -27.94 2.02
CA ALA A 544 -24.26 -28.44 2.98
C ALA A 544 -24.37 -27.42 4.09
N ASP A 545 -25.57 -27.17 4.55
CA ASP A 545 -25.78 -26.24 5.64
C ASP A 545 -25.29 -26.90 6.92
N VAL A 546 -24.89 -26.10 7.91
CA VAL A 546 -24.47 -26.57 9.24
C VAL A 546 -25.60 -27.39 9.94
N ASN A 547 -26.85 -27.11 9.55
CA ASN A 547 -28.05 -27.78 10.04
C ASN A 547 -28.68 -28.78 9.06
N ALA A 548 -27.90 -29.19 8.06
CA ALA A 548 -28.30 -30.20 7.11
C ALA A 548 -27.84 -31.60 7.61
N ARG A 549 -28.30 -32.66 6.94
CA ARG A 549 -27.90 -34.04 7.27
C ARG A 549 -27.71 -34.82 5.98
N ALA A 550 -26.82 -35.82 6.01
CA ALA A 550 -26.61 -36.70 4.87
C ALA A 550 -25.96 -38.00 5.32
N GLY A 551 -26.34 -39.09 4.66
CA GLY A 551 -25.82 -40.42 4.92
C GLY A 551 -26.45 -41.42 3.96
N VAL A 552 -25.90 -42.66 3.91
CA VAL A 552 -26.45 -43.69 3.01
C VAL A 552 -27.91 -43.98 3.44
N LEU A 553 -28.11 -44.28 4.74
CA LEU A 553 -29.42 -44.51 5.31
C LEU A 553 -29.80 -43.37 6.25
N GLU A 554 -31.04 -43.41 6.76
CA GLU A 554 -31.55 -42.47 7.78
C GLU A 554 -31.03 -43.09 9.13
N PRO A 555 -30.90 -42.35 10.26
CA PRO A 555 -30.38 -42.98 11.50
C PRO A 555 -31.06 -44.27 11.90
N GLU A 556 -32.39 -44.42 11.66
CA GLU A 556 -33.11 -45.65 11.98
C GLU A 556 -32.56 -46.84 11.19
N GLY A 557 -32.25 -46.63 9.92
CA GLY A 557 -31.65 -47.63 9.05
C GLY A 557 -30.25 -48.04 9.46
N THR A 558 -29.36 -47.05 9.73
CA THR A 558 -27.98 -47.28 10.15
C THR A 558 -27.92 -48.13 11.44
N VAL A 559 -28.80 -47.82 12.41
CA VAL A 559 -28.91 -48.52 13.69
C VAL A 559 -29.34 -49.97 13.42
N GLU A 560 -30.38 -50.14 12.62
CA GLU A 560 -30.93 -51.44 12.26
C GLU A 560 -29.87 -52.38 11.64
N ILE A 561 -28.98 -51.84 10.81
CA ILE A 561 -27.92 -52.63 10.19
C ILE A 561 -26.61 -52.69 11.02
N LYS A 562 -26.18 -51.56 11.66
CA LYS A 562 -24.88 -51.45 12.34
C LYS A 562 -24.82 -51.33 13.88
N PHE A 563 -25.96 -51.03 14.54
CA PHE A 563 -26.02 -50.92 16.01
C PHE A 563 -27.15 -51.85 16.52
N ARG A 564 -26.95 -53.16 16.30
CA ARG A 564 -27.92 -54.22 16.61
C ARG A 564 -27.95 -54.58 18.13
N ARG A 565 -28.85 -55.50 18.55
CA ARG A 565 -29.00 -55.86 19.98
C ARG A 565 -27.75 -56.27 20.77
N GLU A 566 -26.86 -57.09 20.16
CA GLU A 566 -25.61 -57.51 20.81
C GLU A 566 -24.73 -56.29 21.14
N LYS A 567 -24.61 -55.34 20.18
CA LYS A 567 -23.83 -54.09 20.35
C LYS A 567 -24.50 -53.18 21.38
N LEU A 568 -25.85 -53.15 21.38
CA LEU A 568 -26.66 -52.35 22.30
C LEU A 568 -26.58 -52.87 23.74
N LEU A 569 -26.63 -54.22 23.93
CA LEU A 569 -26.54 -54.84 25.25
C LEU A 569 -25.16 -54.67 25.87
N ASP A 570 -24.09 -54.69 25.03
CA ASP A 570 -22.70 -54.48 25.44
C ASP A 570 -22.54 -53.05 25.96
N THR A 571 -23.26 -52.08 25.33
CA THR A 571 -23.29 -50.67 25.71
C THR A 571 -24.00 -50.52 27.07
N MET A 572 -25.07 -51.33 27.31
CA MET A 572 -25.80 -51.38 28.58
C MET A 572 -24.89 -51.93 29.65
N ASN A 573 -24.11 -52.97 29.30
CA ASN A 573 -23.12 -53.60 30.17
C ASN A 573 -22.06 -52.61 30.61
N ARG A 574 -21.67 -51.68 29.72
CA ARG A 574 -20.63 -50.68 29.95
C ARG A 574 -21.14 -49.45 30.71
N LEU A 575 -22.30 -48.92 30.30
CA LEU A 575 -22.90 -47.67 30.78
C LEU A 575 -23.90 -47.76 31.94
N ASP A 576 -24.51 -48.93 32.16
CA ASP A 576 -25.47 -49.06 33.25
C ASP A 576 -24.91 -49.85 34.43
N ASP A 577 -24.94 -49.22 35.62
CA ASP A 577 -24.43 -49.77 36.87
C ASP A 577 -25.15 -51.05 37.27
N LYS A 578 -26.48 -51.09 37.12
CA LYS A 578 -27.33 -52.24 37.47
C LYS A 578 -27.14 -53.45 36.54
N TYR A 579 -27.06 -53.22 35.20
CA TYR A 579 -26.86 -54.26 34.17
C TYR A 579 -25.51 -55.00 34.38
N ARG A 580 -24.43 -54.22 34.61
CA ARG A 580 -23.06 -54.70 34.88
C ARG A 580 -23.01 -55.43 36.23
N LYS A 601 -32.91 -63.85 34.77
CA LYS A 601 -34.15 -63.13 34.49
C LYS A 601 -34.06 -61.68 34.95
N GLN A 602 -33.20 -61.40 35.95
CA GLN A 602 -32.98 -60.07 36.51
C GLN A 602 -32.36 -59.07 35.50
N LEU A 603 -31.85 -59.58 34.36
CA LEU A 603 -31.27 -58.80 33.25
C LEU A 603 -32.38 -58.36 32.29
N ALA A 604 -33.31 -59.29 31.97
CA ALA A 604 -34.44 -59.09 31.05
C ALA A 604 -35.35 -57.93 31.46
N ASP A 605 -35.61 -57.80 32.77
CA ASP A 605 -36.44 -56.74 33.35
C ASP A 605 -35.76 -55.37 33.17
N ARG A 606 -34.42 -55.30 33.39
CA ARG A 606 -33.64 -54.08 33.19
C ARG A 606 -33.50 -53.77 31.69
N GLU A 607 -33.39 -54.82 30.84
CA GLU A 607 -33.33 -54.69 29.37
C GLU A 607 -34.58 -53.97 28.87
N ARG A 608 -35.79 -54.44 29.29
CA ARG A 608 -37.09 -53.85 28.95
C ARG A 608 -37.19 -52.38 29.36
N GLU A 609 -36.64 -52.02 30.54
CA GLU A 609 -36.64 -50.65 31.06
C GLU A 609 -35.68 -49.79 30.23
N LEU A 610 -34.42 -50.26 30.04
CA LEU A 610 -33.37 -49.53 29.32
C LEU A 610 -33.57 -49.37 27.81
N LEU A 611 -33.99 -50.45 27.12
CA LEU A 611 -34.15 -50.47 25.68
C LEU A 611 -34.68 -49.21 24.96
N PRO A 612 -35.79 -48.56 25.39
CA PRO A 612 -36.24 -47.36 24.66
C PRO A 612 -35.22 -46.21 24.65
N ILE A 613 -34.52 -45.95 25.79
CA ILE A 613 -33.51 -44.89 25.86
C ILE A 613 -32.18 -45.26 25.19
N TYR A 614 -31.81 -46.55 25.21
CA TYR A 614 -30.58 -47.02 24.56
C TYR A 614 -30.74 -47.07 23.03
N GLY A 615 -31.99 -47.18 22.58
CA GLY A 615 -32.35 -47.09 21.18
C GLY A 615 -32.18 -45.65 20.74
N GLN A 616 -32.51 -44.70 21.63
CA GLN A 616 -32.37 -43.26 21.41
C GLN A 616 -30.90 -42.83 21.37
N ILE A 617 -30.05 -43.45 22.23
CA ILE A 617 -28.61 -43.22 22.30
C ILE A 617 -27.96 -43.62 20.97
N SER A 618 -28.24 -44.86 20.49
CA SER A 618 -27.68 -45.37 19.23
C SER A 618 -28.12 -44.51 18.05
N LEU A 619 -29.39 -44.01 18.06
CA LEU A 619 -29.92 -43.11 17.04
C LEU A 619 -29.17 -41.80 17.02
N GLN A 620 -28.78 -41.30 18.21
CA GLN A 620 -28.00 -40.08 18.37
C GLN A 620 -26.55 -40.32 17.91
N PHE A 621 -25.99 -41.48 18.28
CA PHE A 621 -24.65 -41.90 17.87
C PHE A 621 -24.56 -41.92 16.30
N ALA A 622 -25.56 -42.53 15.65
CA ALA A 622 -25.67 -42.63 14.19
C ALA A 622 -25.77 -41.25 13.57
N ASP A 623 -26.67 -40.39 14.10
CA ASP A 623 -26.89 -39.01 13.60
C ASP A 623 -25.64 -38.16 13.68
N LEU A 624 -24.74 -38.45 14.65
CA LEU A 624 -23.51 -37.69 14.80
C LEU A 624 -22.53 -37.85 13.65
N HIS A 625 -22.73 -38.87 12.80
CA HIS A 625 -21.91 -39.14 11.60
C HIS A 625 -22.46 -38.36 10.44
N ASP A 626 -23.80 -38.11 10.42
CA ASP A 626 -24.57 -37.46 9.35
C ASP A 626 -24.41 -35.93 9.20
N ARG A 627 -23.45 -35.34 9.88
CA ARG A 627 -23.24 -33.89 9.94
C ARG A 627 -22.37 -33.34 8.83
N SER A 628 -22.56 -32.04 8.49
CA SER A 628 -21.77 -31.34 7.47
C SER A 628 -20.25 -31.33 7.77
N SER A 629 -19.88 -31.43 9.06
CA SER A 629 -18.48 -31.49 9.51
C SER A 629 -17.80 -32.75 8.99
N ARG A 630 -18.55 -33.89 8.92
CA ARG A 630 -18.01 -35.14 8.37
C ARG A 630 -17.89 -35.02 6.87
N MET A 631 -18.88 -34.33 6.24
CA MET A 631 -18.92 -34.07 4.79
C MET A 631 -17.69 -33.26 4.36
N VAL A 632 -17.35 -32.21 5.13
CA VAL A 632 -16.16 -31.38 4.90
C VAL A 632 -14.86 -32.24 5.10
N ALA A 633 -14.78 -32.95 6.24
CA ALA A 633 -13.67 -33.81 6.61
C ALA A 633 -13.38 -34.84 5.53
N LYS A 634 -14.43 -35.43 4.96
CA LYS A 634 -14.29 -36.45 3.92
C LYS A 634 -14.17 -35.89 2.49
N GLY A 635 -14.19 -34.56 2.37
CA GLY A 635 -14.05 -33.84 1.11
C GLY A 635 -15.14 -34.04 0.08
N VAL A 636 -16.38 -34.27 0.53
CA VAL A 636 -17.51 -34.50 -0.38
C VAL A 636 -18.34 -33.22 -0.66
N ILE A 637 -18.06 -32.12 0.12
CA ILE A 637 -18.69 -30.80 -0.06
C ILE A 637 -17.59 -29.75 -0.13
N SER A 638 -17.81 -28.65 -0.89
CA SER A 638 -16.82 -27.60 -1.01
C SER A 638 -16.67 -26.82 0.28
N LYS A 639 -17.81 -26.61 0.99
CA LYS A 639 -17.87 -25.86 2.25
C LYS A 639 -19.16 -26.20 2.98
N GLU A 640 -19.16 -26.03 4.32
CA GLU A 640 -20.36 -26.09 5.15
C GLU A 640 -20.79 -24.62 5.32
N LEU A 641 -22.09 -24.32 5.17
CA LEU A 641 -22.56 -22.95 5.21
C LEU A 641 -23.61 -22.65 6.29
N GLU A 642 -23.78 -21.34 6.62
CA GLU A 642 -24.85 -20.88 7.49
C GLU A 642 -25.86 -20.19 6.58
N TRP A 643 -27.09 -20.73 6.55
CA TRP A 643 -28.23 -20.26 5.78
C TRP A 643 -28.39 -18.74 5.70
N THR A 644 -28.36 -18.05 6.83
CA THR A 644 -28.51 -16.59 6.92
C THR A 644 -27.46 -15.87 6.10
N GLU A 645 -26.29 -16.50 5.94
CA GLU A 645 -25.18 -15.95 5.18
C GLU A 645 -25.04 -16.47 3.75
N ALA A 646 -25.93 -17.39 3.33
CA ALA A 646 -25.90 -18.02 2.01
C ALA A 646 -26.07 -17.10 0.81
N ARG A 647 -26.96 -16.12 0.90
CA ARG A 647 -27.21 -15.16 -0.17
C ARG A 647 -25.92 -14.43 -0.52
N ARG A 648 -25.20 -13.87 0.49
CA ARG A 648 -23.92 -13.17 0.32
C ARG A 648 -22.86 -14.10 -0.25
N PHE A 649 -22.83 -15.36 0.21
CA PHE A 649 -21.84 -16.34 -0.22
C PHE A 649 -22.06 -16.71 -1.67
N PHE A 650 -23.29 -17.15 -2.02
CA PHE A 650 -23.66 -17.59 -3.35
C PHE A 650 -23.61 -16.50 -4.39
N PHE A 651 -23.99 -15.26 -4.03
CA PHE A 651 -23.91 -14.14 -4.97
C PHE A 651 -22.47 -14.05 -5.51
N TRP A 652 -21.47 -13.94 -4.61
CA TRP A 652 -20.08 -13.84 -5.05
C TRP A 652 -19.49 -15.08 -5.64
N ARG A 653 -19.92 -16.27 -5.18
CA ARG A 653 -19.43 -17.53 -5.73
C ARG A 653 -19.89 -17.65 -7.18
N LEU A 654 -21.19 -17.41 -7.44
CA LEU A 654 -21.77 -17.43 -8.76
C LEU A 654 -21.10 -16.40 -9.67
N ARG A 655 -20.99 -15.15 -9.19
CA ARG A 655 -20.36 -14.04 -9.93
C ARG A 655 -18.89 -14.35 -10.24
N ARG A 656 -18.14 -14.92 -9.31
CA ARG A 656 -16.74 -15.34 -9.56
C ARG A 656 -16.71 -16.44 -10.65
N ARG A 657 -17.64 -17.43 -10.54
CA ARG A 657 -17.79 -18.56 -11.46
C ARG A 657 -18.14 -18.19 -12.89
N LEU A 658 -19.12 -17.31 -13.07
CA LEU A 658 -19.47 -16.76 -14.39
C LEU A 658 -18.25 -16.11 -15.04
N ASN A 659 -17.43 -15.39 -14.27
CA ASN A 659 -16.25 -14.71 -14.77
C ASN A 659 -15.17 -15.68 -15.25
N GLU A 660 -14.85 -16.69 -14.40
CA GLU A 660 -13.86 -17.71 -14.73
C GLU A 660 -14.27 -18.54 -15.92
N GLU A 661 -15.59 -18.87 -16.02
CA GLU A 661 -16.19 -19.59 -17.14
C GLU A 661 -16.06 -18.80 -18.42
N TYR A 662 -16.24 -17.44 -18.37
CA TYR A 662 -16.09 -16.56 -19.53
C TYR A 662 -14.66 -16.69 -20.08
N LEU A 663 -13.65 -16.60 -19.18
CA LEU A 663 -12.24 -16.70 -19.51
C LEU A 663 -11.87 -18.07 -20.00
N ILE A 664 -12.52 -19.13 -19.48
CA ILE A 664 -12.28 -20.51 -19.93
C ILE A 664 -12.71 -20.64 -21.42
N LYS A 665 -13.88 -20.05 -21.79
CA LYS A 665 -14.37 -20.06 -23.17
C LYS A 665 -13.47 -19.32 -24.14
N ARG A 666 -12.93 -18.17 -23.75
CA ARG A 666 -12.01 -17.40 -24.60
C ARG A 666 -10.76 -18.21 -24.89
N LEU A 667 -10.23 -18.89 -23.86
CA LEU A 667 -9.03 -19.70 -23.96
C LEU A 667 -9.23 -20.89 -24.85
N SER A 668 -10.45 -21.46 -24.85
CA SER A 668 -10.83 -22.58 -25.67
C SER A 668 -10.67 -22.29 -27.17
N HIS A 669 -10.93 -21.05 -27.59
CA HIS A 669 -10.78 -20.63 -28.98
C HIS A 669 -9.29 -20.55 -29.31
N GLN A 670 -8.49 -20.02 -28.36
CA GLN A 670 -7.04 -19.81 -28.47
C GLN A 670 -6.18 -21.04 -28.08
N VAL A 671 -6.31 -22.15 -28.81
CA VAL A 671 -5.53 -23.39 -28.65
C VAL A 671 -6.14 -24.54 -29.44
N GLY A 672 -7.40 -24.85 -29.12
CA GLY A 672 -8.14 -25.96 -29.70
C GLY A 672 -8.07 -27.21 -28.83
N GLU A 673 -6.85 -27.53 -28.28
CA GLU A 673 -6.65 -28.71 -27.42
C GLU A 673 -5.88 -28.51 -26.09
N ALA A 674 -6.65 -28.42 -24.98
CA ALA A 674 -6.21 -28.30 -23.58
C ALA A 674 -7.38 -28.71 -22.69
N SER A 675 -7.09 -29.38 -21.56
CA SER A 675 -8.14 -29.81 -20.61
C SER A 675 -8.64 -28.65 -19.78
N ARG A 676 -9.87 -28.77 -19.24
CA ARG A 676 -10.47 -27.74 -18.39
C ARG A 676 -9.56 -27.39 -17.19
N LEU A 677 -8.96 -28.43 -16.55
CA LEU A 677 -8.02 -28.26 -15.43
C LEU A 677 -6.78 -27.42 -15.86
N GLU A 678 -6.29 -27.64 -17.10
CA GLU A 678 -5.15 -26.93 -17.67
C GLU A 678 -5.49 -25.47 -17.94
N LYS A 679 -6.67 -25.23 -18.55
CA LYS A 679 -7.18 -23.90 -18.90
C LYS A 679 -7.36 -23.03 -17.64
N ILE A 680 -8.08 -23.56 -16.64
CA ILE A 680 -8.33 -22.89 -15.38
C ILE A 680 -7.08 -22.57 -14.59
N ALA A 681 -6.10 -23.48 -14.59
CA ALA A 681 -4.83 -23.27 -13.89
C ALA A 681 -4.03 -22.16 -14.55
N ARG A 682 -4.15 -22.07 -15.90
CA ARG A 682 -3.47 -21.05 -16.68
C ARG A 682 -4.08 -19.68 -16.42
N ILE A 683 -5.43 -19.57 -16.47
CA ILE A 683 -6.17 -18.33 -16.19
C ILE A 683 -5.79 -17.83 -14.78
N ARG A 684 -5.73 -18.74 -13.79
CA ARG A 684 -5.36 -18.40 -12.41
C ARG A 684 -3.89 -17.99 -12.22
N SER A 685 -3.03 -18.37 -13.17
CA SER A 685 -1.61 -18.01 -13.17
C SER A 685 -1.47 -16.53 -13.55
N TRP A 686 -2.55 -15.95 -14.15
CA TRP A 686 -2.60 -14.55 -14.58
C TRP A 686 -2.99 -13.59 -13.47
N TYR A 687 -3.61 -14.11 -12.39
CA TYR A 687 -4.04 -13.30 -11.26
C TYR A 687 -2.80 -12.74 -10.51
N PRO A 688 -2.83 -11.49 -9.98
CA PRO A 688 -1.65 -11.02 -9.21
C PRO A 688 -1.37 -12.01 -8.09
N ALA A 689 -0.07 -12.20 -7.76
CA ALA A 689 0.41 -13.12 -6.71
C ALA A 689 -0.31 -12.89 -5.37
N SER A 690 -0.70 -11.64 -5.08
CA SER A 690 -1.43 -11.25 -3.89
C SER A 690 -2.88 -11.71 -3.83
N VAL A 691 -3.45 -12.10 -4.97
CA VAL A 691 -4.84 -12.54 -5.02
C VAL A 691 -5.05 -13.97 -4.44
N ASP A 692 -5.91 -14.08 -3.40
CA ASP A 692 -6.33 -15.33 -2.79
C ASP A 692 -7.30 -15.97 -3.78
N HIS A 693 -6.91 -17.11 -4.38
CA HIS A 693 -7.75 -17.82 -5.35
C HIS A 693 -9.05 -18.32 -4.74
N GLU A 694 -9.08 -18.42 -3.43
CA GLU A 694 -10.25 -18.89 -2.68
C GLU A 694 -11.24 -17.77 -2.37
N ASP A 695 -10.86 -16.49 -2.61
CA ASP A 695 -11.71 -15.33 -2.39
C ASP A 695 -12.51 -14.98 -3.65
N ASP A 696 -13.80 -15.39 -3.69
CA ASP A 696 -14.68 -15.17 -4.82
C ASP A 696 -14.83 -13.70 -5.19
N ARG A 697 -15.05 -12.85 -4.18
CA ARG A 697 -15.23 -11.42 -4.40
C ARG A 697 -13.99 -10.75 -4.95
N GLN A 698 -12.83 -11.08 -4.42
CA GLN A 698 -11.57 -10.53 -4.89
C GLN A 698 -11.28 -11.01 -6.31
N VAL A 699 -11.53 -12.28 -6.60
CA VAL A 699 -11.32 -12.86 -7.93
C VAL A 699 -12.23 -12.21 -9.00
N ALA A 700 -13.55 -12.07 -8.72
CA ALA A 700 -14.51 -11.41 -9.65
C ALA A 700 -14.14 -9.91 -9.82
N THR A 701 -13.86 -9.21 -8.72
CA THR A 701 -13.44 -7.80 -8.76
C THR A 701 -12.17 -7.60 -9.66
N TRP A 702 -11.17 -8.48 -9.52
CA TRP A 702 -9.98 -8.34 -10.33
C TRP A 702 -10.23 -8.60 -11.83
N ILE A 703 -10.99 -9.67 -12.16
CA ILE A 703 -11.38 -9.98 -13.54
C ILE A 703 -12.17 -8.82 -14.16
N GLU A 704 -13.24 -8.35 -13.49
CA GLU A 704 -14.03 -7.23 -14.02
C GLU A 704 -13.22 -5.93 -14.14
N GLU A 705 -12.20 -5.74 -13.30
CA GLU A 705 -11.31 -4.58 -13.42
C GLU A 705 -10.30 -4.74 -14.59
N ASN A 706 -10.15 -5.97 -15.15
CA ASN A 706 -9.14 -6.26 -16.17
C ASN A 706 -9.60 -7.01 -17.42
N TYR A 707 -10.91 -7.02 -17.73
CA TYR A 707 -11.41 -7.73 -18.93
C TYR A 707 -10.61 -7.36 -20.20
N LYS A 708 -10.41 -6.03 -20.43
CA LYS A 708 -9.68 -5.52 -21.58
C LYS A 708 -8.20 -5.89 -21.54
N THR A 709 -7.61 -5.95 -20.33
CA THR A 709 -6.19 -6.33 -20.13
C THR A 709 -5.99 -7.81 -20.40
N LEU A 710 -6.93 -8.64 -19.93
CA LEU A 710 -6.95 -10.10 -20.13
C LEU A 710 -7.19 -10.40 -21.61
N ASP A 711 -7.98 -9.54 -22.30
CA ASP A 711 -8.29 -9.66 -23.72
C ASP A 711 -7.00 -9.51 -24.52
N ASP A 712 -6.20 -8.48 -24.18
CA ASP A 712 -4.89 -8.23 -24.79
C ASP A 712 -4.00 -9.42 -24.55
N LYS A 713 -4.06 -10.02 -23.34
CA LYS A 713 -3.25 -11.19 -23.04
C LYS A 713 -3.64 -12.34 -23.97
N LEU A 714 -4.95 -12.56 -24.17
CA LEU A 714 -5.51 -13.60 -25.05
C LEU A 714 -5.13 -13.37 -26.52
N LYS A 715 -5.30 -12.13 -27.03
CA LYS A 715 -4.92 -11.75 -28.40
C LYS A 715 -3.41 -11.99 -28.65
N GLY A 716 -2.59 -11.91 -27.60
CA GLY A 716 -1.16 -12.14 -27.66
C GLY A 716 -0.80 -13.62 -27.71
N LEU A 717 -1.69 -14.44 -27.17
CA LEU A 717 -1.53 -15.89 -27.18
C LEU A 717 -1.74 -16.42 -28.62
N LYS A 718 -2.24 -15.54 -29.53
CA LYS A 718 -2.45 -15.82 -30.96
C LYS A 718 -1.11 -15.87 -31.74
N LEU A 719 -0.13 -16.55 -31.14
CA LEU A 719 1.19 -16.94 -31.64
C LEU A 719 1.03 -18.45 -31.55
N GLU A 720 0.04 -18.93 -32.31
CA GLU A 720 -0.38 -20.33 -32.34
C GLU A 720 -0.36 -20.97 -33.73
N SER A 721 0.49 -21.99 -33.85
CA SER A 721 0.68 -22.86 -35.01
C SER A 721 1.05 -24.22 -34.43
N PHE A 722 0.00 -25.03 -34.10
CA PHE A 722 0.15 -26.34 -33.49
C PHE A 722 -0.48 -27.46 -34.33
N ALA A 723 0.32 -28.53 -34.60
CA ALA A 723 -0.05 -29.70 -35.39
C ALA A 723 -0.33 -30.91 -34.50
N LEU B 8 -15.98 -1.07 -28.10
CA LEU B 8 -16.14 -1.68 -26.78
C LEU B 8 -14.87 -2.44 -26.31
N ARG B 9 -14.74 -3.75 -26.69
CA ARG B 9 -13.63 -4.67 -26.34
C ARG B 9 -13.32 -4.93 -24.84
N PRO B 10 -13.52 -6.18 -24.34
CA PRO B 10 -14.12 -7.34 -25.03
C PRO B 10 -15.65 -7.34 -25.02
N ILE B 11 -16.22 -7.87 -26.06
CA ILE B 11 -17.65 -8.00 -26.24
C ILE B 11 -18.09 -9.27 -25.47
N ALA B 12 -19.39 -9.34 -25.06
CA ALA B 12 -20.00 -10.47 -24.34
C ALA B 12 -19.39 -10.88 -22.98
N THR B 13 -18.98 -9.92 -22.15
CA THR B 13 -18.47 -10.27 -20.81
C THR B 13 -19.67 -10.46 -19.85
N PRO B 14 -19.58 -11.25 -18.74
CA PRO B 14 -20.75 -11.41 -17.84
C PRO B 14 -21.18 -10.11 -17.13
N TYR B 15 -20.20 -9.30 -16.75
CA TYR B 15 -20.40 -8.01 -16.08
C TYR B 15 -19.83 -6.84 -16.89
N PRO B 16 -20.25 -5.56 -16.63
CA PRO B 16 -19.69 -4.43 -17.39
C PRO B 16 -18.16 -4.34 -17.44
N VAL B 17 -17.63 -3.98 -18.63
CA VAL B 17 -16.18 -3.79 -18.84
C VAL B 17 -15.74 -2.46 -18.20
N LYS B 18 -15.20 -2.54 -16.97
CA LYS B 18 -14.76 -1.40 -16.20
C LYS B 18 -13.71 -0.51 -16.92
N GLU B 19 -12.91 -1.11 -17.81
CA GLU B 19 -11.86 -0.40 -18.56
C GLU B 19 -12.40 0.37 -19.77
N TRP B 20 -13.70 0.20 -20.10
CA TRP B 20 -14.46 0.87 -21.17
C TRP B 20 -15.36 1.96 -20.53
N LEU B 21 -16.04 1.65 -19.41
CA LEU B 21 -16.86 2.62 -18.69
C LEU B 21 -15.97 3.82 -18.29
N GLN B 22 -14.72 3.55 -17.88
CA GLN B 22 -13.74 4.55 -17.57
C GLN B 22 -12.44 4.17 -18.30
N PRO B 23 -12.21 4.72 -19.54
CA PRO B 23 -10.96 4.38 -20.27
C PRO B 23 -9.65 4.68 -19.55
N LYS B 24 -9.69 5.55 -18.52
CA LYS B 24 -8.53 5.92 -17.70
C LYS B 24 -8.05 4.73 -16.85
N ARG B 25 -8.99 3.76 -16.57
CA ARG B 25 -8.65 2.55 -15.82
C ARG B 25 -7.69 1.71 -16.67
N TYR B 26 -7.97 1.66 -17.98
CA TYR B 26 -7.16 0.92 -18.93
C TYR B 26 -5.78 1.54 -19.13
N LYS B 27 -5.71 2.89 -19.19
CA LYS B 27 -4.44 3.62 -19.30
C LYS B 27 -3.55 3.32 -18.08
N ALA B 28 -4.09 3.39 -16.85
CA ALA B 28 -3.29 3.07 -15.67
C ALA B 28 -2.73 1.63 -15.73
N HIS B 29 -3.55 0.68 -16.17
CA HIS B 29 -3.17 -0.71 -16.31
C HIS B 29 -2.08 -0.86 -17.33
N LEU B 30 -2.24 -0.18 -18.50
CA LEU B 30 -1.26 -0.14 -19.60
C LEU B 30 0.10 0.38 -19.08
N MET B 31 0.12 1.19 -18.01
CA MET B 31 1.35 1.70 -17.41
C MET B 31 1.83 0.88 -16.20
N GLY B 32 1.27 -0.33 -16.06
CA GLY B 32 1.61 -1.29 -15.03
C GLY B 32 1.33 -0.84 -13.60
N THR B 33 0.19 -0.17 -13.38
CA THR B 33 -0.22 0.28 -12.05
C THR B 33 -1.74 0.20 -11.85
N THR B 34 -2.20 0.28 -10.59
CA THR B 34 -3.62 0.26 -10.25
C THR B 34 -4.17 1.65 -10.51
N TYR B 35 -5.36 1.70 -11.09
CA TYR B 35 -6.04 2.97 -11.31
C TYR B 35 -6.37 3.58 -9.92
N VAL B 36 -6.09 4.90 -9.71
CA VAL B 36 -6.33 5.55 -8.41
C VAL B 36 -7.61 5.18 -7.71
N TYR B 37 -8.76 5.24 -8.42
CA TYR B 37 -10.06 4.99 -7.83
C TYR B 37 -10.29 3.58 -7.34
N ASP B 38 -9.40 2.65 -7.75
CA ASP B 38 -9.44 1.26 -7.37
C ASP B 38 -8.61 0.95 -6.14
N PHE B 39 -7.80 1.91 -5.68
CA PHE B 39 -6.99 1.75 -4.47
C PHE B 39 -7.85 1.58 -3.19
N PRO B 40 -8.93 2.37 -2.94
CA PRO B 40 -9.78 2.08 -1.77
C PRO B 40 -10.25 0.62 -1.69
N GLU B 41 -10.59 -0.01 -2.85
CA GLU B 41 -10.95 -1.43 -2.90
C GLU B 41 -9.81 -2.35 -2.43
N LEU B 42 -8.54 -1.99 -2.73
CA LEU B 42 -7.37 -2.77 -2.30
C LEU B 42 -7.24 -2.68 -0.80
N PHE B 43 -7.50 -1.49 -0.21
CA PHE B 43 -7.51 -1.28 1.25
C PHE B 43 -8.63 -2.08 1.90
N ARG B 44 -9.80 -2.22 1.24
CA ARG B 44 -10.91 -3.02 1.76
C ARG B 44 -10.51 -4.51 1.78
N GLN B 45 -9.95 -5.03 0.65
CA GLN B 45 -9.47 -6.40 0.53
C GLN B 45 -8.40 -6.70 1.60
N ALA B 46 -7.37 -5.83 1.72
CA ALA B 46 -6.28 -5.97 2.71
C ALA B 46 -6.81 -5.96 4.14
N SER B 47 -7.78 -5.05 4.46
CA SER B 47 -8.43 -4.94 5.76
C SER B 47 -9.24 -6.19 6.10
N SER B 48 -9.95 -6.76 5.12
CA SER B 48 -10.72 -7.97 5.27
C SER B 48 -9.78 -9.17 5.55
N SER B 49 -8.57 -9.19 4.92
CA SER B 49 -7.56 -10.23 5.11
C SER B 49 -7.02 -10.17 6.54
N GLN B 50 -6.84 -8.95 7.08
CA GLN B 50 -6.39 -8.72 8.45
C GLN B 50 -7.31 -9.46 9.40
N TRP B 51 -8.63 -9.34 9.19
CA TRP B 51 -9.63 -10.02 10.01
C TRP B 51 -9.53 -11.52 9.90
N LYS B 52 -9.42 -12.06 8.67
CA LYS B 52 -9.31 -13.50 8.40
C LYS B 52 -8.11 -14.13 9.07
N ASN B 53 -6.97 -13.44 9.05
CA ASN B 53 -5.73 -13.89 9.68
C ASN B 53 -5.83 -13.80 11.21
N PHE B 54 -6.59 -12.85 11.74
CA PHE B 54 -6.75 -12.66 13.18
C PHE B 54 -7.72 -13.67 13.77
N SER B 55 -8.98 -13.67 13.30
CA SER B 55 -10.00 -14.57 13.78
C SER B 55 -10.78 -14.99 12.57
N ALA B 56 -10.45 -16.17 12.03
CA ALA B 56 -11.06 -16.72 10.81
C ALA B 56 -12.60 -16.78 10.81
N ASP B 57 -13.20 -16.90 12.01
CA ASP B 57 -14.64 -17.02 12.19
C ASP B 57 -15.43 -15.70 12.13
N VAL B 58 -14.75 -14.55 12.19
CA VAL B 58 -15.40 -13.23 12.15
C VAL B 58 -16.22 -12.97 10.87
N LYS B 59 -17.50 -12.59 11.06
CA LYS B 59 -18.41 -12.29 9.98
C LYS B 59 -18.30 -10.80 9.71
N LEU B 60 -17.74 -10.42 8.55
CA LEU B 60 -17.60 -8.99 8.25
C LEU B 60 -18.70 -8.56 7.32
N THR B 61 -19.14 -7.30 7.44
CA THR B 61 -20.12 -6.71 6.53
C THR B 61 -19.49 -5.45 5.96
N ASP B 62 -19.94 -5.01 4.79
CA ASP B 62 -19.38 -3.85 4.11
C ASP B 62 -19.29 -2.55 4.93
N ASP B 63 -20.08 -2.43 6.01
CA ASP B 63 -20.06 -1.25 6.90
C ASP B 63 -18.78 -1.15 7.76
N PHE B 64 -17.94 -2.20 7.75
CA PHE B 64 -16.67 -2.29 8.49
C PHE B 64 -15.62 -1.38 7.84
N PHE B 65 -15.79 -1.06 6.55
CA PHE B 65 -14.87 -0.24 5.78
C PHE B 65 -15.66 0.82 5.01
N ILE B 66 -15.23 2.09 5.11
CA ILE B 66 -15.82 3.24 4.41
C ILE B 66 -14.70 4.08 3.81
N SER B 67 -14.85 4.40 2.53
CA SER B 67 -13.90 5.28 1.86
C SER B 67 -14.69 6.42 1.27
N ASN B 68 -14.31 7.66 1.58
CA ASN B 68 -14.97 8.86 1.08
C ASN B 68 -13.90 9.72 0.45
N GLU B 69 -14.09 10.06 -0.84
CA GLU B 69 -13.14 10.91 -1.54
C GLU B 69 -13.20 12.33 -0.95
N LEU B 70 -12.04 12.94 -0.81
CA LEU B 70 -11.91 14.32 -0.33
C LEU B 70 -11.58 15.22 -1.50
N ILE B 71 -12.36 16.25 -1.70
CA ILE B 71 -12.13 17.26 -2.74
C ILE B 71 -12.28 18.64 -2.10
N GLU B 72 -11.72 19.65 -2.73
CA GLU B 72 -11.85 21.01 -2.24
C GLU B 72 -13.16 21.62 -2.68
N ASP B 73 -13.81 22.34 -1.74
CA ASP B 73 -15.03 23.07 -2.05
C ASP B 73 -14.68 24.40 -2.72
N GLU B 74 -15.67 25.29 -2.93
CA GLU B 74 -15.49 26.60 -3.59
C GLU B 74 -14.47 27.49 -2.87
N ASN B 75 -14.38 27.38 -1.54
CA ASN B 75 -13.46 28.14 -0.69
C ASN B 75 -12.15 27.38 -0.37
N GLY B 76 -11.87 26.34 -1.16
CA GLY B 76 -10.67 25.53 -1.05
C GLY B 76 -10.55 24.68 0.20
N GLU B 77 -11.68 24.42 0.87
CA GLU B 77 -11.74 23.58 2.07
C GLU B 77 -12.10 22.16 1.69
N LEU B 78 -11.37 21.19 2.27
CA LEU B 78 -11.61 19.77 2.00
C LEU B 78 -12.99 19.31 2.46
N THR B 79 -13.70 18.59 1.60
CA THR B 79 -15.03 18.03 1.89
C THR B 79 -15.19 16.64 1.31
N GLU B 80 -16.02 15.80 1.96
CA GLU B 80 -16.27 14.44 1.50
C GLU B 80 -17.26 14.46 0.32
N VAL B 81 -16.97 13.65 -0.73
CA VAL B 81 -17.83 13.50 -1.92
C VAL B 81 -18.00 12.06 -2.34
N GLU B 82 -19.07 11.81 -3.10
CA GLU B 82 -19.38 10.53 -3.73
C GLU B 82 -19.63 10.91 -5.18
N ARG B 83 -18.66 10.63 -6.05
CA ARG B 83 -18.78 11.00 -7.46
C ARG B 83 -18.27 9.85 -8.34
N GLU B 84 -18.47 9.93 -9.64
CA GLU B 84 -17.97 8.87 -10.49
C GLU B 84 -16.44 8.95 -10.59
N PRO B 85 -15.72 7.80 -10.64
CA PRO B 85 -14.26 7.88 -10.81
C PRO B 85 -13.90 8.57 -12.14
N GLY B 86 -12.74 9.21 -12.19
CA GLY B 86 -12.26 9.88 -13.39
C GLY B 86 -12.78 11.29 -13.60
N ALA B 87 -13.53 11.80 -12.61
CA ALA B 87 -14.10 13.14 -12.68
C ALA B 87 -13.13 14.21 -12.11
N ASN B 88 -11.96 13.78 -11.57
CA ASN B 88 -10.97 14.67 -10.98
C ASN B 88 -10.44 15.70 -11.97
N ALA B 89 -10.58 16.98 -11.60
CA ALA B 89 -10.12 18.10 -12.40
C ALA B 89 -8.60 18.37 -12.17
N ILE B 90 -7.99 17.79 -11.11
CA ILE B 90 -6.55 17.86 -10.83
C ILE B 90 -5.96 16.43 -10.81
N GLY B 91 -4.63 16.31 -10.93
CA GLY B 91 -3.93 15.03 -10.97
C GLY B 91 -3.55 14.43 -9.63
N MET B 92 -4.23 14.83 -8.55
CA MET B 92 -4.00 14.37 -7.18
C MET B 92 -5.35 14.11 -6.56
N VAL B 93 -5.51 12.93 -5.93
CA VAL B 93 -6.78 12.51 -5.33
C VAL B 93 -6.55 12.08 -3.89
N ALA B 94 -7.58 12.16 -3.05
CA ALA B 94 -7.49 11.76 -1.65
C ALA B 94 -8.75 11.11 -1.20
N PHE B 95 -8.62 10.25 -0.18
CA PHE B 95 -9.73 9.51 0.42
C PHE B 95 -9.59 9.50 1.93
N LYS B 96 -10.71 9.65 2.64
CA LYS B 96 -10.71 9.49 4.10
C LYS B 96 -11.25 8.07 4.33
N ILE B 97 -10.42 7.24 4.98
CA ILE B 97 -10.76 5.85 5.26
C ILE B 97 -11.10 5.61 6.72
N THR B 98 -12.25 4.94 6.96
CA THR B 98 -12.69 4.59 8.29
C THR B 98 -12.84 3.07 8.29
N VAL B 99 -11.93 2.37 8.98
CA VAL B 99 -11.92 0.92 9.07
C VAL B 99 -12.00 0.41 10.50
N LYS B 100 -12.78 -0.67 10.71
CA LYS B 100 -12.88 -1.42 11.95
C LYS B 100 -11.82 -2.53 11.78
N THR B 101 -10.74 -2.46 12.54
CA THR B 101 -9.65 -3.44 12.44
C THR B 101 -9.56 -4.32 13.72
N PRO B 102 -8.83 -5.46 13.76
CA PRO B 102 -8.74 -6.22 15.02
C PRO B 102 -8.27 -5.37 16.21
N GLU B 103 -7.38 -4.41 16.01
CA GLU B 103 -6.91 -3.54 17.11
C GLU B 103 -7.81 -2.33 17.42
N TYR B 104 -8.69 -1.95 16.47
CA TYR B 104 -9.65 -0.86 16.59
C TYR B 104 -11.01 -1.34 16.05
N PRO B 105 -11.67 -2.29 16.78
CA PRO B 105 -12.93 -2.86 16.27
C PRO B 105 -14.09 -1.88 16.08
N ARG B 106 -14.04 -0.72 16.75
CA ARG B 106 -15.07 0.32 16.63
C ARG B 106 -14.69 1.33 15.53
N GLY B 107 -13.47 1.20 14.98
CA GLY B 107 -12.99 2.02 13.88
C GLY B 107 -11.75 2.84 14.12
N ARG B 108 -10.97 3.04 13.07
CA ARG B 108 -9.78 3.89 13.03
C ARG B 108 -9.79 4.63 11.69
N GLN B 109 -9.22 5.83 11.65
CA GLN B 109 -9.21 6.64 10.45
C GLN B 109 -7.82 6.97 9.96
N PHE B 110 -7.72 7.23 8.64
CA PHE B 110 -6.52 7.65 7.95
C PHE B 110 -6.86 8.26 6.62
N VAL B 111 -5.90 9.00 6.05
CA VAL B 111 -6.09 9.64 4.75
C VAL B 111 -5.13 8.99 3.75
N VAL B 112 -5.63 8.80 2.54
CA VAL B 112 -4.82 8.27 1.46
C VAL B 112 -4.72 9.38 0.39
N VAL B 113 -3.49 9.90 0.08
CA VAL B 113 -3.25 10.87 -1.01
C VAL B 113 -2.62 10.06 -2.14
N ALA B 114 -2.95 10.37 -3.37
CA ALA B 114 -2.38 9.62 -4.46
C ALA B 114 -2.29 10.43 -5.71
N ASN B 115 -1.26 10.18 -6.52
CA ASN B 115 -1.14 10.81 -7.83
C ASN B 115 -2.06 10.07 -8.79
N ASP B 116 -2.67 10.79 -9.75
CA ASP B 116 -3.41 10.09 -10.80
C ASP B 116 -2.46 10.03 -12.00
N ILE B 117 -1.81 8.87 -12.24
CA ILE B 117 -0.86 8.67 -13.34
C ILE B 117 -1.47 8.93 -14.72
N THR B 118 -2.83 8.84 -14.84
CA THR B 118 -3.56 9.06 -16.09
C THR B 118 -3.79 10.55 -16.35
N PHE B 119 -3.59 11.40 -15.35
CA PHE B 119 -3.78 12.85 -15.46
C PHE B 119 -2.44 13.50 -15.69
N LYS B 120 -2.20 14.01 -16.91
CA LYS B 120 -0.97 14.68 -17.31
C LYS B 120 0.28 13.93 -16.77
N ILE B 121 0.35 12.61 -17.06
CA ILE B 121 1.40 11.65 -16.70
C ILE B 121 1.74 11.62 -15.20
N GLY B 122 0.78 12.02 -14.36
CA GLY B 122 0.92 12.07 -12.92
C GLY B 122 1.87 13.16 -12.45
N SER B 123 2.15 14.17 -13.31
CA SER B 123 3.04 15.28 -13.01
C SER B 123 2.49 16.15 -11.90
N PHE B 124 3.37 16.84 -11.17
CA PHE B 124 2.99 17.76 -10.10
C PHE B 124 2.96 19.20 -10.64
N GLY B 125 1.78 19.77 -10.70
CA GLY B 125 1.57 21.16 -11.06
C GLY B 125 1.20 21.93 -9.78
N PRO B 126 1.05 23.26 -9.84
CA PRO B 126 0.69 24.02 -8.63
C PRO B 126 -0.57 23.55 -7.90
N GLN B 127 -1.60 23.13 -8.65
CA GLN B 127 -2.88 22.67 -8.07
C GLN B 127 -2.78 21.33 -7.33
N GLU B 128 -1.93 20.41 -7.84
CA GLU B 128 -1.72 19.10 -7.22
C GLU B 128 -0.93 19.30 -5.93
N ASP B 129 0.03 20.25 -5.95
CA ASP B 129 0.89 20.62 -4.84
C ASP B 129 0.07 21.25 -3.72
N GLU B 130 -0.82 22.21 -4.07
CA GLU B 130 -1.64 22.81 -3.04
C GLU B 130 -2.63 21.85 -2.40
N PHE B 131 -3.18 20.90 -3.18
CA PHE B 131 -4.10 19.87 -2.71
C PHE B 131 -3.35 18.87 -1.80
N PHE B 132 -2.16 18.41 -2.23
CA PHE B 132 -1.34 17.47 -1.44
C PHE B 132 -1.03 18.08 -0.10
N ASN B 133 -0.68 19.38 -0.08
CA ASN B 133 -0.39 20.10 1.14
C ASN B 133 -1.65 20.23 2.01
N LYS B 134 -2.78 20.59 1.41
CA LYS B 134 -4.05 20.73 2.11
C LYS B 134 -4.43 19.41 2.82
N VAL B 135 -4.29 18.26 2.12
CA VAL B 135 -4.56 16.91 2.63
C VAL B 135 -3.62 16.56 3.79
N THR B 136 -2.33 16.90 3.67
CA THR B 136 -1.32 16.68 4.71
C THR B 136 -1.68 17.44 5.98
N GLU B 137 -2.06 18.73 5.84
CA GLU B 137 -2.50 19.57 6.96
C GLU B 137 -3.78 19.04 7.63
N TYR B 138 -4.69 18.48 6.81
CA TYR B 138 -5.94 17.87 7.24
C TYR B 138 -5.65 16.68 8.17
N ALA B 139 -4.70 15.79 7.77
CA ALA B 139 -4.33 14.63 8.57
C ALA B 139 -3.65 15.09 9.87
N ARG B 140 -2.68 16.01 9.75
CA ARG B 140 -1.94 16.57 10.87
C ARG B 140 -2.85 17.20 11.91
N LYS B 141 -3.83 18.03 11.48
CA LYS B 141 -4.78 18.67 12.40
C LYS B 141 -5.53 17.59 13.22
N ARG B 142 -5.92 16.50 12.57
CA ARG B 142 -6.64 15.39 13.18
C ARG B 142 -5.76 14.35 13.89
N GLY B 143 -4.45 14.39 13.68
CA GLY B 143 -3.51 13.43 14.24
C GLY B 143 -3.55 12.05 13.60
N ILE B 144 -4.27 11.90 12.48
CA ILE B 144 -4.48 10.60 11.81
C ILE B 144 -3.41 10.31 10.77
N PRO B 145 -3.04 9.02 10.53
CA PRO B 145 -1.99 8.72 9.55
C PRO B 145 -2.22 9.24 8.13
N ARG B 146 -1.12 9.57 7.43
CA ARG B 146 -1.14 10.01 6.04
C ARG B 146 -0.39 9.01 5.21
N ILE B 147 -1.10 8.26 4.34
CA ILE B 147 -0.58 7.25 3.40
C ILE B 147 -0.51 7.96 2.06
N TYR B 148 0.63 7.91 1.40
CA TYR B 148 0.83 8.48 0.08
C TYR B 148 1.13 7.37 -0.93
N LEU B 149 0.39 7.34 -2.02
CA LEU B 149 0.59 6.36 -3.08
C LEU B 149 1.22 7.12 -4.26
N ALA B 150 2.52 6.90 -4.46
CA ALA B 150 3.32 7.61 -5.43
C ALA B 150 3.36 6.94 -6.76
N ALA B 151 2.90 7.64 -7.80
CA ALA B 151 2.86 7.19 -9.20
C ALA B 151 2.91 8.49 -10.03
N ASN B 152 4.13 8.99 -10.32
CA ASN B 152 4.28 10.32 -10.94
C ASN B 152 5.44 10.48 -11.90
N SER B 153 5.50 11.65 -12.57
CA SER B 153 6.56 12.05 -13.49
C SER B 153 7.30 13.30 -12.96
N GLY B 154 7.16 13.57 -11.66
CA GLY B 154 7.76 14.73 -11.01
C GLY B 154 7.03 16.02 -11.34
N ALA B 155 7.70 17.18 -11.12
CA ALA B 155 7.19 18.50 -11.42
C ALA B 155 6.79 18.61 -12.88
N ARG B 156 5.67 19.28 -13.15
CA ARG B 156 5.14 19.52 -14.49
C ARG B 156 6.06 20.49 -15.22
N ILE B 157 6.20 20.29 -16.55
CA ILE B 157 7.02 21.16 -17.40
C ILE B 157 6.25 21.58 -18.65
N GLY B 158 6.53 22.79 -19.12
CA GLY B 158 5.86 23.33 -20.29
C GLY B 158 6.55 24.54 -20.86
N MET B 159 5.96 25.09 -21.94
CA MET B 159 6.42 26.27 -22.65
C MET B 159 5.19 27.05 -23.04
N ALA B 160 5.38 28.35 -23.35
CA ALA B 160 4.31 29.24 -23.78
C ALA B 160 3.97 28.87 -25.23
N GLU B 161 3.05 27.89 -25.36
CA GLU B 161 2.61 27.34 -26.63
C GLU B 161 1.97 28.37 -27.58
N GLU B 162 1.44 29.49 -27.04
CA GLU B 162 0.86 30.58 -27.81
C GLU B 162 1.92 31.40 -28.57
N ILE B 163 3.14 31.48 -28.03
CA ILE B 163 4.27 32.23 -28.60
C ILE B 163 4.98 31.41 -29.72
N VAL B 164 4.79 30.08 -29.70
CA VAL B 164 5.37 29.15 -30.68
C VAL B 164 4.97 29.52 -32.14
N PRO B 165 3.66 29.72 -32.49
CA PRO B 165 3.35 30.11 -33.88
C PRO B 165 3.55 31.60 -34.19
N LEU B 166 3.83 32.44 -33.18
CA LEU B 166 3.96 33.89 -33.37
C LEU B 166 5.38 34.44 -33.52
N PHE B 167 6.36 33.88 -32.76
CA PHE B 167 7.75 34.37 -32.77
C PHE B 167 8.42 34.46 -34.12
N GLN B 168 9.34 35.41 -34.22
CA GLN B 168 10.11 35.69 -35.42
C GLN B 168 11.57 35.67 -35.07
N VAL B 169 12.43 35.47 -36.07
CA VAL B 169 13.88 35.41 -35.88
C VAL B 169 14.56 36.56 -36.66
N ALA B 170 15.40 37.31 -35.94
CA ALA B 170 16.20 38.42 -36.48
C ALA B 170 17.53 37.81 -36.92
N TRP B 171 17.56 37.32 -38.17
CA TRP B 171 18.70 36.67 -38.82
C TRP B 171 19.82 37.66 -39.06
N ASN B 172 21.08 37.19 -38.95
CA ASN B 172 22.24 38.01 -39.26
C ASN B 172 22.23 38.31 -40.77
N ASP B 173 21.93 37.26 -41.56
CA ASP B 173 21.80 37.27 -43.02
C ASP B 173 20.58 36.41 -43.33
N ALA B 174 19.48 37.03 -43.77
CA ALA B 174 18.22 36.32 -44.06
C ALA B 174 18.38 35.17 -45.06
N ALA B 175 19.20 35.37 -46.13
CA ALA B 175 19.50 34.39 -47.19
C ALA B 175 20.28 33.16 -46.68
N ASN B 176 21.03 33.31 -45.55
CA ASN B 176 21.82 32.26 -44.90
C ASN B 176 21.45 32.08 -43.42
N PRO B 177 20.42 31.25 -43.14
CA PRO B 177 20.01 31.04 -41.72
C PRO B 177 21.11 30.46 -40.84
N ASP B 178 21.91 29.52 -41.40
CA ASP B 178 23.04 28.83 -40.76
C ASP B 178 24.06 29.79 -40.11
N LYS B 179 24.20 31.02 -40.67
CA LYS B 179 25.12 32.06 -40.21
C LYS B 179 24.83 32.66 -38.82
N GLY B 180 23.65 32.36 -38.26
CA GLY B 180 23.25 32.82 -36.93
C GLY B 180 22.09 33.79 -36.87
N PHE B 181 21.68 34.12 -35.62
CA PHE B 181 20.58 35.05 -35.33
C PHE B 181 20.90 35.96 -34.12
N GLN B 182 20.35 37.18 -34.13
CA GLN B 182 20.57 38.22 -33.10
C GLN B 182 19.61 38.14 -31.89
N TYR B 183 18.30 37.93 -32.14
CA TYR B 183 17.24 37.85 -31.11
C TYR B 183 15.95 37.25 -31.71
N LEU B 184 14.97 36.96 -30.84
CA LEU B 184 13.65 36.49 -31.22
C LEU B 184 12.69 37.66 -31.00
N TYR B 185 11.71 37.85 -31.90
CA TYR B 185 10.79 38.98 -31.82
C TYR B 185 9.35 38.66 -32.24
N LEU B 186 8.45 39.63 -32.02
CA LEU B 186 7.06 39.57 -32.43
C LEU B 186 6.76 40.77 -33.32
N THR B 187 5.79 40.60 -34.23
CA THR B 187 5.37 41.69 -35.13
C THR B 187 4.13 42.33 -34.51
N SER B 188 3.65 43.45 -35.09
CA SER B 188 2.45 44.15 -34.63
C SER B 188 1.25 43.19 -34.65
N GLU B 189 1.14 42.35 -35.72
CA GLU B 189 0.10 41.34 -35.89
C GLU B 189 0.26 40.18 -34.93
N GLY B 190 1.49 39.89 -34.54
CA GLY B 190 1.82 38.90 -33.52
C GLY B 190 1.37 39.43 -32.17
N MET B 191 1.71 40.71 -31.87
CA MET B 191 1.32 41.42 -30.66
C MET B 191 -0.19 41.51 -30.52
N GLU B 192 -0.88 41.87 -31.64
CA GLU B 192 -2.34 41.98 -31.73
C GLU B 192 -3.05 40.66 -31.46
N THR B 193 -2.48 39.53 -31.95
CA THR B 193 -3.00 38.17 -31.72
C THR B 193 -3.09 37.92 -30.20
N LEU B 194 -2.02 38.29 -29.43
CA LEU B 194 -1.99 38.15 -27.98
C LEU B 194 -3.02 39.08 -27.31
N LYS B 195 -3.12 40.35 -27.79
CA LYS B 195 -4.07 41.37 -27.30
C LYS B 195 -5.51 40.86 -27.44
N LYS B 196 -5.84 40.28 -28.63
CA LYS B 196 -7.14 39.71 -29.00
C LYS B 196 -7.56 38.56 -28.08
N PHE B 197 -6.62 37.66 -27.74
CA PHE B 197 -6.92 36.51 -26.89
C PHE B 197 -6.66 36.73 -25.39
N ASP B 198 -6.45 38.01 -25.00
CA ASP B 198 -6.16 38.49 -23.64
C ASP B 198 -4.95 37.79 -23.00
N LYS B 199 -3.87 37.72 -23.79
CA LYS B 199 -2.61 37.07 -23.44
C LYS B 199 -1.47 38.06 -23.67
N GLU B 200 -1.70 39.35 -23.39
CA GLU B 200 -0.72 40.45 -23.56
C GLU B 200 0.51 40.22 -22.69
N ASN B 201 0.29 39.78 -21.44
CA ASN B 201 1.34 39.50 -20.45
C ASN B 201 2.04 38.14 -20.63
N SER B 202 1.84 37.45 -21.78
CA SER B 202 2.49 36.16 -22.13
C SER B 202 3.97 36.35 -22.42
N VAL B 203 4.33 37.56 -22.88
CA VAL B 203 5.70 37.96 -23.17
C VAL B 203 6.02 39.33 -22.56
N LEU B 204 7.31 39.61 -22.37
CA LEU B 204 7.86 40.86 -21.91
C LEU B 204 8.66 41.35 -23.10
N THR B 205 8.17 42.41 -23.76
CA THR B 205 8.81 42.92 -24.97
C THR B 205 9.40 44.31 -24.81
N GLU B 206 10.22 44.71 -25.78
CA GLU B 206 10.90 46.00 -25.85
C GLU B 206 10.88 46.39 -27.33
N ARG B 207 10.12 47.44 -27.70
CA ARG B 207 10.02 47.84 -29.11
C ARG B 207 11.26 48.52 -29.67
N THR B 208 11.55 48.19 -30.94
CA THR B 208 12.63 48.73 -31.76
C THR B 208 12.09 48.84 -33.18
N VAL B 209 12.66 49.73 -33.98
CA VAL B 209 12.24 49.89 -35.36
C VAL B 209 13.41 49.67 -36.32
N ILE B 210 13.42 48.53 -37.02
CA ILE B 210 14.47 48.14 -37.96
C ILE B 210 13.99 48.29 -39.41
N ASN B 211 14.62 49.25 -40.12
CA ASN B 211 14.34 49.62 -41.50
C ASN B 211 12.86 49.91 -41.75
N GLY B 212 12.31 50.82 -40.93
CA GLY B 212 10.92 51.26 -40.99
C GLY B 212 9.92 50.37 -40.27
N GLU B 213 10.19 49.04 -40.23
CA GLU B 213 9.33 48.04 -39.59
C GLU B 213 9.63 47.86 -38.12
N GLU B 214 8.57 47.91 -37.28
CA GLU B 214 8.68 47.76 -35.84
C GLU B 214 8.68 46.31 -35.42
N ARG B 215 9.69 45.95 -34.63
CA ARG B 215 9.90 44.61 -34.07
C ARG B 215 9.73 44.72 -32.58
N PHE B 216 8.99 43.77 -31.98
CA PHE B 216 8.75 43.72 -30.54
C PHE B 216 9.62 42.59 -29.98
N VAL B 217 10.88 42.95 -29.61
CA VAL B 217 11.91 42.03 -29.13
C VAL B 217 11.57 41.35 -27.82
N ILE B 218 11.44 40.01 -27.88
CA ILE B 218 11.10 39.17 -26.74
C ILE B 218 12.28 39.16 -25.76
N LYS B 219 12.06 39.74 -24.59
CA LYS B 219 13.06 39.86 -23.54
C LYS B 219 12.88 38.72 -22.49
N THR B 220 11.62 38.26 -22.30
CA THR B 220 11.25 37.14 -21.42
C THR B 220 9.93 36.53 -21.95
N ILE B 221 9.80 35.20 -21.89
CA ILE B 221 8.56 34.49 -22.24
C ILE B 221 7.99 34.02 -20.89
N ILE B 222 6.75 34.43 -20.57
CA ILE B 222 6.07 34.05 -19.33
C ILE B 222 5.04 32.93 -19.58
N GLY B 223 4.15 33.13 -20.56
CA GLY B 223 3.09 32.18 -20.88
C GLY B 223 1.82 32.43 -20.10
N SER B 224 0.67 32.16 -20.72
CA SER B 224 -0.67 32.34 -20.11
C SER B 224 -1.04 31.14 -19.23
N GLU B 225 -0.61 29.94 -19.66
CA GLU B 225 -0.85 28.70 -18.93
C GLU B 225 0.05 28.62 -17.69
N ASP B 226 -0.55 28.23 -16.56
CA ASP B 226 0.14 28.06 -15.28
C ASP B 226 0.69 26.64 -15.21
N GLY B 227 1.82 26.48 -14.56
CA GLY B 227 2.44 25.18 -14.35
C GLY B 227 3.42 24.80 -15.44
N LEU B 228 4.25 25.77 -15.87
CA LEU B 228 5.28 25.61 -16.91
C LEU B 228 6.70 25.37 -16.34
N GLY B 229 7.02 25.95 -15.18
CA GLY B 229 8.35 25.84 -14.60
C GLY B 229 8.47 26.14 -13.13
N VAL B 230 9.13 27.26 -12.79
CA VAL B 230 9.46 27.63 -11.39
C VAL B 230 8.33 27.56 -10.37
N GLU B 231 7.08 27.85 -10.81
CA GLU B 231 5.87 27.77 -9.98
C GLU B 231 5.61 26.34 -9.54
N CYS B 232 6.08 25.34 -10.35
CA CYS B 232 5.98 23.89 -10.05
C CYS B 232 7.06 23.51 -9.06
N LEU B 233 8.23 24.17 -9.18
CA LEU B 233 9.35 23.96 -8.27
C LEU B 233 9.02 24.52 -6.88
N ARG B 234 8.38 25.72 -6.83
CA ARG B 234 7.91 26.34 -5.58
C ARG B 234 6.94 25.40 -4.87
N GLY B 235 5.95 24.89 -5.61
CA GLY B 235 4.97 23.95 -5.08
C GLY B 235 5.58 22.67 -4.55
N SER B 236 6.66 22.19 -5.20
CA SER B 236 7.40 21.00 -4.80
C SER B 236 8.07 21.25 -3.46
N GLY B 237 8.66 22.43 -3.31
CA GLY B 237 9.27 22.89 -2.07
C GLY B 237 8.27 22.90 -0.94
N LEU B 238 7.06 23.46 -1.22
CA LEU B 238 5.97 23.50 -0.25
C LEU B 238 5.62 22.09 0.26
N ILE B 239 5.37 21.13 -0.64
CA ILE B 239 5.06 19.75 -0.23
C ILE B 239 6.21 18.99 0.43
N ALA B 240 7.49 19.30 0.05
CA ALA B 240 8.67 18.69 0.68
C ALA B 240 8.75 19.11 2.17
N GLY B 241 8.56 20.40 2.44
CA GLY B 241 8.56 20.95 3.79
C GLY B 241 7.40 20.41 4.60
N ALA B 242 6.22 20.32 3.96
CA ALA B 242 4.99 19.79 4.58
C ALA B 242 5.20 18.37 5.06
N THR B 243 5.88 17.52 4.25
CA THR B 243 6.13 16.10 4.54
C THR B 243 7.17 15.95 5.63
N SER B 244 8.21 16.77 5.60
CA SER B 244 9.25 16.81 6.62
C SER B 244 8.59 17.04 8.03
N ARG B 245 7.59 17.94 8.11
CA ARG B 245 6.83 18.27 9.31
C ARG B 245 5.88 17.16 9.68
N ALA B 246 5.18 16.59 8.69
CA ALA B 246 4.22 15.54 8.91
C ALA B 246 4.88 14.32 9.58
N TYR B 247 6.13 13.96 9.15
CA TYR B 247 6.88 12.82 9.70
C TYR B 247 7.07 12.89 11.23
N HIS B 248 7.17 14.10 11.78
CA HIS B 248 7.36 14.36 13.22
C HIS B 248 6.08 14.45 13.99
N ASP B 249 4.96 14.45 13.31
CA ASP B 249 3.65 14.76 13.85
C ASP B 249 2.69 13.61 13.76
N ILE B 250 2.71 12.88 12.63
CA ILE B 250 1.76 11.81 12.36
C ILE B 250 2.46 10.62 11.72
N PHE B 251 1.78 9.48 11.65
CA PHE B 251 2.36 8.31 11.01
C PHE B 251 2.31 8.56 9.49
N THR B 252 3.49 8.63 8.84
CA THR B 252 3.58 8.82 7.40
C THR B 252 4.15 7.54 6.76
N ILE B 253 3.57 7.11 5.65
CA ILE B 253 4.03 5.95 4.90
C ILE B 253 3.74 6.20 3.42
N THR B 254 4.60 5.66 2.54
CA THR B 254 4.48 5.83 1.08
C THR B 254 4.58 4.48 0.38
N LEU B 255 3.69 4.26 -0.59
CA LEU B 255 3.75 3.08 -1.43
C LEU B 255 4.16 3.58 -2.84
N VAL B 256 5.30 3.09 -3.40
CA VAL B 256 5.76 3.46 -4.75
C VAL B 256 5.16 2.45 -5.69
N THR B 257 4.21 2.90 -6.47
CA THR B 257 3.43 2.02 -7.32
C THR B 257 3.70 2.06 -8.80
N CYS B 258 4.27 3.13 -9.34
CA CYS B 258 4.50 3.09 -10.79
C CYS B 258 5.88 3.61 -11.13
N ARG B 259 6.26 4.69 -10.45
CA ARG B 259 7.55 5.37 -10.51
C ARG B 259 7.32 6.66 -9.82
N SER B 260 8.35 7.13 -9.13
CA SER B 260 8.33 8.39 -8.41
C SER B 260 9.55 9.15 -8.89
N VAL B 261 9.31 10.30 -9.53
CA VAL B 261 10.37 11.10 -10.13
C VAL B 261 10.53 12.44 -9.41
N GLY B 262 11.76 12.94 -9.32
CA GLY B 262 12.12 14.24 -8.73
C GLY B 262 11.51 14.48 -7.38
N ILE B 263 10.52 15.40 -7.28
CA ILE B 263 9.80 15.66 -6.02
C ILE B 263 9.17 14.36 -5.50
N GLY B 264 8.68 13.51 -6.41
CA GLY B 264 8.14 12.20 -6.10
C GLY B 264 9.11 11.35 -5.29
N ALA B 265 10.41 11.30 -5.72
CA ALA B 265 11.48 10.56 -5.01
C ALA B 265 11.72 11.19 -3.64
N TYR B 266 11.79 12.54 -3.55
CA TYR B 266 11.99 13.26 -2.29
C TYR B 266 10.88 13.05 -1.30
N LEU B 267 9.63 13.03 -1.78
CA LEU B 267 8.45 12.76 -0.95
C LEU B 267 8.54 11.36 -0.34
N VAL B 268 9.02 10.39 -1.14
CA VAL B 268 9.21 9.02 -0.65
C VAL B 268 10.12 9.04 0.58
N ARG B 269 11.29 9.69 0.46
CA ARG B 269 12.26 9.79 1.55
C ARG B 269 11.77 10.65 2.73
N LEU B 270 11.19 11.84 2.46
CA LEU B 270 10.73 12.74 3.53
C LEU B 270 9.67 12.16 4.46
N GLY B 271 8.82 11.25 3.94
CA GLY B 271 7.82 10.54 4.73
C GLY B 271 8.45 9.37 5.46
N GLN B 272 9.74 9.07 5.15
CA GLN B 272 10.62 8.04 5.72
C GLN B 272 10.21 6.60 5.42
N ARG B 273 9.07 6.14 6.01
CA ARG B 273 8.53 4.79 5.83
C ARG B 273 8.09 4.58 4.35
N ALA B 274 8.73 3.67 3.64
CA ALA B 274 8.45 3.44 2.23
C ALA B 274 8.41 1.97 1.88
N ILE B 275 7.43 1.61 1.05
CA ILE B 275 7.27 0.25 0.52
C ILE B 275 7.35 0.43 -0.99
N GLN B 276 8.31 -0.27 -1.61
CA GLN B 276 8.52 -0.16 -3.05
C GLN B 276 8.07 -1.40 -3.80
N VAL B 277 7.18 -1.26 -4.77
CA VAL B 277 6.68 -2.39 -5.55
C VAL B 277 7.79 -2.77 -6.56
N GLU B 278 8.12 -4.06 -6.64
CA GLU B 278 9.14 -4.58 -7.53
C GLU B 278 8.96 -4.08 -8.96
N GLY B 279 10.01 -3.48 -9.50
CA GLY B 279 10.01 -2.96 -10.87
C GLY B 279 9.55 -1.54 -11.06
N GLN B 280 9.26 -0.81 -9.97
CA GLN B 280 8.79 0.59 -10.01
C GLN B 280 9.88 1.47 -9.43
N PRO B 281 10.56 2.30 -10.28
CA PRO B 281 11.72 3.07 -9.78
C PRO B 281 11.47 4.40 -9.06
N ILE B 282 12.34 4.68 -8.07
CA ILE B 282 12.44 5.94 -7.33
C ILE B 282 13.66 6.63 -7.97
N ILE B 283 13.42 7.56 -8.91
CA ILE B 283 14.50 8.25 -9.62
C ILE B 283 14.50 9.76 -9.49
N LEU B 284 15.68 10.38 -9.69
CA LEU B 284 15.82 11.83 -9.75
C LEU B 284 15.81 12.22 -11.21
N THR B 285 16.76 11.70 -12.01
CA THR B 285 16.85 11.90 -13.45
C THR B 285 16.83 10.52 -14.08
N GLY B 286 16.03 10.34 -15.12
CA GLY B 286 15.88 9.09 -15.85
C GLY B 286 17.13 8.67 -16.59
N ALA B 287 17.21 7.36 -16.89
CA ALA B 287 18.32 6.74 -17.61
C ALA B 287 18.51 7.33 -19.00
N SER B 288 17.41 7.57 -19.74
CA SER B 288 17.44 8.17 -21.08
C SER B 288 18.08 9.59 -21.06
N ALA B 289 17.64 10.46 -20.13
CA ALA B 289 18.15 11.82 -19.97
C ALA B 289 19.63 11.79 -19.57
N LEU B 290 20.01 10.86 -18.66
CA LEU B 290 21.39 10.69 -18.23
C LEU B 290 22.30 10.27 -19.39
N ASN B 291 21.81 9.39 -20.27
CA ASN B 291 22.57 8.96 -21.46
C ASN B 291 22.87 10.14 -22.39
N LYS B 292 21.89 11.06 -22.52
CA LYS B 292 22.02 12.27 -23.34
C LYS B 292 23.01 13.24 -22.72
N VAL B 293 23.03 13.32 -21.39
CA VAL B 293 23.97 14.17 -20.68
C VAL B 293 25.41 13.62 -20.75
N LEU B 294 25.59 12.28 -20.71
CA LEU B 294 26.89 11.61 -20.74
C LEU B 294 27.42 11.36 -22.16
N GLY B 295 26.53 11.46 -23.14
CA GLY B 295 26.84 11.25 -24.55
C GLY B 295 26.51 9.84 -25.01
N ARG B 296 27.10 8.84 -24.31
CA ARG B 296 26.90 7.41 -24.64
C ARG B 296 25.69 6.77 -23.93
N GLU B 297 25.18 5.64 -24.50
CA GLU B 297 24.07 4.85 -23.95
C GLU B 297 24.59 3.96 -22.82
N VAL B 298 24.87 4.60 -21.67
CA VAL B 298 25.39 4.08 -20.40
C VAL B 298 24.38 3.18 -19.66
N TYR B 299 23.16 3.67 -19.43
CA TYR B 299 22.12 2.93 -18.72
C TYR B 299 21.09 2.40 -19.67
N THR B 300 20.52 1.22 -19.37
CA THR B 300 19.50 0.59 -20.21
C THR B 300 18.12 0.59 -19.55
N SER B 301 18.07 0.91 -18.25
CA SER B 301 16.83 0.92 -17.49
C SER B 301 16.88 1.92 -16.33
N ASN B 302 15.70 2.45 -15.95
CA ASN B 302 15.56 3.32 -14.77
C ASN B 302 15.75 2.50 -13.51
N LEU B 303 15.68 1.16 -13.62
CA LEU B 303 15.84 0.24 -12.47
C LEU B 303 17.28 0.19 -11.97
N GLN B 304 18.23 0.53 -12.85
CA GLN B 304 19.64 0.63 -12.52
C GLN B 304 19.88 1.85 -11.63
N LEU B 305 19.01 2.87 -11.74
CA LEU B 305 19.10 4.07 -10.93
C LEU B 305 18.25 4.03 -9.65
N GLY B 306 17.01 3.55 -9.75
CA GLY B 306 16.08 3.54 -8.62
C GLY B 306 15.22 2.32 -8.38
N GLY B 307 15.64 1.16 -8.88
CA GLY B 307 14.93 -0.07 -8.61
C GLY B 307 15.11 -0.53 -7.17
N THR B 308 14.46 -1.64 -6.77
CA THR B 308 14.59 -2.18 -5.40
C THR B 308 16.05 -2.57 -5.09
N GLN B 309 16.78 -3.03 -6.14
CA GLN B 309 18.21 -3.42 -6.07
C GLN B 309 19.10 -2.26 -5.58
N ILE B 310 18.59 -1.01 -5.71
CA ILE B 310 19.24 0.20 -5.26
C ILE B 310 18.59 0.60 -3.93
N MET B 311 17.28 0.93 -3.96
CA MET B 311 16.52 1.50 -2.83
C MET B 311 16.25 0.63 -1.61
N TYR B 312 16.03 -0.67 -1.81
CA TYR B 312 15.79 -1.63 -0.73
C TYR B 312 17.15 -1.96 -0.10
N ASN B 313 18.21 -2.06 -0.92
CA ASN B 313 19.60 -2.26 -0.48
C ASN B 313 20.17 -1.04 0.30
N ASN B 314 19.64 0.17 0.03
CA ASN B 314 19.98 1.49 0.59
C ASN B 314 19.38 1.77 1.93
N GLY B 315 18.17 1.25 2.13
CA GLY B 315 17.35 1.58 3.28
C GLY B 315 16.43 2.75 2.98
N VAL B 316 16.32 3.18 1.68
CA VAL B 316 15.35 4.23 1.27
C VAL B 316 13.96 3.54 1.26
N SER B 317 13.92 2.28 0.75
CA SER B 317 12.75 1.42 0.74
C SER B 317 12.87 0.47 1.93
N HIS B 318 11.92 0.60 2.87
CA HIS B 318 11.91 -0.18 4.10
C HIS B 318 11.52 -1.59 3.82
N LEU B 319 10.64 -1.77 2.82
CA LEU B 319 10.15 -3.07 2.37
C LEU B 319 9.90 -2.99 0.87
N THR B 320 9.84 -4.15 0.23
CA THR B 320 9.48 -4.34 -1.15
C THR B 320 8.14 -5.11 -1.19
N ALA B 321 7.41 -5.00 -2.30
CA ALA B 321 6.12 -5.68 -2.51
C ALA B 321 6.07 -6.23 -3.94
N VAL B 322 5.56 -7.45 -4.11
CA VAL B 322 5.44 -8.10 -5.41
C VAL B 322 4.47 -7.39 -6.37
N ASP B 323 3.42 -6.78 -5.80
CA ASP B 323 2.40 -6.04 -6.53
C ASP B 323 1.72 -5.01 -5.60
N ASP B 324 0.80 -4.19 -6.15
CA ASP B 324 0.10 -3.14 -5.38
C ASP B 324 -0.65 -3.63 -4.17
N LEU B 325 -1.41 -4.74 -4.30
CA LEU B 325 -2.13 -5.30 -3.16
C LEU B 325 -1.17 -5.77 -2.06
N ALA B 326 -0.01 -6.34 -2.44
CA ALA B 326 1.02 -6.76 -1.48
C ALA B 326 1.53 -5.57 -0.70
N GLY B 327 1.70 -4.44 -1.40
CA GLY B 327 2.11 -3.18 -0.80
C GLY B 327 1.05 -2.61 0.14
N VAL B 328 -0.23 -2.65 -0.29
CA VAL B 328 -1.36 -2.19 0.55
C VAL B 328 -1.48 -3.07 1.81
N GLU B 329 -1.28 -4.40 1.65
CA GLU B 329 -1.29 -5.33 2.77
C GLU B 329 -0.21 -5.00 3.81
N LYS B 330 1.00 -4.61 3.35
CA LYS B 330 2.11 -4.22 4.22
C LYS B 330 1.85 -2.90 4.96
N ILE B 331 1.18 -1.91 4.30
CA ILE B 331 0.80 -0.64 4.94
C ILE B 331 -0.13 -0.96 6.11
N VAL B 332 -1.18 -1.71 5.82
CA VAL B 332 -2.24 -2.14 6.74
C VAL B 332 -1.66 -2.93 7.93
N GLU B 333 -0.65 -3.79 7.67
CA GLU B 333 0.04 -4.60 8.69
C GLU B 333 0.90 -3.70 9.58
N TRP B 334 1.63 -2.77 8.97
CA TRP B 334 2.48 -1.82 9.67
C TRP B 334 1.64 -0.95 10.60
N MET B 335 0.51 -0.42 10.09
CA MET B 335 -0.42 0.43 10.85
C MET B 335 -1.03 -0.26 12.06
N SER B 336 -1.11 -1.61 12.02
CA SER B 336 -1.70 -2.39 13.10
C SER B 336 -0.91 -2.26 14.44
N TYR B 337 0.35 -1.73 14.38
CA TYR B 337 1.18 -1.53 15.55
C TYR B 337 1.11 -0.12 16.07
N VAL B 338 0.50 0.77 15.28
CA VAL B 338 0.42 2.23 15.46
C VAL B 338 -0.89 2.72 16.10
N PRO B 339 -0.84 3.67 17.07
CA PRO B 339 -2.10 4.23 17.62
C PRO B 339 -3.05 4.76 16.53
N ALA B 340 -4.37 4.81 16.81
CA ALA B 340 -5.39 5.30 15.86
C ALA B 340 -5.12 6.74 15.45
N LYS B 341 -4.61 7.55 16.38
CA LYS B 341 -4.23 8.96 16.16
C LYS B 341 -3.19 9.42 17.17
N ARG B 342 -2.47 10.50 16.86
CA ARG B 342 -1.43 11.09 17.71
C ARG B 342 -1.88 11.13 19.18
N ASN B 343 -0.99 10.66 20.08
CA ASN B 343 -1.16 10.66 21.54
C ASN B 343 -2.21 9.72 22.10
N MET B 344 -2.74 8.83 21.28
CA MET B 344 -3.65 7.81 21.79
C MET B 344 -2.76 6.66 22.29
N PRO B 345 -3.20 5.82 23.26
CA PRO B 345 -2.32 4.73 23.71
C PRO B 345 -2.01 3.73 22.61
N VAL B 346 -0.89 3.01 22.73
CA VAL B 346 -0.46 2.03 21.74
C VAL B 346 -1.53 0.94 21.61
N PRO B 347 -1.88 0.47 20.39
CA PRO B 347 -2.98 -0.51 20.28
C PRO B 347 -2.62 -1.93 20.74
N ILE B 348 -3.19 -2.34 21.88
CA ILE B 348 -2.98 -3.68 22.44
C ILE B 348 -3.74 -4.68 21.56
N LEU B 349 -3.15 -5.83 21.26
CA LEU B 349 -3.80 -6.88 20.50
C LEU B 349 -3.33 -8.24 21.02
N GLU B 350 -4.10 -8.82 21.95
CA GLU B 350 -3.71 -10.13 22.51
C GLU B 350 -4.09 -11.24 21.55
N THR B 351 -3.16 -12.19 21.36
CA THR B 351 -3.40 -13.36 20.52
C THR B 351 -3.38 -14.65 21.35
N LYS B 352 -3.35 -15.85 20.73
CA LYS B 352 -3.34 -17.09 21.52
C LYS B 352 -2.09 -17.19 22.42
N ASP B 353 -1.02 -16.45 22.05
CA ASP B 353 0.26 -16.40 22.76
C ASP B 353 0.25 -15.37 23.88
N THR B 354 -0.23 -15.77 25.05
CA THR B 354 -0.33 -14.95 26.27
C THR B 354 1.06 -14.70 26.88
N TRP B 355 1.12 -13.71 27.79
CA TRP B 355 2.33 -13.30 28.47
C TRP B 355 2.92 -14.36 29.40
N ASP B 356 2.04 -15.20 30.02
CA ASP B 356 2.41 -16.14 31.07
C ASP B 356 2.98 -17.45 30.61
N ARG B 357 4.23 -17.42 30.15
CA ARG B 357 4.94 -18.61 29.66
C ARG B 357 6.44 -18.37 29.70
N PRO B 358 7.28 -19.43 29.81
CA PRO B 358 8.72 -19.19 29.72
C PRO B 358 9.14 -18.95 28.24
N VAL B 359 10.39 -18.51 28.03
CA VAL B 359 10.94 -18.31 26.70
C VAL B 359 11.67 -19.64 26.41
N ASP B 360 11.30 -20.32 25.31
CA ASP B 360 11.93 -21.63 24.99
C ASP B 360 13.27 -21.50 24.29
N PHE B 361 13.33 -20.73 23.17
CA PHE B 361 14.59 -20.62 22.45
C PHE B 361 15.64 -19.95 23.28
N THR B 362 16.74 -20.66 23.54
CA THR B 362 17.86 -20.10 24.30
C THR B 362 19.16 -20.18 23.49
N PRO B 363 19.86 -19.03 23.25
CA PRO B 363 21.14 -19.10 22.53
C PRO B 363 22.24 -19.80 23.36
N THR B 364 23.19 -20.44 22.64
CA THR B 364 24.35 -21.09 23.23
C THR B 364 25.59 -20.40 22.67
N ASN B 365 26.70 -20.44 23.41
CA ASN B 365 27.96 -19.84 22.95
C ASN B 365 28.62 -20.71 21.88
N ASP B 366 28.40 -22.02 21.94
CA ASP B 366 28.96 -22.97 20.99
C ASP B 366 28.14 -23.17 19.69
N GLU B 367 26.89 -22.69 19.64
CA GLU B 367 26.02 -22.85 18.47
C GLU B 367 25.64 -21.47 17.87
N THR B 368 25.68 -21.37 16.53
CA THR B 368 25.29 -20.14 15.85
C THR B 368 23.76 -20.08 15.78
N TYR B 369 23.20 -18.86 15.87
CA TYR B 369 21.74 -18.66 15.88
C TYR B 369 21.36 -17.43 15.10
N ASP B 370 20.10 -17.37 14.66
CA ASP B 370 19.52 -16.22 13.97
C ASP B 370 18.84 -15.46 15.10
N VAL B 371 19.17 -14.16 15.30
CA VAL B 371 18.52 -13.38 16.38
C VAL B 371 16.99 -13.45 16.31
N ARG B 372 16.41 -13.62 15.08
CA ARG B 372 14.97 -13.69 14.89
C ARG B 372 14.31 -14.79 15.70
N TRP B 373 15.07 -15.89 15.98
CA TRP B 373 14.63 -17.01 16.82
C TRP B 373 14.41 -16.55 18.27
N MET B 374 15.25 -15.62 18.75
CA MET B 374 15.12 -15.09 20.12
C MET B 374 13.93 -14.15 20.20
N ILE B 375 13.70 -13.42 19.10
CA ILE B 375 12.62 -12.46 19.00
C ILE B 375 11.24 -13.12 18.88
N GLU B 376 11.07 -14.00 17.89
CA GLU B 376 9.77 -14.58 17.54
C GLU B 376 9.61 -16.08 17.71
N GLY B 377 10.69 -16.75 18.04
CA GLY B 377 10.69 -18.20 18.18
C GLY B 377 11.09 -18.88 16.90
N ARG B 378 11.11 -20.22 16.92
CA ARG B 378 11.48 -21.01 15.74
C ARG B 378 10.83 -22.38 15.67
N GLU B 379 10.57 -22.81 14.43
CA GLU B 379 10.03 -24.13 14.18
C GLU B 379 11.14 -25.16 14.33
N THR B 380 10.85 -26.26 15.03
CA THR B 380 11.77 -27.38 15.27
C THR B 380 11.03 -28.65 14.91
N GLU B 381 11.76 -29.73 14.57
CA GLU B 381 11.17 -31.03 14.25
C GLU B 381 10.36 -31.56 15.44
N SER B 382 10.79 -31.23 16.67
CA SER B 382 10.16 -31.61 17.94
C SER B 382 9.14 -30.58 18.47
N GLY B 383 8.74 -29.62 17.63
CA GLY B 383 7.77 -28.59 17.99
C GLY B 383 8.29 -27.17 17.96
N PHE B 384 7.39 -26.18 18.00
CA PHE B 384 7.72 -24.74 17.99
C PHE B 384 8.33 -24.28 19.32
N GLU B 385 9.50 -23.62 19.26
CA GLU B 385 10.20 -23.08 20.44
C GLU B 385 9.85 -21.62 20.46
N TYR B 386 9.05 -21.19 21.44
CA TYR B 386 8.65 -19.80 21.57
C TYR B 386 9.83 -18.92 21.98
N GLY B 387 9.81 -17.68 21.47
CA GLY B 387 10.83 -16.68 21.75
C GLY B 387 10.32 -15.64 22.74
N LEU B 388 11.03 -14.50 22.81
CA LEU B 388 10.68 -13.44 23.74
C LEU B 388 9.32 -12.79 23.46
N PHE B 389 9.03 -12.53 22.17
CA PHE B 389 7.80 -11.85 21.77
C PHE B 389 6.70 -12.81 21.30
N ASP B 390 5.49 -12.26 21.09
CA ASP B 390 4.33 -13.04 20.67
C ASP B 390 4.57 -13.79 19.34
N LYS B 391 4.17 -15.06 19.28
CA LYS B 391 4.29 -15.88 18.07
C LYS B 391 3.57 -15.20 16.88
N GLY B 392 4.30 -15.05 15.77
CA GLY B 392 3.82 -14.40 14.54
C GLY B 392 3.69 -12.90 14.57
N SER B 393 4.24 -12.22 15.60
CA SER B 393 4.10 -10.77 15.71
C SER B 393 5.26 -9.96 15.15
N PHE B 394 6.36 -10.60 14.81
CA PHE B 394 7.50 -9.86 14.32
C PHE B 394 7.38 -9.41 12.88
N PHE B 395 7.28 -8.09 12.70
CA PHE B 395 7.19 -7.42 11.40
C PHE B 395 8.51 -6.64 11.18
N GLU B 396 9.47 -7.28 10.49
CA GLU B 396 10.80 -6.72 10.21
C GLU B 396 10.71 -5.71 9.10
N THR B 397 11.38 -4.55 9.29
CA THR B 397 11.48 -3.48 8.30
C THR B 397 12.97 -3.19 8.08
N LEU B 398 13.31 -2.43 7.01
CA LEU B 398 14.67 -2.08 6.57
C LEU B 398 15.48 -3.36 6.35
N SER B 399 14.79 -4.44 5.96
CA SER B 399 15.38 -5.79 5.85
C SER B 399 16.41 -5.99 4.74
N GLY B 400 16.45 -5.06 3.77
CA GLY B 400 17.38 -5.14 2.65
C GLY B 400 18.70 -4.44 2.87
N TRP B 401 18.76 -3.55 3.88
CA TRP B 401 19.90 -2.71 4.22
C TRP B 401 20.50 -3.03 5.58
N ALA B 402 21.84 -2.82 5.72
CA ALA B 402 22.66 -2.99 6.94
C ALA B 402 22.18 -4.13 7.79
N LYS B 403 22.15 -5.33 7.20
CA LYS B 403 21.62 -6.58 7.77
C LYS B 403 22.25 -7.04 9.12
N GLY B 404 23.24 -6.32 9.62
CA GLY B 404 23.93 -6.60 10.87
C GLY B 404 23.07 -6.27 12.06
N VAL B 405 22.12 -5.36 11.88
CA VAL B 405 21.13 -4.99 12.87
C VAL B 405 19.75 -5.41 12.34
N VAL B 406 18.95 -6.00 13.22
CA VAL B 406 17.61 -6.49 12.87
C VAL B 406 16.58 -5.56 13.52
N VAL B 407 15.79 -4.87 12.69
CA VAL B 407 14.78 -3.88 13.07
C VAL B 407 13.37 -4.37 12.72
N GLY B 408 12.44 -4.23 13.65
CA GLY B 408 11.04 -4.56 13.38
C GLY B 408 10.12 -4.12 14.48
N ARG B 409 8.83 -4.38 14.29
CA ARG B 409 7.77 -4.16 15.28
C ARG B 409 7.38 -5.58 15.74
N ALA B 410 6.96 -5.70 17.00
CA ALA B 410 6.52 -6.96 17.56
C ALA B 410 5.49 -6.66 18.64
N ARG B 411 4.97 -7.71 19.27
CA ARG B 411 4.02 -7.57 20.37
C ARG B 411 4.50 -8.43 21.58
N LEU B 412 4.37 -7.87 22.80
CA LEU B 412 4.73 -8.52 24.07
C LEU B 412 3.40 -8.69 24.83
N GLY B 413 2.84 -9.90 24.82
CA GLY B 413 1.54 -10.17 25.42
C GLY B 413 0.43 -9.24 24.92
N GLY B 414 0.56 -8.81 23.67
CA GLY B 414 -0.35 -7.90 22.99
C GLY B 414 0.16 -6.47 22.87
N ILE B 415 1.17 -6.07 23.70
CA ILE B 415 1.68 -4.70 23.70
C ILE B 415 2.59 -4.49 22.49
N PRO B 416 2.25 -3.54 21.56
CA PRO B 416 3.13 -3.29 20.42
C PRO B 416 4.37 -2.48 20.82
N LEU B 417 5.52 -2.78 20.21
CA LEU B 417 6.77 -2.06 20.49
C LEU B 417 7.74 -2.23 19.32
N GLY B 418 8.76 -1.39 19.27
CA GLY B 418 9.83 -1.51 18.30
C GLY B 418 10.93 -2.38 18.89
N VAL B 419 11.48 -3.28 18.08
CA VAL B 419 12.54 -4.17 18.52
C VAL B 419 13.80 -3.94 17.69
N ILE B 420 14.98 -3.88 18.35
CA ILE B 420 16.29 -3.81 17.70
C ILE B 420 17.11 -4.95 18.29
N GLY B 421 17.55 -5.85 17.41
CA GLY B 421 18.36 -7.00 17.75
C GLY B 421 19.63 -6.99 16.93
N VAL B 422 20.64 -7.79 17.33
CA VAL B 422 21.95 -7.86 16.68
C VAL B 422 22.13 -9.19 15.94
N GLU B 423 22.45 -9.11 14.64
CA GLU B 423 22.75 -10.27 13.82
C GLU B 423 24.20 -10.71 14.15
N THR B 424 24.34 -11.92 14.71
CA THR B 424 25.63 -12.48 15.11
C THR B 424 26.43 -13.03 13.94
N ARG B 425 25.74 -13.50 12.89
CA ARG B 425 26.38 -14.03 11.68
C ARG B 425 27.01 -12.92 10.83
N THR B 426 28.15 -13.20 10.18
CA THR B 426 28.83 -12.23 9.32
C THR B 426 27.90 -11.89 8.14
N VAL B 427 27.81 -10.61 7.79
CA VAL B 427 26.98 -10.14 6.70
C VAL B 427 27.85 -9.63 5.54
N GLU B 428 27.42 -9.90 4.30
CA GLU B 428 28.04 -9.44 3.06
C GLU B 428 27.09 -8.52 2.33
N ASN B 429 27.65 -7.59 1.58
CA ASN B 429 26.86 -6.67 0.77
C ASN B 429 27.66 -6.30 -0.43
N LEU B 430 26.98 -6.21 -1.58
CA LEU B 430 27.64 -5.90 -2.84
C LEU B 430 27.40 -4.47 -3.31
N ILE B 431 28.50 -3.73 -3.43
CA ILE B 431 28.46 -2.38 -3.97
C ILE B 431 28.53 -2.57 -5.50
N PRO B 432 27.50 -2.11 -6.25
CA PRO B 432 27.51 -2.35 -7.71
C PRO B 432 28.54 -1.49 -8.45
N ALA B 433 28.94 -1.92 -9.66
CA ALA B 433 29.85 -1.13 -10.48
C ALA B 433 28.98 -0.16 -11.27
N ASP B 434 29.30 1.15 -11.22
CA ASP B 434 28.53 2.16 -11.95
C ASP B 434 28.88 2.11 -13.44
N PRO B 435 27.91 1.84 -14.35
CA PRO B 435 28.23 1.82 -15.78
C PRO B 435 28.83 3.14 -16.31
N ALA B 436 28.51 4.27 -15.64
CA ALA B 436 29.00 5.61 -15.99
C ALA B 436 30.52 5.74 -15.88
N ASN B 437 31.16 4.92 -15.01
CA ASN B 437 32.62 4.90 -14.88
C ASN B 437 33.19 3.60 -15.44
N PRO B 438 33.90 3.63 -16.58
CA PRO B 438 34.48 2.40 -17.14
C PRO B 438 35.54 1.72 -16.26
N ASN B 439 36.18 2.50 -15.36
CA ASN B 439 37.22 2.05 -14.43
C ASN B 439 36.64 1.72 -13.04
N SER B 440 35.44 1.10 -13.03
CA SER B 440 34.73 0.69 -11.83
C SER B 440 34.45 -0.81 -11.84
N ALA B 441 34.56 -1.42 -10.66
CA ALA B 441 34.29 -2.83 -10.47
C ALA B 441 33.44 -2.99 -9.21
N GLU B 442 32.60 -4.04 -9.18
CA GLU B 442 31.76 -4.30 -8.02
C GLU B 442 32.60 -4.77 -6.84
N THR B 443 32.34 -4.23 -5.64
CA THR B 443 33.03 -4.61 -4.40
C THR B 443 32.13 -5.37 -3.46
N LEU B 444 32.66 -6.44 -2.85
CA LEU B 444 31.94 -7.22 -1.86
C LEU B 444 32.57 -6.95 -0.51
N ILE B 445 31.75 -6.40 0.40
CA ILE B 445 32.16 -6.03 1.75
C ILE B 445 31.59 -7.03 2.76
N GLN B 446 32.48 -7.59 3.58
CA GLN B 446 32.12 -8.49 4.67
C GLN B 446 32.22 -7.70 6.00
N GLN B 447 31.20 -7.79 6.84
CA GLN B 447 31.13 -7.08 8.12
C GLN B 447 30.78 -8.10 9.18
N ALA B 448 31.65 -8.27 10.18
CA ALA B 448 31.42 -9.20 11.29
C ALA B 448 30.20 -8.80 12.16
N GLY B 449 29.66 -9.78 12.86
CA GLY B 449 28.57 -9.62 13.81
C GLY B 449 29.02 -8.90 15.07
N GLN B 450 28.04 -8.43 15.86
CA GLN B 450 28.22 -7.72 17.13
C GLN B 450 29.16 -6.49 17.07
N VAL B 451 29.29 -5.87 15.87
CA VAL B 451 30.10 -4.66 15.64
C VAL B 451 29.23 -3.63 14.93
N TRP B 452 29.23 -2.37 15.39
CA TRP B 452 28.52 -1.29 14.71
C TRP B 452 29.42 -0.72 13.62
N PHE B 453 28.93 -0.76 12.38
CA PHE B 453 29.64 -0.16 11.25
C PHE B 453 28.84 1.10 10.83
N PRO B 454 29.39 2.05 10.04
CA PRO B 454 28.56 3.20 9.59
C PRO B 454 27.11 2.84 9.15
N ASN B 455 26.94 1.82 8.29
CA ASN B 455 25.59 1.42 7.89
C ASN B 455 24.73 0.89 9.05
N SER B 456 25.22 -0.10 9.91
CA SER B 456 24.44 -0.58 11.09
C SER B 456 24.11 0.59 12.06
N ALA B 457 25.05 1.54 12.26
CA ALA B 457 24.89 2.68 13.17
C ALA B 457 23.78 3.60 12.67
N PHE B 458 23.78 3.90 11.38
CA PHE B 458 22.77 4.70 10.72
C PHE B 458 21.40 4.01 10.82
N LYS B 459 21.32 2.67 10.53
CA LYS B 459 20.08 1.90 10.60
C LYS B 459 19.47 1.92 11.98
N THR B 460 20.31 1.77 13.03
CA THR B 460 19.86 1.76 14.43
C THR B 460 19.22 3.08 14.74
N ALA B 461 19.92 4.20 14.47
CA ALA B 461 19.44 5.57 14.70
C ALA B 461 18.14 5.80 13.97
N GLN B 462 18.07 5.38 12.68
CA GLN B 462 16.90 5.48 11.82
C GLN B 462 15.71 4.79 12.43
N ALA B 463 15.89 3.55 12.90
CA ALA B 463 14.86 2.72 13.52
C ALA B 463 14.30 3.40 14.77
N ILE B 464 15.19 3.87 15.65
CA ILE B 464 14.81 4.58 16.89
C ILE B 464 13.92 5.78 16.55
N ASN B 465 14.35 6.59 15.56
CA ASN B 465 13.58 7.77 15.16
C ASN B 465 12.24 7.39 14.56
N ASP B 466 12.18 6.33 13.72
CA ASP B 466 10.92 5.88 13.11
C ASP B 466 9.95 5.27 14.10
N PHE B 467 10.43 4.64 15.19
CA PHE B 467 9.56 4.13 16.27
C PHE B 467 8.99 5.31 17.05
N ASN B 468 9.79 6.37 17.18
CA ASN B 468 9.45 7.51 18.01
C ASN B 468 8.46 8.44 17.36
N ASN B 469 8.80 8.97 16.18
CA ASN B 469 7.98 9.90 15.43
C ASN B 469 6.84 9.16 14.77
N GLY B 470 5.62 9.69 14.95
CA GLY B 470 4.42 9.11 14.33
C GLY B 470 3.98 7.78 14.88
N GLU B 471 4.88 6.76 14.91
CA GLU B 471 4.55 5.45 15.49
C GLU B 471 4.32 5.58 17.01
N GLN B 472 5.08 6.48 17.69
CA GLN B 472 5.01 6.73 19.12
C GLN B 472 4.99 5.46 19.94
N LEU B 473 5.88 4.52 19.60
CA LEU B 473 5.95 3.22 20.26
C LEU B 473 7.01 3.13 21.33
N PRO B 474 6.83 2.25 22.37
CA PRO B 474 7.95 1.98 23.29
C PRO B 474 8.97 1.13 22.50
N MET B 475 10.14 0.93 23.05
CA MET B 475 11.13 0.18 22.32
C MET B 475 11.95 -0.75 23.25
N MET B 476 12.42 -1.90 22.71
CA MET B 476 13.37 -2.81 23.32
C MET B 476 14.58 -3.02 22.41
N ILE B 477 15.78 -2.83 22.98
CA ILE B 477 17.04 -3.06 22.28
C ILE B 477 17.69 -4.25 22.96
N LEU B 478 17.83 -5.37 22.24
CA LEU B 478 18.49 -6.56 22.73
C LEU B 478 19.99 -6.30 22.41
N ALA B 479 20.61 -5.40 23.21
CA ALA B 479 21.98 -4.89 23.04
C ALA B 479 23.02 -5.97 23.14
N ASN B 480 23.78 -6.15 22.04
CA ASN B 480 24.80 -7.19 21.93
C ASN B 480 25.87 -6.73 20.95
N TRP B 481 26.65 -5.73 21.36
CA TRP B 481 27.68 -5.10 20.55
C TRP B 481 29.00 -5.07 21.28
N ARG B 482 30.10 -5.45 20.59
CA ARG B 482 31.47 -5.43 21.14
C ARG B 482 32.10 -4.04 21.00
N GLY B 483 31.49 -3.18 20.22
CA GLY B 483 31.93 -1.80 20.00
C GLY B 483 31.65 -1.35 18.59
N PHE B 484 32.24 -0.22 18.21
CA PHE B 484 32.12 0.31 16.85
C PHE B 484 33.36 -0.16 16.08
N SER B 485 33.30 -0.18 14.75
CA SER B 485 34.49 -0.52 13.97
C SER B 485 35.41 0.70 13.97
N GLY B 486 36.57 0.55 14.58
CA GLY B 486 37.56 1.60 14.72
C GLY B 486 38.68 1.56 13.70
N GLY B 487 38.55 0.74 12.66
CA GLY B 487 39.54 0.62 11.60
C GLY B 487 39.54 1.81 10.65
N GLN B 488 40.59 1.92 9.81
CA GLN B 488 40.72 3.04 8.90
C GLN B 488 39.54 3.26 7.98
N ARG B 489 39.07 2.21 7.28
CA ARG B 489 37.94 2.31 6.34
C ARG B 489 36.70 2.91 7.00
N ASP B 490 36.28 2.36 8.14
CA ASP B 490 35.06 2.80 8.83
C ASP B 490 35.19 4.14 9.52
N MET B 491 36.41 4.47 9.96
CA MET B 491 36.68 5.77 10.57
C MET B 491 36.59 6.83 9.48
N PHE B 492 37.21 6.56 8.33
CA PHE B 492 37.15 7.43 7.17
C PHE B 492 35.70 7.54 6.68
N ASN B 493 34.90 6.44 6.75
CA ASN B 493 33.49 6.46 6.35
C ASN B 493 32.56 6.98 7.42
N GLU B 494 33.11 7.80 8.33
CA GLU B 494 32.40 8.56 9.35
C GLU B 494 31.58 7.76 10.37
N VAL B 495 32.06 6.59 10.83
CA VAL B 495 31.36 5.83 11.87
C VAL B 495 30.97 6.70 13.10
N LEU B 496 31.81 7.69 13.49
CA LEU B 496 31.58 8.61 14.61
C LEU B 496 30.30 9.42 14.43
N LYS B 497 30.00 9.83 13.18
CA LYS B 497 28.83 10.61 12.84
C LYS B 497 27.58 9.76 13.06
N TYR B 498 27.59 8.54 12.53
CA TYR B 498 26.46 7.62 12.63
C TYR B 498 26.19 7.13 14.02
N GLY B 499 27.24 6.86 14.77
CA GLY B 499 27.16 6.51 16.18
C GLY B 499 26.54 7.64 16.98
N SER B 500 26.91 8.91 16.69
CA SER B 500 26.34 10.09 17.33
C SER B 500 24.83 10.28 17.08
N PHE B 501 24.36 9.92 15.88
CA PHE B 501 22.93 9.97 15.54
C PHE B 501 22.16 9.07 16.52
N ILE B 502 22.75 7.91 16.95
CA ILE B 502 22.09 7.00 17.91
C ILE B 502 21.79 7.76 19.21
N VAL B 503 22.78 8.51 19.74
CA VAL B 503 22.64 9.31 20.96
C VAL B 503 21.51 10.31 20.78
N ASP B 504 21.56 11.10 19.68
CA ASP B 504 20.51 12.08 19.38
C ASP B 504 19.14 11.46 19.30
N ALA B 505 19.03 10.28 18.68
CA ALA B 505 17.75 9.57 18.54
C ALA B 505 17.17 9.17 19.90
N LEU B 506 18.02 8.70 20.84
CA LEU B 506 17.65 8.33 22.23
C LEU B 506 17.28 9.52 23.09
N VAL B 507 18.01 10.64 22.96
CA VAL B 507 17.69 11.90 23.65
C VAL B 507 16.23 12.36 23.32
N ASP B 508 15.80 12.19 22.06
CA ASP B 508 14.48 12.58 21.57
C ASP B 508 13.34 11.62 21.89
N TYR B 509 13.66 10.40 22.38
CA TYR B 509 12.65 9.39 22.61
C TYR B 509 11.62 9.77 23.67
N LYS B 510 10.29 9.66 23.37
CA LYS B 510 9.26 10.06 24.32
C LYS B 510 8.43 8.92 24.92
N GLN B 511 8.85 7.66 24.68
CA GLN B 511 8.13 6.47 25.22
C GLN B 511 9.08 5.53 25.96
N PRO B 512 8.58 4.64 26.84
CA PRO B 512 9.50 3.71 27.54
C PRO B 512 10.54 3.02 26.66
N ILE B 513 11.78 2.86 27.17
CA ILE B 513 12.86 2.14 26.53
C ILE B 513 13.37 1.08 27.49
N ILE B 514 13.62 -0.11 26.97
CA ILE B 514 14.22 -1.21 27.70
C ILE B 514 15.46 -1.59 26.92
N ILE B 515 16.64 -1.55 27.59
CA ILE B 515 17.90 -2.02 27.00
C ILE B 515 18.13 -3.31 27.77
N TYR B 516 18.31 -4.42 27.06
CA TYR B 516 18.50 -5.73 27.68
C TYR B 516 19.67 -6.45 27.02
N ILE B 517 20.77 -6.67 27.77
CA ILE B 517 21.91 -7.42 27.26
C ILE B 517 21.49 -8.88 27.40
N PRO B 518 21.22 -9.59 26.27
CA PRO B 518 20.68 -10.96 26.39
C PRO B 518 21.67 -12.05 26.82
N PRO B 519 21.23 -13.30 27.11
CA PRO B 519 22.20 -14.38 27.39
C PRO B 519 23.15 -14.58 26.21
N THR B 520 24.44 -14.90 26.48
CA THR B 520 25.54 -15.05 25.49
C THR B 520 25.93 -13.68 24.88
N GLY B 521 25.20 -12.63 25.25
CA GLY B 521 25.42 -11.29 24.75
C GLY B 521 26.42 -10.48 25.53
N GLU B 522 26.97 -9.45 24.89
CA GLU B 522 27.92 -8.55 25.51
C GLU B 522 27.68 -7.11 25.08
N LEU B 523 28.10 -6.17 25.92
CA LEU B 523 28.00 -4.76 25.60
C LEU B 523 29.28 -4.17 26.13
N ARG B 524 30.13 -3.71 25.23
CA ARG B 524 31.46 -3.22 25.59
C ARG B 524 31.81 -1.85 25.05
N GLY B 525 32.78 -1.21 25.71
CA GLY B 525 33.36 0.10 25.37
C GLY B 525 32.40 1.13 24.80
N GLY B 526 32.64 1.54 23.55
CA GLY B 526 31.86 2.53 22.85
C GLY B 526 30.41 2.16 22.61
N SER B 527 30.13 0.85 22.60
CA SER B 527 28.76 0.36 22.38
C SER B 527 27.88 0.63 23.58
N TRP B 528 28.41 0.47 24.79
CA TRP B 528 27.67 0.75 26.01
C TRP B 528 27.36 2.24 26.06
N VAL B 529 28.38 3.10 25.84
CA VAL B 529 28.22 4.54 25.91
C VAL B 529 27.01 5.07 25.17
N VAL B 530 26.77 4.61 23.92
CA VAL B 530 25.68 5.12 23.10
C VAL B 530 24.27 4.65 23.44
N VAL B 531 24.12 3.71 24.39
CA VAL B 531 22.79 3.19 24.78
C VAL B 531 22.60 3.23 26.28
N ASP B 532 23.57 3.80 27.03
CA ASP B 532 23.45 3.89 28.49
C ASP B 532 22.18 4.66 28.88
N PRO B 533 21.39 4.16 29.89
CA PRO B 533 20.16 4.88 30.28
C PRO B 533 20.28 6.31 30.78
N THR B 534 21.50 6.78 31.14
CA THR B 534 21.67 8.18 31.59
C THR B 534 21.55 9.18 30.42
N ILE B 535 21.48 8.65 29.17
CA ILE B 535 21.29 9.45 27.95
C ILE B 535 19.89 10.06 28.00
N ASN B 536 18.92 9.31 28.51
CA ASN B 536 17.54 9.72 28.68
C ASN B 536 16.94 8.92 29.87
N ALA B 537 17.20 9.43 31.08
CA ALA B 537 16.77 8.84 32.35
C ALA B 537 15.25 8.83 32.52
N ASP B 538 14.53 9.73 31.86
CA ASP B 538 13.08 9.81 31.91
C ASP B 538 12.45 8.57 31.30
N GLN B 539 13.08 8.02 30.23
CA GLN B 539 12.57 6.88 29.47
C GLN B 539 13.34 5.59 29.54
N MET B 540 14.66 5.67 29.61
CA MET B 540 15.51 4.49 29.54
C MET B 540 15.76 3.76 30.80
N GLU B 541 15.93 2.44 30.64
CA GLU B 541 16.15 1.47 31.70
C GLU B 541 17.03 0.36 31.15
N MET B 542 17.96 -0.15 31.96
CA MET B 542 18.81 -1.22 31.48
C MET B 542 18.80 -2.47 32.37
N TYR B 543 18.83 -3.62 31.70
CA TYR B 543 18.85 -4.94 32.31
C TYR B 543 19.92 -5.78 31.63
N ALA B 544 20.51 -6.67 32.39
CA ALA B 544 21.52 -7.57 31.86
C ALA B 544 21.15 -8.97 32.29
N ASP B 545 21.27 -9.91 31.35
CA ASP B 545 20.99 -11.30 31.68
C ASP B 545 22.10 -11.82 32.59
N VAL B 546 21.76 -12.82 33.40
CA VAL B 546 22.71 -13.51 34.29
C VAL B 546 23.88 -14.11 33.47
N ASN B 547 23.64 -14.41 32.17
CA ASN B 547 24.62 -14.95 31.23
C ASN B 547 25.17 -13.95 30.22
N ALA B 548 24.98 -12.67 30.51
CA ALA B 548 25.49 -11.57 29.71
C ALA B 548 26.86 -11.14 30.24
N ARG B 549 27.55 -10.26 29.50
CA ARG B 549 28.86 -9.73 29.90
C ARG B 549 28.95 -8.28 29.50
N ALA B 550 29.72 -7.49 30.23
CA ALA B 550 29.96 -6.08 29.94
C ALA B 550 31.22 -5.58 30.63
N GLY B 551 31.95 -4.71 29.95
CA GLY B 551 33.19 -4.09 30.44
C GLY B 551 33.71 -3.11 29.42
N VAL B 552 34.68 -2.27 29.79
CA VAL B 552 35.28 -1.28 28.87
C VAL B 552 35.95 -2.04 27.71
N LEU B 553 36.82 -3.03 28.04
CA LEU B 553 37.46 -3.89 27.06
C LEU B 553 36.91 -5.32 27.17
N GLU B 554 37.34 -6.21 26.24
CA GLU B 554 37.04 -7.65 26.25
C GLU B 554 38.11 -8.22 27.22
N PRO B 555 37.93 -9.42 27.86
CA PRO B 555 38.98 -9.93 28.78
C PRO B 555 40.41 -9.90 28.24
N GLU B 556 40.61 -10.16 26.92
CA GLU B 556 41.95 -10.10 26.30
C GLU B 556 42.58 -8.71 26.42
N GLY B 557 41.76 -7.69 26.23
CA GLY B 557 42.19 -6.30 26.37
C GLY B 557 42.54 -5.91 27.80
N THR B 558 41.66 -6.25 28.77
CA THR B 558 41.84 -5.95 30.19
C THR B 558 43.17 -6.55 30.72
N VAL B 559 43.46 -7.84 30.38
CA VAL B 559 44.69 -8.50 30.80
C VAL B 559 45.91 -7.82 30.17
N GLU B 560 45.83 -7.49 28.85
CA GLU B 560 46.89 -6.80 28.10
C GLU B 560 47.28 -5.49 28.77
N ILE B 561 46.30 -4.75 29.31
CA ILE B 561 46.63 -3.49 29.96
C ILE B 561 46.83 -3.56 31.48
N LYS B 562 46.07 -4.44 32.18
CA LYS B 562 46.09 -4.54 33.65
C LYS B 562 46.67 -5.79 34.31
N PHE B 563 46.85 -6.90 33.58
CA PHE B 563 47.44 -8.14 34.12
C PHE B 563 48.65 -8.55 33.27
N ARG B 564 49.68 -7.69 33.29
CA ARG B 564 50.91 -7.82 32.49
C ARG B 564 51.90 -8.85 33.08
N ARG B 565 53.06 -9.10 32.40
CA ARG B 565 54.03 -10.12 32.83
C ARG B 565 54.51 -10.07 34.28
N GLU B 566 54.84 -8.87 34.81
CA GLU B 566 55.30 -8.71 36.21
C GLU B 566 54.23 -9.21 37.19
N LYS B 567 52.94 -8.86 36.95
CA LYS B 567 51.80 -9.29 37.77
C LYS B 567 51.56 -10.80 37.62
N LEU B 568 51.76 -11.33 36.40
CA LEU B 568 51.58 -12.74 36.06
C LEU B 568 52.67 -13.61 36.70
N LEU B 569 53.95 -13.15 36.67
CA LEU B 569 55.08 -13.87 37.27
C LEU B 569 54.99 -13.92 38.79
N ASP B 570 54.46 -12.83 39.41
CA ASP B 570 54.24 -12.75 40.86
C ASP B 570 53.18 -13.77 41.28
N THR B 571 52.18 -14.00 40.41
CA THR B 571 51.10 -14.97 40.61
C THR B 571 51.67 -16.39 40.52
N MET B 572 52.57 -16.63 39.54
CA MET B 572 53.30 -17.89 39.37
C MET B 572 54.13 -18.17 40.62
N ASN B 573 54.78 -17.11 41.17
CA ASN B 573 55.63 -17.13 42.37
C ASN B 573 54.82 -17.50 43.62
N ARG B 574 53.54 -17.08 43.66
CA ARG B 574 52.64 -17.33 44.77
C ARG B 574 51.96 -18.71 44.69
N LEU B 575 51.47 -19.08 43.48
CA LEU B 575 50.67 -20.28 43.21
C LEU B 575 51.40 -21.54 42.75
N ASP B 576 52.62 -21.44 42.19
CA ASP B 576 53.35 -22.62 41.74
C ASP B 576 54.49 -23.00 42.71
N ASP B 577 54.44 -24.25 43.23
CA ASP B 577 55.43 -24.81 44.17
C ASP B 577 56.84 -24.83 43.57
N LYS B 578 56.95 -25.20 42.28
CA LYS B 578 58.23 -25.25 41.55
C LYS B 578 58.82 -23.86 41.28
N TYR B 579 57.96 -22.86 40.91
CA TYR B 579 58.38 -21.49 40.62
C TYR B 579 58.88 -20.74 41.86
N ARG B 580 58.16 -20.85 43.00
CA ARG B 580 58.51 -20.18 44.28
C ARG B 580 59.90 -20.61 44.76
N GLU B 581 60.12 -21.94 44.89
CA GLU B 581 61.40 -22.53 45.30
C GLU B 581 62.52 -21.92 44.41
N LEU B 582 62.30 -21.90 43.08
CA LEU B 582 63.21 -21.34 42.08
C LEU B 582 63.21 -19.80 42.20
N LEU B 603 64.42 -21.17 36.20
CA LEU B 603 63.31 -20.27 36.50
C LEU B 603 62.54 -19.86 35.25
N ALA B 604 63.25 -19.44 34.18
CA ALA B 604 62.64 -19.06 32.91
C ALA B 604 62.11 -20.31 32.17
N ASP B 605 62.59 -21.50 32.59
CA ASP B 605 62.19 -22.81 32.07
C ASP B 605 60.73 -23.12 32.45
N ARG B 606 60.38 -22.94 33.75
CA ARG B 606 59.04 -23.14 34.34
C ARG B 606 58.09 -22.03 33.87
N GLU B 607 58.59 -20.77 33.86
CA GLU B 607 57.92 -19.54 33.41
C GLU B 607 57.27 -19.72 32.02
N ARG B 608 57.96 -20.48 31.12
CA ARG B 608 57.55 -20.79 29.75
C ARG B 608 56.48 -21.89 29.70
N GLU B 609 56.60 -22.87 30.62
CA GLU B 609 55.65 -23.99 30.74
C GLU B 609 54.32 -23.51 31.34
N LEU B 610 54.39 -22.63 32.36
CA LEU B 610 53.23 -22.09 33.07
C LEU B 610 52.44 -21.04 32.27
N LEU B 611 53.15 -20.15 31.50
CA LEU B 611 52.61 -19.06 30.69
C LEU B 611 51.26 -19.29 29.97
N PRO B 612 51.03 -20.41 29.24
CA PRO B 612 49.71 -20.60 28.58
C PRO B 612 48.51 -20.71 29.53
N ILE B 613 48.65 -21.47 30.64
CA ILE B 613 47.60 -21.66 31.63
C ILE B 613 47.42 -20.45 32.56
N TYR B 614 48.51 -19.72 32.86
CA TYR B 614 48.46 -18.51 33.69
C TYR B 614 47.84 -17.34 32.93
N GLY B 615 47.93 -17.39 31.59
CA GLY B 615 47.27 -16.46 30.68
C GLY B 615 45.78 -16.71 30.73
N GLN B 616 45.39 -18.00 30.84
CA GLN B 616 44.00 -18.44 30.96
C GLN B 616 43.38 -18.03 32.30
N ILE B 617 44.18 -18.12 33.39
CA ILE B 617 43.79 -17.73 34.75
C ILE B 617 43.46 -16.22 34.79
N SER B 618 44.37 -15.37 34.26
CA SER B 618 44.19 -13.91 34.22
C SER B 618 42.96 -13.54 33.39
N LEU B 619 42.72 -14.28 32.27
CA LEU B 619 41.54 -14.09 31.42
C LEU B 619 40.25 -14.39 32.20
N GLN B 620 40.29 -15.43 33.05
CA GLN B 620 39.17 -15.83 33.91
C GLN B 620 38.97 -14.79 35.03
N PHE B 621 40.08 -14.32 35.63
CA PHE B 621 40.09 -13.27 36.65
C PHE B 621 39.39 -11.99 36.10
N ALA B 622 39.78 -11.57 34.88
CA ALA B 622 39.23 -10.42 34.19
C ALA B 622 37.73 -10.59 33.92
N ASP B 623 37.33 -11.76 33.37
CA ASP B 623 35.94 -12.09 33.04
C ASP B 623 35.03 -12.08 34.28
N LEU B 624 35.61 -12.36 35.47
CA LEU B 624 34.83 -12.38 36.70
C LEU B 624 34.31 -11.00 37.13
N HIS B 625 34.87 -9.91 36.54
CA HIS B 625 34.45 -8.53 36.80
C HIS B 625 33.32 -8.17 35.87
N ASP B 626 33.29 -8.78 34.66
CA ASP B 626 32.34 -8.52 33.57
C ASP B 626 30.91 -9.07 33.73
N ARG B 627 30.56 -9.52 34.94
CA ARG B 627 29.28 -10.16 35.23
C ARG B 627 28.19 -9.19 35.63
N SER B 628 26.92 -9.59 35.41
CA SER B 628 25.74 -8.80 35.76
C SER B 628 25.66 -8.46 37.27
N SER B 629 26.29 -9.29 38.13
CA SER B 629 26.36 -9.09 39.58
C SER B 629 27.13 -7.82 39.93
N ARG B 630 28.20 -7.53 39.16
CA ARG B 630 28.97 -6.31 39.37
C ARG B 630 28.17 -5.12 38.86
N MET B 631 27.43 -5.31 37.75
CA MET B 631 26.56 -4.29 37.13
C MET B 631 25.46 -3.86 38.12
N VAL B 632 24.84 -4.83 38.82
CA VAL B 632 23.85 -4.58 39.88
C VAL B 632 24.50 -3.83 41.07
N ALA B 633 25.64 -4.36 41.56
CA ALA B 633 26.40 -3.79 42.67
C ALA B 633 26.79 -2.34 42.40
N LYS B 634 27.21 -2.03 41.18
CA LYS B 634 27.60 -0.68 40.83
C LYS B 634 26.44 0.23 40.40
N GLY B 635 25.21 -0.32 40.39
CA GLY B 635 23.99 0.40 40.07
C GLY B 635 23.86 0.89 38.64
N VAL B 636 24.45 0.16 37.67
CA VAL B 636 24.42 0.55 36.27
C VAL B 636 23.29 -0.13 35.47
N ILE B 637 22.64 -1.16 36.07
CA ILE B 637 21.49 -1.90 35.53
C ILE B 637 20.39 -1.92 36.61
N SER B 638 19.11 -1.87 36.21
CA SER B 638 17.98 -1.88 37.15
C SER B 638 17.86 -3.24 37.85
N LYS B 639 18.13 -4.34 37.12
CA LYS B 639 18.05 -5.71 37.61
C LYS B 639 18.84 -6.65 36.70
N GLU B 640 19.31 -7.79 37.26
CA GLU B 640 19.90 -8.88 36.48
C GLU B 640 18.75 -9.85 36.27
N LEU B 641 18.58 -10.39 35.05
CA LEU B 641 17.44 -11.26 34.72
C LEU B 641 17.81 -12.64 34.22
N GLU B 642 16.84 -13.58 34.28
CA GLU B 642 16.99 -14.93 33.69
C GLU B 642 16.14 -14.91 32.43
N TRP B 643 16.78 -15.14 31.27
CA TRP B 643 16.18 -15.17 29.94
C TRP B 643 14.82 -15.87 29.86
N THR B 644 14.71 -17.08 30.41
CA THR B 644 13.49 -17.90 30.43
C THR B 644 12.33 -17.15 31.06
N GLU B 645 12.63 -16.26 32.02
CA GLU B 645 11.64 -15.48 32.74
C GLU B 645 11.45 -14.05 32.25
N ALA B 646 12.22 -13.62 31.23
CA ALA B 646 12.23 -12.26 30.70
C ALA B 646 10.91 -11.79 30.05
N ARG B 647 10.18 -12.69 29.37
CA ARG B 647 8.89 -12.34 28.76
C ARG B 647 7.91 -11.90 29.85
N ARG B 648 7.78 -12.71 30.95
CA ARG B 648 6.91 -12.45 32.09
C ARG B 648 7.28 -11.16 32.79
N PHE B 649 8.60 -10.91 32.98
CA PHE B 649 9.13 -9.71 33.61
C PHE B 649 8.83 -8.49 32.79
N PHE B 650 9.24 -8.48 31.50
CA PHE B 650 9.06 -7.36 30.60
C PHE B 650 7.63 -7.05 30.26
N PHE B 651 6.75 -8.06 30.16
CA PHE B 651 5.34 -7.79 29.90
C PHE B 651 4.82 -6.84 30.95
N TRP B 652 5.00 -7.20 32.24
CA TRP B 652 4.52 -6.39 33.34
C TRP B 652 5.19 -5.08 33.50
N ARG B 653 6.54 -5.03 33.29
CA ARG B 653 7.34 -3.82 33.39
C ARG B 653 6.90 -2.82 32.34
N LEU B 654 6.77 -3.26 31.07
CA LEU B 654 6.27 -2.44 29.98
C LEU B 654 4.85 -1.93 30.23
N ARG B 655 3.90 -2.85 30.63
CA ARG B 655 2.51 -2.51 30.91
C ARG B 655 2.44 -1.45 32.00
N ARG B 656 3.25 -1.59 33.06
CA ARG B 656 3.35 -0.63 34.16
C ARG B 656 3.93 0.71 33.68
N ARG B 657 5.03 0.64 32.89
CA ARG B 657 5.73 1.79 32.36
C ARG B 657 4.79 2.64 31.50
N LEU B 658 3.99 1.99 30.62
CA LEU B 658 3.00 2.72 29.77
C LEU B 658 1.84 3.32 30.61
N ASN B 659 1.29 2.58 31.56
CA ASN B 659 0.22 3.11 32.40
C ASN B 659 0.68 4.35 33.16
N GLU B 660 1.93 4.33 33.68
CA GLU B 660 2.47 5.50 34.40
C GLU B 660 2.77 6.68 33.47
N GLU B 661 3.12 6.39 32.19
CA GLU B 661 3.37 7.40 31.14
C GLU B 661 2.08 8.10 30.77
N TYR B 662 0.99 7.33 30.56
CA TYR B 662 -0.34 7.83 30.21
C TYR B 662 -0.80 8.80 31.28
N LEU B 663 -0.64 8.44 32.57
CA LEU B 663 -1.03 9.30 33.69
C LEU B 663 -0.18 10.56 33.78
N ILE B 664 1.13 10.49 33.43
CA ILE B 664 1.99 11.68 33.40
C ILE B 664 1.45 12.65 32.32
N LYS B 665 1.04 12.12 31.15
CA LYS B 665 0.45 12.91 30.06
C LYS B 665 -0.90 13.52 30.51
N ARG B 666 -1.79 12.71 31.08
CA ARG B 666 -3.07 13.16 31.61
C ARG B 666 -2.89 14.28 32.68
N LEU B 667 -1.85 14.15 33.52
CA LEU B 667 -1.54 15.12 34.57
C LEU B 667 -0.95 16.40 33.99
N SER B 668 -0.10 16.27 32.95
CA SER B 668 0.56 17.41 32.30
C SER B 668 -0.40 18.52 31.83
N HIS B 669 -1.68 18.16 31.56
CA HIS B 669 -2.74 19.09 31.16
C HIS B 669 -3.30 19.87 32.36
N GLN B 670 -3.69 19.15 33.43
CA GLN B 670 -4.27 19.72 34.66
C GLN B 670 -3.33 20.56 35.56
N VAL B 671 -2.00 20.59 35.27
CA VAL B 671 -1.02 21.38 36.03
C VAL B 671 -0.12 22.28 35.16
N GLY B 672 -0.08 21.99 33.86
CA GLY B 672 0.71 22.73 32.87
C GLY B 672 2.20 22.52 33.01
N GLU B 673 2.82 23.24 33.97
CA GLU B 673 4.25 23.18 34.26
C GLU B 673 4.57 22.55 35.62
N ALA B 674 5.39 21.49 35.59
CA ALA B 674 5.91 20.69 36.72
C ALA B 674 6.96 19.72 36.16
N SER B 675 8.03 19.45 36.92
CA SER B 675 9.10 18.54 36.48
C SER B 675 8.58 17.10 36.43
N ARG B 676 9.28 16.19 35.71
CA ARG B 676 8.85 14.80 35.65
C ARG B 676 8.81 14.18 37.07
N LEU B 677 9.91 14.34 37.84
CA LEU B 677 10.07 13.87 39.23
C LEU B 677 8.87 14.20 40.11
N GLU B 678 8.32 15.42 39.98
CA GLU B 678 7.16 15.92 40.71
C GLU B 678 5.88 15.24 40.21
N LYS B 679 5.78 15.02 38.90
CA LYS B 679 4.59 14.42 38.30
C LYS B 679 4.43 12.93 38.65
N ILE B 680 5.54 12.15 38.72
CA ILE B 680 5.42 10.73 39.12
C ILE B 680 5.13 10.64 40.59
N ALA B 681 5.70 11.58 41.38
CA ALA B 681 5.49 11.69 42.82
C ALA B 681 3.99 11.84 43.13
N ARG B 682 3.31 12.80 42.46
CA ARG B 682 1.88 13.06 42.59
C ARG B 682 1.06 11.79 42.28
N ILE B 683 1.28 11.18 41.09
CA ILE B 683 0.61 9.95 40.67
C ILE B 683 0.86 8.82 41.68
N ARG B 684 2.13 8.52 41.98
CA ARG B 684 2.52 7.47 42.94
C ARG B 684 1.94 7.67 44.35
N SER B 685 1.66 8.92 44.74
CA SER B 685 1.05 9.22 46.03
C SER B 685 -0.42 8.76 46.01
N TRP B 686 -1.02 8.64 44.83
CA TRP B 686 -2.42 8.20 44.74
C TRP B 686 -2.59 6.71 44.95
N TYR B 687 -1.47 5.93 44.87
CA TYR B 687 -1.50 4.48 45.07
C TYR B 687 -1.74 4.23 46.56
N PRO B 688 -2.66 3.31 46.94
CA PRO B 688 -2.88 3.02 48.38
C PRO B 688 -1.63 2.43 49.05
N ALA B 689 -1.74 2.23 50.37
CA ALA B 689 -0.70 1.64 51.22
C ALA B 689 -0.45 0.17 50.82
N SER B 690 -1.49 -0.55 50.36
CA SER B 690 -1.48 -1.94 49.93
C SER B 690 -0.61 -2.21 48.69
N VAL B 691 -0.48 -1.20 47.80
CA VAL B 691 0.26 -1.29 46.55
C VAL B 691 1.75 -1.09 46.80
N ASP B 692 2.57 -2.06 46.37
CA ASP B 692 4.02 -1.99 46.41
C ASP B 692 4.42 -1.24 45.13
N HIS B 693 5.00 -0.04 45.25
CA HIS B 693 5.42 0.76 44.09
C HIS B 693 6.47 0.06 43.25
N GLU B 694 7.17 -0.91 43.83
CA GLU B 694 8.21 -1.69 43.17
C GLU B 694 7.67 -2.90 42.39
N ASP B 695 6.39 -3.26 42.57
CA ASP B 695 5.80 -4.40 41.89
C ASP B 695 5.03 -3.93 40.66
N ASP B 696 5.55 -4.23 39.48
CA ASP B 696 4.96 -3.81 38.20
C ASP B 696 3.55 -4.32 37.97
N ARG B 697 3.32 -5.60 38.24
CA ARG B 697 2.02 -6.21 38.06
C ARG B 697 0.99 -5.58 38.97
N GLN B 698 1.33 -5.34 40.26
CA GLN B 698 0.41 -4.71 41.21
C GLN B 698 0.08 -3.29 40.79
N VAL B 699 1.12 -2.50 40.43
CA VAL B 699 0.98 -1.10 39.98
C VAL B 699 0.08 -1.02 38.74
N ALA B 700 0.47 -1.72 37.64
CA ALA B 700 -0.26 -1.79 36.38
C ALA B 700 -1.70 -2.29 36.60
N THR B 701 -1.89 -3.31 37.46
CA THR B 701 -3.22 -3.83 37.78
C THR B 701 -4.10 -2.76 38.45
N TRP B 702 -3.55 -2.03 39.43
CA TRP B 702 -4.28 -0.99 40.17
C TRP B 702 -4.69 0.18 39.30
N ILE B 703 -3.78 0.66 38.43
CA ILE B 703 -4.06 1.79 37.55
C ILE B 703 -5.19 1.43 36.63
N GLU B 704 -5.14 0.24 36.04
CA GLU B 704 -6.17 -0.26 35.14
C GLU B 704 -7.48 -0.58 35.85
N GLU B 705 -7.40 -1.20 37.04
CA GLU B 705 -8.58 -1.54 37.84
C GLU B 705 -9.30 -0.27 38.36
N ASN B 706 -8.56 0.83 38.63
CA ASN B 706 -9.13 2.08 39.14
C ASN B 706 -9.13 3.25 38.16
N TYR B 707 -9.40 3.00 36.88
CA TYR B 707 -9.42 4.06 35.87
C TYR B 707 -10.46 5.15 36.12
N LYS B 708 -11.68 4.77 36.57
CA LYS B 708 -12.74 5.74 36.91
C LYS B 708 -12.41 6.56 38.19
N THR B 709 -11.69 5.96 39.15
CA THR B 709 -11.23 6.59 40.40
C THR B 709 -10.17 7.66 40.04
N LEU B 710 -9.21 7.30 39.15
CA LEU B 710 -8.12 8.16 38.72
C LEU B 710 -8.60 9.28 37.82
N ASP B 711 -9.60 9.01 36.95
CA ASP B 711 -10.18 10.01 36.05
C ASP B 711 -10.58 11.25 36.84
N ASP B 712 -11.18 11.03 38.04
CA ASP B 712 -11.63 12.04 38.99
C ASP B 712 -10.46 12.86 39.54
N LYS B 713 -9.51 12.23 40.30
CA LYS B 713 -8.32 12.89 40.90
C LYS B 713 -7.60 13.85 39.94
N LEU B 714 -7.58 13.49 38.64
CA LEU B 714 -6.98 14.29 37.56
C LEU B 714 -7.84 15.53 37.32
N LYS B 715 -9.12 15.31 36.93
CA LYS B 715 -10.14 16.34 36.65
C LYS B 715 -10.38 17.28 37.85
N GLY B 716 -10.15 16.76 39.07
CA GLY B 716 -10.29 17.47 40.33
C GLY B 716 -9.29 18.59 40.57
N LEU B 717 -8.09 18.51 39.96
CA LEU B 717 -7.08 19.55 40.11
C LEU B 717 -6.34 19.84 38.79
N TRP C 20 54.98 22.16 42.61
CA TRP C 20 56.11 22.02 41.70
C TRP C 20 55.57 21.46 40.41
N LEU C 21 55.57 22.27 39.37
CA LEU C 21 54.80 21.94 38.20
C LEU C 21 55.54 21.39 37.02
N GLN C 22 56.83 21.60 36.93
CA GLN C 22 57.56 21.20 35.76
C GLN C 22 57.33 19.73 35.38
N PRO C 23 57.24 18.84 36.33
CA PRO C 23 57.14 17.42 35.99
C PRO C 23 55.86 17.10 35.25
N LYS C 24 54.80 17.76 35.67
CA LYS C 24 53.48 17.74 35.02
C LYS C 24 53.50 18.47 33.68
N ARG C 25 54.19 19.61 33.60
CA ARG C 25 54.28 20.34 32.34
C ARG C 25 55.02 19.47 31.29
N TYR C 26 56.04 18.72 31.75
CA TYR C 26 56.84 17.82 30.93
C TYR C 26 56.01 16.63 30.46
N LYS C 27 55.20 16.04 31.37
CA LYS C 27 54.30 14.93 31.02
C LYS C 27 53.40 15.40 29.86
N ALA C 28 52.81 16.62 29.96
CA ALA C 28 51.98 17.19 28.90
C ALA C 28 52.76 17.38 27.61
N HIS C 29 53.95 18.00 27.68
CA HIS C 29 54.83 18.26 26.54
C HIS C 29 55.15 16.99 25.76
N LEU C 30 55.41 15.89 26.50
CA LEU C 30 55.73 14.57 25.99
C LEU C 30 54.61 13.98 25.13
N MET C 31 53.34 14.36 25.43
CA MET C 31 52.11 13.97 24.71
C MET C 31 51.79 14.97 23.58
N GLY C 32 52.61 16.02 23.44
CA GLY C 32 52.41 17.07 22.45
C GLY C 32 51.28 18.03 22.77
N THR C 33 50.95 18.17 24.05
CA THR C 33 49.90 19.08 24.52
C THR C 33 50.43 20.06 25.58
N THR C 34 49.66 21.08 25.85
CA THR C 34 49.89 22.13 26.83
C THR C 34 49.32 21.63 28.17
N TYR C 35 49.99 21.95 29.29
CA TYR C 35 49.51 21.60 30.62
C TYR C 35 48.17 22.37 30.83
N VAL C 36 47.11 21.69 31.34
CA VAL C 36 45.79 22.30 31.54
C VAL C 36 45.80 23.72 32.09
N TYR C 37 46.54 23.96 33.19
CA TYR C 37 46.57 25.26 33.83
C TYR C 37 47.18 26.39 33.03
N ASP C 38 47.87 26.05 31.93
CA ASP C 38 48.49 27.00 31.04
C ASP C 38 47.59 27.38 29.86
N PHE C 39 46.46 26.70 29.69
CA PHE C 39 45.48 27.03 28.65
C PHE C 39 44.83 28.41 28.85
N PRO C 40 44.37 28.82 30.08
CA PRO C 40 43.86 30.20 30.23
C PRO C 40 44.81 31.26 29.67
N GLU C 41 46.14 31.09 29.85
CA GLU C 41 47.15 32.01 29.29
C GLU C 41 47.08 32.08 27.74
N LEU C 42 46.82 30.93 27.07
CA LEU C 42 46.69 30.86 25.62
C LEU C 42 45.47 31.65 25.18
N PHE C 43 44.36 31.54 25.94
CA PHE C 43 43.11 32.31 25.70
C PHE C 43 43.35 33.80 25.89
N ARG C 44 44.20 34.20 26.85
CA ARG C 44 44.57 35.60 27.09
C ARG C 44 45.37 36.14 25.88
N GLN C 45 46.40 35.38 25.45
CA GLN C 45 47.22 35.71 24.28
C GLN C 45 46.35 35.85 23.01
N ALA C 46 45.48 34.85 22.73
CA ALA C 46 44.60 34.86 21.58
C ALA C 46 43.61 36.05 21.60
N SER C 47 43.07 36.36 22.80
CA SER C 47 42.15 37.49 23.03
C SER C 47 42.82 38.83 22.80
N SER C 48 44.07 38.96 23.25
CA SER C 48 44.89 40.16 23.07
C SER C 48 45.18 40.38 21.58
N SER C 49 45.41 39.27 20.80
CA SER C 49 45.68 39.31 19.36
C SER C 49 44.46 39.80 18.62
N GLN C 50 43.25 39.40 19.07
CA GLN C 50 41.98 39.81 18.51
C GLN C 50 41.91 41.33 18.52
N TRP C 51 42.30 41.95 19.64
CA TRP C 51 42.31 43.40 19.80
C TRP C 51 43.29 44.06 18.85
N LYS C 52 44.53 43.54 18.78
CA LYS C 52 45.60 44.05 17.92
C LYS C 52 45.20 44.05 16.45
N ASN C 53 44.53 42.98 16.00
CA ASN C 53 44.07 42.84 14.62
C ASN C 53 42.89 43.77 14.34
N PHE C 54 42.05 44.05 15.35
CA PHE C 54 40.89 44.94 15.22
C PHE C 54 41.27 46.41 15.21
N SER C 55 41.90 46.88 16.29
CA SER C 55 42.33 48.26 16.42
C SER C 55 43.67 48.22 17.07
N ALA C 56 44.74 48.31 16.25
CA ALA C 56 46.14 48.25 16.69
C ALA C 56 46.51 49.23 17.79
N ASP C 57 45.81 50.38 17.88
CA ASP C 57 46.09 51.42 18.86
C ASP C 57 45.52 51.19 20.27
N VAL C 58 44.63 50.20 20.43
CA VAL C 58 44.00 49.87 21.72
C VAL C 58 45.02 49.50 22.81
N LYS C 59 44.94 50.19 23.96
CA LYS C 59 45.78 49.91 25.11
C LYS C 59 44.98 48.97 26.01
N LEU C 60 45.44 47.73 26.15
CA LEU C 60 44.76 46.72 26.95
C LEU C 60 45.34 46.66 28.34
N THR C 61 44.50 46.39 29.34
CA THR C 61 44.94 46.21 30.73
C THR C 61 44.56 44.80 31.17
N ASP C 62 45.22 44.26 32.18
CA ASP C 62 44.97 42.91 32.69
C ASP C 62 43.53 42.50 33.00
N ASP C 63 42.70 43.45 33.48
CA ASP C 63 41.28 43.26 33.81
C ASP C 63 40.40 43.01 32.56
N PHE C 64 40.97 43.07 31.34
CA PHE C 64 40.24 42.80 30.10
C PHE C 64 39.98 41.32 30.01
N PHE C 65 40.82 40.50 30.67
CA PHE C 65 40.71 39.04 30.67
C PHE C 65 40.81 38.52 32.12
N ILE C 66 39.84 37.68 32.51
CA ILE C 66 39.78 37.07 33.84
C ILE C 66 39.48 35.58 33.67
N SER C 67 40.29 34.75 34.32
CA SER C 67 40.06 33.33 34.31
C SER C 67 39.93 32.88 35.76
N ASN C 68 38.84 32.21 36.11
CA ASN C 68 38.58 31.72 37.45
C ASN C 68 38.29 30.24 37.33
N GLU C 69 39.05 29.42 38.03
CA GLU C 69 38.83 27.99 38.03
C GLU C 69 37.51 27.67 38.72
N LEU C 70 36.77 26.71 38.18
CA LEU C 70 35.51 26.21 38.74
C LEU C 70 35.76 24.87 39.39
N ILE C 71 35.37 24.75 40.65
CA ILE C 71 35.48 23.49 41.40
C ILE C 71 34.18 23.28 42.14
N GLU C 72 33.91 22.04 42.54
CA GLU C 72 32.71 21.74 43.30
C GLU C 72 32.89 22.05 44.77
N ASP C 73 31.86 22.66 45.39
CA ASP C 73 31.86 22.93 46.82
C ASP C 73 31.45 21.66 47.57
N GLU C 74 31.23 21.78 48.91
CA GLU C 74 30.88 20.65 49.80
C GLU C 74 29.59 19.95 49.35
N ASN C 75 28.64 20.70 48.77
CA ASN C 75 27.35 20.20 48.28
C ASN C 75 27.36 19.87 46.79
N GLY C 76 28.56 19.75 46.21
CA GLY C 76 28.76 19.43 44.80
C GLY C 76 28.31 20.50 43.81
N GLU C 77 28.18 21.76 44.26
CA GLU C 77 27.80 22.90 43.42
C GLU C 77 29.05 23.62 42.94
N LEU C 78 29.08 24.01 41.67
CA LEU C 78 30.22 24.68 41.03
C LEU C 78 30.45 26.09 41.52
N THR C 79 31.66 26.36 41.99
CA THR C 79 32.05 27.68 42.50
C THR C 79 33.39 28.14 41.97
N GLU C 80 33.61 29.46 41.90
CA GLU C 80 34.88 30.02 41.47
C GLU C 80 35.92 29.94 42.57
N VAL C 81 37.17 29.57 42.22
CA VAL C 81 38.30 29.50 43.15
C VAL C 81 39.55 30.11 42.59
N GLU C 82 40.40 30.57 43.51
CA GLU C 82 41.74 31.06 43.23
C GLU C 82 42.62 30.18 44.09
N ARG C 83 43.24 29.18 43.45
CA ARG C 83 44.13 28.23 44.08
C ARG C 83 45.35 28.02 43.17
N GLU C 84 46.34 27.27 43.64
CA GLU C 84 47.53 26.99 42.85
C GLU C 84 47.28 25.90 41.81
N PRO C 85 47.87 25.98 40.60
CA PRO C 85 47.71 24.88 39.62
C PRO C 85 48.25 23.55 40.17
N GLY C 86 47.70 22.44 39.68
CA GLY C 86 48.12 21.10 40.09
C GLY C 86 47.48 20.58 41.36
N ALA C 87 46.52 21.34 41.90
CA ALA C 87 45.83 20.99 43.14
C ALA C 87 44.59 20.13 42.87
N ASN C 88 44.26 19.88 41.58
CA ASN C 88 43.09 19.11 41.19
C ASN C 88 43.08 17.68 41.69
N ALA C 89 42.01 17.35 42.45
CA ALA C 89 41.80 16.03 43.02
C ALA C 89 41.18 15.05 42.00
N ILE C 90 40.61 15.57 40.90
CA ILE C 90 40.06 14.78 39.78
C ILE C 90 40.80 15.14 38.49
N GLY C 91 40.66 14.30 37.46
CA GLY C 91 41.32 14.47 36.16
C GLY C 91 40.63 15.35 35.15
N MET C 92 39.72 16.22 35.63
CA MET C 92 38.94 17.13 34.79
C MET C 92 38.96 18.49 35.47
N VAL C 93 39.28 19.55 34.70
CA VAL C 93 39.34 20.91 35.23
C VAL C 93 38.48 21.85 34.41
N ALA C 94 38.03 22.95 35.01
CA ALA C 94 37.19 23.94 34.31
C ALA C 94 37.54 25.33 34.74
N PHE C 95 37.29 26.30 33.85
CA PHE C 95 37.55 27.72 34.07
C PHE C 95 36.41 28.54 33.54
N LYS C 96 36.01 29.60 34.27
CA LYS C 96 35.02 30.56 33.80
C LYS C 96 35.84 31.74 33.31
N ILE C 97 35.69 32.03 32.01
CA ILE C 97 36.42 33.11 31.36
C ILE C 97 35.53 34.31 31.09
N THR C 98 36.01 35.50 31.48
CA THR C 98 35.33 36.75 31.23
C THR C 98 36.30 37.61 30.46
N VAL C 99 35.99 37.84 29.17
CA VAL C 99 36.82 38.63 28.26
C VAL C 99 36.07 39.79 27.64
N LYS C 100 36.76 40.94 27.54
CA LYS C 100 36.30 42.14 26.83
C LYS C 100 36.87 41.96 25.43
N THR C 101 36.02 41.73 24.42
CA THR C 101 36.47 41.49 23.04
C THR C 101 36.02 42.64 22.12
N PRO C 102 36.53 42.80 20.87
CA PRO C 102 36.01 43.88 20.01
C PRO C 102 34.47 43.87 19.83
N GLU C 103 33.85 42.70 19.78
CA GLU C 103 32.39 42.64 19.65
C GLU C 103 31.61 42.75 20.97
N TYR C 104 32.29 42.53 22.12
CA TYR C 104 31.73 42.63 23.48
C TYR C 104 32.73 43.38 24.36
N PRO C 105 32.91 44.72 24.11
CA PRO C 105 33.91 45.49 24.87
C PRO C 105 33.70 45.59 26.37
N ARG C 106 32.47 45.35 26.84
CA ARG C 106 32.15 45.38 28.26
C ARG C 106 32.28 43.96 28.86
N GLY C 107 32.51 42.97 28.01
CA GLY C 107 32.71 41.59 28.43
C GLY C 107 31.75 40.55 27.92
N ARG C 108 32.29 39.34 27.69
CA ARG C 108 31.54 38.14 27.32
C ARG C 108 32.10 36.98 28.15
N GLN C 109 31.25 35.99 28.45
CA GLN C 109 31.67 34.85 29.26
C GLN C 109 31.53 33.53 28.56
N PHE C 110 32.36 32.56 28.99
CA PHE C 110 32.35 31.19 28.51
C PHE C 110 33.05 30.27 29.49
N VAL C 111 32.79 28.96 29.38
CA VAL C 111 33.42 27.96 30.24
C VAL C 111 34.37 27.12 29.41
N VAL C 112 35.50 26.79 29.98
CA VAL C 112 36.48 25.90 29.34
C VAL C 112 36.58 24.63 30.23
N VAL C 113 36.21 23.44 29.70
CA VAL C 113 36.34 22.13 30.39
C VAL C 113 37.52 21.45 29.75
N ALA C 114 38.32 20.75 30.51
CA ALA C 114 39.48 20.13 29.94
C ALA C 114 39.90 18.92 30.71
N ASN C 115 40.43 17.92 30.00
CA ASN C 115 40.98 16.74 30.65
C ASN C 115 42.37 17.08 31.15
N ASP C 116 42.77 16.55 32.29
CA ASP C 116 44.15 16.74 32.72
C ASP C 116 44.87 15.45 32.31
N ILE C 117 45.62 15.48 31.19
CA ILE C 117 46.36 14.32 30.66
C ILE C 117 47.38 13.76 31.68
N THR C 118 47.82 14.60 32.67
CA THR C 118 48.79 14.19 33.69
C THR C 118 48.13 13.43 34.82
N PHE C 119 46.79 13.47 34.91
CA PHE C 119 46.03 12.80 35.97
C PHE C 119 45.50 11.50 35.41
N LYS C 120 46.05 10.37 35.89
CA LYS C 120 45.62 9.03 35.46
C LYS C 120 45.41 8.95 33.92
N ILE C 121 46.45 9.37 33.16
CA ILE C 121 46.53 9.42 31.69
C ILE C 121 45.36 10.14 31.01
N GLY C 122 44.69 11.02 31.74
CA GLY C 122 43.53 11.77 31.27
C GLY C 122 42.29 10.92 31.06
N SER C 123 42.25 9.73 31.67
CA SER C 123 41.14 8.79 31.59
C SER C 123 39.88 9.37 32.21
N PHE C 124 38.71 8.89 31.77
CA PHE C 124 37.42 9.33 32.31
C PHE C 124 36.93 8.30 33.35
N GLY C 125 36.89 8.72 34.60
CA GLY C 125 36.35 7.94 35.70
C GLY C 125 35.00 8.54 36.07
N PRO C 126 34.25 7.93 37.02
CA PRO C 126 32.94 8.51 37.40
C PRO C 126 32.97 9.96 37.87
N GLN C 127 34.04 10.36 38.59
CA GLN C 127 34.21 11.71 39.12
C GLN C 127 34.46 12.77 38.05
N GLU C 128 35.22 12.40 37.01
CA GLU C 128 35.52 13.30 35.89
C GLU C 128 34.25 13.50 35.07
N ASP C 129 33.46 12.42 34.91
CA ASP C 129 32.20 12.38 34.18
C ASP C 129 31.15 13.23 34.88
N GLU C 130 31.02 13.09 36.22
CA GLU C 130 30.06 13.91 36.93
C GLU C 130 30.40 15.40 36.93
N PHE C 131 31.71 15.74 36.99
CA PHE C 131 32.19 17.13 36.92
C PHE C 131 31.97 17.70 35.52
N PHE C 132 32.32 16.94 34.45
CA PHE C 132 32.12 17.36 33.06
C PHE C 132 30.66 17.68 32.84
N ASN C 133 29.76 16.82 33.35
CA ASN C 133 28.33 17.01 33.23
C ASN C 133 27.87 18.24 34.00
N LYS C 134 28.35 18.40 35.24
CA LYS C 134 28.02 19.55 36.09
C LYS C 134 28.39 20.87 35.40
N VAL C 135 29.60 20.94 34.78
CA VAL C 135 30.11 22.10 34.03
C VAL C 135 29.25 22.38 32.81
N THR C 136 28.82 21.33 32.08
CA THR C 136 27.95 21.44 30.91
C THR C 136 26.62 22.05 31.30
N GLU C 137 26.01 21.57 32.40
CA GLU C 137 24.74 22.10 32.93
C GLU C 137 24.88 23.55 33.39
N TYR C 138 26.04 23.90 33.93
CA TYR C 138 26.38 25.24 34.39
C TYR C 138 26.34 26.21 33.22
N ALA C 139 27.01 25.87 32.13
CA ALA C 139 27.08 26.67 30.92
C ALA C 139 25.67 26.82 30.31
N ARG C 140 24.97 25.69 30.17
CA ARG C 140 23.61 25.62 29.63
C ARG C 140 22.63 26.48 30.44
N LYS C 141 22.63 26.40 31.77
CA LYS C 141 21.74 27.20 32.62
C LYS C 141 21.95 28.70 32.32
N ARG C 142 23.21 29.14 32.16
CA ARG C 142 23.60 30.51 31.87
C ARG C 142 23.56 30.91 30.39
N GLY C 143 23.40 29.95 29.48
CA GLY C 143 23.38 30.21 28.05
C GLY C 143 24.73 30.52 27.42
N ILE C 144 25.82 30.37 28.20
CA ILE C 144 27.18 30.72 27.78
C ILE C 144 27.91 29.60 27.06
N PRO C 145 28.78 29.90 26.03
CA PRO C 145 29.48 28.81 25.32
C PRO C 145 30.27 27.82 26.21
N ARG C 146 30.35 26.56 25.73
CA ARG C 146 31.13 25.52 26.40
C ARG C 146 32.20 25.07 25.44
N ILE C 147 33.46 25.35 25.78
CA ILE C 147 34.67 24.98 25.04
C ILE C 147 35.24 23.76 25.77
N TYR C 148 35.51 22.69 25.04
CA TYR C 148 36.09 21.48 25.61
C TYR C 148 37.47 21.24 24.99
N LEU C 149 38.48 21.06 25.82
CA LEU C 149 39.85 20.79 25.38
C LEU C 149 40.10 19.30 25.66
N ALA C 150 40.06 18.51 24.59
CA ALA C 150 40.17 17.08 24.65
C ALA C 150 41.63 16.60 24.64
N ALA C 151 42.01 15.82 25.65
CA ALA C 151 43.35 15.25 25.84
C ALA C 151 43.15 14.07 26.81
N ASN C 152 42.78 12.92 26.28
CA ASN C 152 42.42 11.80 27.14
C ASN C 152 42.79 10.42 26.60
N SER C 153 42.49 9.38 27.42
CA SER C 153 42.70 7.97 27.13
C SER C 153 41.37 7.17 27.20
N GLY C 154 40.25 7.88 27.10
CA GLY C 154 38.90 7.31 27.16
C GLY C 154 38.52 6.93 28.57
N ALA C 155 37.51 6.07 28.71
CA ALA C 155 37.00 5.53 29.98
C ALA C 155 38.11 4.84 30.74
N ARG C 156 38.15 5.05 32.07
CA ARG C 156 39.12 4.47 32.99
C ARG C 156 38.90 2.96 33.10
N ILE C 157 39.99 2.19 33.26
CA ILE C 157 39.90 0.74 33.40
C ILE C 157 40.74 0.28 34.60
N GLY C 158 40.29 -0.78 35.23
CA GLY C 158 40.96 -1.35 36.39
C GLY C 158 40.48 -2.73 36.73
N MET C 159 41.08 -3.29 37.78
CA MET C 159 40.76 -4.59 38.34
C MET C 159 40.81 -4.47 39.85
N ALA C 160 40.19 -5.42 40.56
CA ALA C 160 40.19 -5.45 42.01
C ALA C 160 41.57 -5.92 42.45
N GLU C 161 42.49 -4.95 42.59
CA GLU C 161 43.89 -5.18 42.95
C GLU C 161 44.10 -5.88 44.29
N GLU C 162 43.11 -5.79 45.19
CA GLU C 162 43.14 -6.48 46.50
C GLU C 162 42.96 -7.99 46.37
N ILE C 163 42.22 -8.45 45.34
CA ILE C 163 41.93 -9.87 45.08
C ILE C 163 43.10 -10.57 44.37
N VAL C 164 43.97 -9.77 43.71
CA VAL C 164 45.15 -10.25 42.98
C VAL C 164 46.09 -11.08 43.90
N PRO C 165 46.54 -10.60 45.08
CA PRO C 165 47.40 -11.45 45.93
C PRO C 165 46.66 -12.50 46.75
N LEU C 166 45.31 -12.48 46.76
CA LEU C 166 44.53 -13.41 47.59
C LEU C 166 43.99 -14.65 46.89
N PHE C 167 43.52 -14.52 45.61
CA PHE C 167 42.93 -15.63 44.85
C PHE C 167 43.75 -16.92 44.78
N GLN C 168 43.04 -18.05 44.67
CA GLN C 168 43.61 -19.39 44.57
C GLN C 168 43.02 -20.12 43.36
N VAL C 169 43.79 -21.00 42.73
CA VAL C 169 43.35 -21.73 41.55
C VAL C 169 43.05 -23.19 41.88
N ALA C 170 41.84 -23.66 41.52
CA ALA C 170 41.42 -25.06 41.74
C ALA C 170 41.79 -25.89 40.51
N TRP C 171 43.06 -26.39 40.48
CA TRP C 171 43.61 -27.20 39.38
C TRP C 171 42.98 -28.56 39.33
N ASN C 172 42.84 -29.07 38.10
CA ASN C 172 42.29 -30.40 37.80
C ASN C 172 43.22 -31.46 38.40
N ASP C 173 44.53 -31.24 38.24
CA ASP C 173 45.64 -32.06 38.74
C ASP C 173 46.68 -31.06 39.24
N ALA C 174 46.86 -30.95 40.56
CA ALA C 174 47.81 -30.02 41.17
C ALA C 174 49.25 -30.18 40.67
N ALA C 175 49.71 -31.45 40.48
CA ALA C 175 51.05 -31.81 39.97
C ALA C 175 51.29 -31.37 38.52
N ASN C 176 50.20 -31.21 37.71
CA ASN C 176 50.23 -30.77 36.30
C ASN C 176 49.33 -29.54 36.07
N PRO C 177 49.89 -28.32 36.27
CA PRO C 177 49.08 -27.09 36.07
C PRO C 177 48.54 -26.94 34.65
N ASP C 178 49.37 -27.31 33.64
CA ASP C 178 49.07 -27.27 32.20
C ASP C 178 47.75 -27.98 31.82
N LYS C 179 47.36 -29.01 32.60
CA LYS C 179 46.14 -29.81 32.40
C LYS C 179 44.79 -29.06 32.60
N GLY C 180 44.85 -27.85 33.14
CA GLY C 180 43.67 -27.01 33.33
C GLY C 180 43.26 -26.73 34.76
N PHE C 181 42.21 -25.89 34.92
CA PHE C 181 41.65 -25.48 36.22
C PHE C 181 40.13 -25.40 36.19
N GLN C 182 39.50 -25.65 37.36
CA GLN C 182 38.05 -25.69 37.55
C GLN C 182 37.38 -24.33 37.82
N TYR C 183 37.97 -23.53 38.74
CA TYR C 183 37.49 -22.21 39.16
C TYR C 183 38.58 -21.46 39.97
N LEU C 184 38.26 -20.23 40.39
CA LEU C 184 39.09 -19.38 41.23
C LEU C 184 38.42 -19.28 42.61
N TYR C 185 39.22 -19.23 43.69
CA TYR C 185 38.68 -19.21 45.06
C TYR C 185 39.53 -18.47 46.10
N LEU C 186 38.93 -18.24 47.27
CA LEU C 186 39.60 -17.62 48.40
C LEU C 186 39.62 -18.61 49.56
N THR C 187 40.62 -18.48 50.43
CA THR C 187 40.73 -19.32 51.62
C THR C 187 40.15 -18.52 52.81
N SER C 188 40.04 -19.15 53.99
CA SER C 188 39.55 -18.50 55.20
C SER C 188 40.43 -17.28 55.54
N GLU C 189 41.77 -17.43 55.37
CA GLU C 189 42.77 -16.39 55.60
C GLU C 189 42.70 -15.30 54.54
N GLY C 190 42.30 -15.69 53.33
CA GLY C 190 42.07 -14.77 52.23
C GLY C 190 40.83 -13.93 52.55
N MET C 191 39.75 -14.61 52.99
CA MET C 191 38.47 -14.01 53.40
C MET C 191 38.69 -13.03 54.56
N GLU C 192 39.47 -13.47 55.58
CA GLU C 192 39.80 -12.69 56.77
C GLU C 192 40.58 -11.40 56.43
N THR C 193 41.52 -11.48 55.46
CA THR C 193 42.30 -10.34 54.97
C THR C 193 41.34 -9.23 54.49
N LEU C 194 40.29 -9.61 53.72
CA LEU C 194 39.26 -8.67 53.23
C LEU C 194 38.43 -8.11 54.38
N LYS C 195 38.04 -8.98 55.34
CA LYS C 195 37.28 -8.61 56.54
C LYS C 195 38.03 -7.55 57.36
N LYS C 196 39.35 -7.78 57.57
CA LYS C 196 40.28 -6.92 58.31
C LYS C 196 40.40 -5.52 57.68
N PHE C 197 40.48 -5.44 56.34
CA PHE C 197 40.63 -4.15 55.64
C PHE C 197 39.31 -3.52 55.19
N ASP C 198 38.17 -4.06 55.72
CA ASP C 198 36.78 -3.66 55.44
C ASP C 198 36.45 -3.65 53.91
N LYS C 199 36.82 -4.76 53.26
CA LYS C 199 36.66 -4.99 51.84
C LYS C 199 35.97 -6.34 51.62
N GLU C 200 35.01 -6.70 52.52
CA GLU C 200 34.25 -7.96 52.48
C GLU C 200 33.46 -8.07 51.18
N ASN C 201 32.82 -6.95 50.75
CA ASN C 201 32.02 -6.86 49.54
C ASN C 201 32.81 -6.67 48.23
N SER C 202 34.15 -6.87 48.26
CA SER C 202 35.03 -6.82 47.09
C SER C 202 34.81 -8.02 46.15
N VAL C 203 34.31 -9.13 46.71
CA VAL C 203 33.97 -10.36 45.99
C VAL C 203 32.59 -10.87 46.41
N LEU C 204 31.99 -11.69 45.54
CA LEU C 204 30.73 -12.40 45.75
C LEU C 204 31.16 -13.86 45.75
N THR C 205 31.13 -14.50 46.93
CA THR C 205 31.58 -15.89 47.06
C THR C 205 30.45 -16.85 47.40
N GLU C 206 30.74 -18.14 47.23
CA GLU C 206 29.82 -19.25 47.49
C GLU C 206 30.69 -20.36 48.07
N ARG C 207 30.53 -20.63 49.37
CA ARG C 207 31.37 -21.63 50.03
C ARG C 207 31.13 -23.09 49.67
N THR C 208 32.25 -23.82 49.51
CA THR C 208 32.31 -25.23 49.18
C THR C 208 33.40 -25.94 50.03
N VAL C 209 33.22 -27.24 50.33
CA VAL C 209 34.22 -27.97 51.11
C VAL C 209 34.84 -29.04 50.24
N ILE C 210 36.16 -28.93 50.02
CA ILE C 210 36.90 -29.86 49.19
C ILE C 210 38.03 -30.50 49.98
N ASN C 211 37.90 -31.83 50.20
CA ASN C 211 38.82 -32.67 50.95
C ASN C 211 39.14 -32.12 52.35
N GLY C 212 38.07 -31.83 53.10
CA GLY C 212 38.16 -31.29 54.46
C GLY C 212 38.32 -29.79 54.56
N GLU C 213 39.02 -29.17 53.58
CA GLU C 213 39.31 -27.73 53.53
C GLU C 213 38.21 -26.94 52.84
N GLU C 214 37.78 -25.84 53.48
CA GLU C 214 36.75 -24.95 52.96
C GLU C 214 37.31 -23.93 51.97
N ARG C 215 36.68 -23.91 50.77
CA ARG C 215 37.00 -23.04 49.64
C ARG C 215 35.85 -22.08 49.44
N PHE C 216 36.17 -20.79 49.22
CA PHE C 216 35.17 -19.74 49.00
C PHE C 216 35.24 -19.34 47.53
N VAL C 217 34.51 -20.12 46.68
CA VAL C 217 34.45 -19.95 45.21
C VAL C 217 34.03 -18.53 44.79
N ILE C 218 34.93 -17.83 44.06
CA ILE C 218 34.68 -16.48 43.55
C ILE C 218 33.69 -16.58 42.40
N LYS C 219 32.50 -16.02 42.60
CA LYS C 219 31.41 -16.04 41.61
C LYS C 219 31.37 -14.73 40.81
N THR C 220 31.79 -13.61 41.44
CA THR C 220 31.92 -12.27 40.84
C THR C 220 32.98 -11.48 41.61
N ILE C 221 33.79 -10.68 40.90
CA ILE C 221 34.78 -9.78 41.51
C ILE C 221 34.19 -8.38 41.32
N ILE C 222 33.97 -7.64 42.43
CA ILE C 222 33.43 -6.27 42.38
C ILE C 222 34.55 -5.21 42.54
N GLY C 223 35.37 -5.37 43.59
CA GLY C 223 36.46 -4.45 43.90
C GLY C 223 36.00 -3.31 44.79
N SER C 224 36.90 -2.84 45.67
CA SER C 224 36.65 -1.73 46.60
C SER C 224 36.82 -0.37 45.91
N GLU C 225 37.77 -0.29 44.96
CA GLU C 225 38.06 0.92 44.21
C GLU C 225 36.98 1.17 43.16
N ASP C 226 36.49 2.42 43.07
CA ASP C 226 35.49 2.84 42.10
C ASP C 226 36.21 3.28 40.82
N GLY C 227 35.56 3.03 39.68
CA GLY C 227 36.09 3.40 38.38
C GLY C 227 36.93 2.34 37.72
N LEU C 228 36.47 1.08 37.80
CA LEU C 228 37.12 -0.10 37.21
C LEU C 228 36.54 -0.52 35.83
N GLY C 229 35.23 -0.30 35.62
CA GLY C 229 34.57 -0.75 34.41
C GLY C 229 33.25 -0.09 34.06
N VAL C 230 32.14 -0.85 34.14
CA VAL C 230 30.79 -0.41 33.74
C VAL C 230 30.35 0.94 34.27
N GLU C 231 30.77 1.31 35.51
CA GLU C 231 30.47 2.61 36.13
C GLU C 231 31.09 3.76 35.34
N CYS C 232 32.21 3.48 34.62
CA CYS C 232 32.91 4.43 33.75
C CYS C 232 32.18 4.56 32.45
N LEU C 233 31.57 3.43 31.99
CA LEU C 233 30.77 3.39 30.77
C LEU C 233 29.46 4.16 30.98
N ARG C 234 28.82 3.99 32.17
CA ARG C 234 27.62 4.73 32.56
C ARG C 234 27.88 6.23 32.52
N GLY C 235 28.98 6.67 33.16
CA GLY C 235 29.40 8.07 33.18
C GLY C 235 29.67 8.63 31.80
N SER C 236 30.18 7.80 30.88
CA SER C 236 30.47 8.19 29.50
C SER C 236 29.15 8.44 28.77
N GLY C 237 28.16 7.58 29.02
CA GLY C 237 26.81 7.72 28.47
C GLY C 237 26.19 9.02 28.94
N LEU C 238 26.34 9.31 30.23
CA LEU C 238 25.84 10.56 30.83
C LEU C 238 26.39 11.79 30.11
N ILE C 239 27.73 11.87 29.94
CA ILE C 239 28.35 13.00 29.25
C ILE C 239 28.08 13.07 27.74
N ALA C 240 27.85 11.91 27.08
CA ALA C 240 27.50 11.87 25.66
C ALA C 240 26.11 12.49 25.45
N GLY C 241 25.14 12.12 26.29
CA GLY C 241 23.79 12.65 26.26
C GLY C 241 23.79 14.14 26.59
N ALA C 242 24.60 14.53 27.59
CA ALA C 242 24.74 15.92 28.03
C ALA C 242 25.23 16.81 26.88
N THR C 243 26.21 16.33 26.11
CA THR C 243 26.81 17.07 24.99
C THR C 243 25.84 17.17 23.80
N SER C 244 25.12 16.08 23.51
CA SER C 244 24.09 16.04 22.48
C SER C 244 23.06 17.18 22.73
N ARG C 245 22.67 17.40 24.00
CA ARG C 245 21.73 18.42 24.44
C ARG C 245 22.34 19.79 24.41
N ALA C 246 23.60 19.91 24.85
CA ALA C 246 24.32 21.18 24.88
C ALA C 246 24.41 21.78 23.47
N TYR C 247 24.66 20.94 22.43
CA TYR C 247 24.78 21.38 21.03
C TYR C 247 23.57 22.15 20.51
N HIS C 248 22.37 21.81 21.02
CA HIS C 248 21.10 22.43 20.66
C HIS C 248 20.76 23.65 21.47
N ASP C 249 21.51 23.90 22.51
CA ASP C 249 21.22 24.89 23.53
C ASP C 249 22.24 26.01 23.61
N ILE C 250 23.54 25.68 23.45
CA ILE C 250 24.61 26.65 23.58
C ILE C 250 25.66 26.43 22.51
N PHE C 251 26.58 27.39 22.36
CA PHE C 251 27.66 27.24 21.40
C PHE C 251 28.66 26.21 21.98
N THR C 252 28.84 25.07 21.30
CA THR C 252 29.78 24.04 21.74
C THR C 252 30.93 23.95 20.72
N ILE C 253 32.15 23.87 21.21
CA ILE C 253 33.33 23.71 20.36
C ILE C 253 34.35 22.86 21.13
N THR C 254 35.15 22.09 20.41
CA THR C 254 36.18 21.22 20.99
C THR C 254 37.51 21.43 20.30
N LEU C 255 38.58 21.57 21.10
CA LEU C 255 39.93 21.59 20.56
C LEU C 255 40.56 20.25 20.92
N VAL C 256 40.90 19.44 19.88
CA VAL C 256 41.55 18.12 20.03
C VAL C 256 43.02 18.46 20.18
N THR C 257 43.41 18.64 21.44
CA THR C 257 44.74 19.09 21.85
C THR C 257 45.74 17.95 21.98
N CYS C 258 45.22 16.79 22.33
CA CYS C 258 45.97 15.57 22.48
C CYS C 258 45.05 14.47 22.01
N ARG C 259 45.48 13.23 21.98
CA ARG C 259 44.61 12.16 21.53
C ARG C 259 43.26 12.10 22.31
N SER C 260 42.14 11.88 21.61
CA SER C 260 40.80 11.73 22.19
C SER C 260 40.38 10.31 21.85
N VAL C 261 40.20 9.49 22.89
CA VAL C 261 39.89 8.07 22.76
C VAL C 261 38.48 7.74 23.25
N GLY C 262 37.81 6.79 22.57
CA GLY C 262 36.48 6.29 22.90
C GLY C 262 35.46 7.36 23.14
N ILE C 263 35.04 7.55 24.42
CA ILE C 263 34.10 8.62 24.78
C ILE C 263 34.66 9.97 24.32
N GLY C 264 35.99 10.16 24.44
CA GLY C 264 36.71 11.34 23.98
C GLY C 264 36.40 11.66 22.53
N ALA C 265 36.46 10.66 21.64
CA ALA C 265 36.14 10.78 20.21
C ALA C 265 34.67 11.17 20.01
N TYR C 266 33.75 10.48 20.71
CA TYR C 266 32.31 10.78 20.67
C TYR C 266 31.96 12.18 21.13
N LEU C 267 32.63 12.68 22.20
CA LEU C 267 32.46 14.03 22.70
C LEU C 267 32.85 15.03 21.63
N VAL C 268 33.94 14.72 20.88
CA VAL C 268 34.33 15.64 19.81
C VAL C 268 33.25 15.78 18.74
N ARG C 269 32.64 14.65 18.33
CA ARG C 269 31.54 14.67 17.38
C ARG C 269 30.27 15.27 17.94
N LEU C 270 29.85 14.87 19.16
CA LEU C 270 28.58 15.34 19.76
C LEU C 270 28.48 16.84 19.95
N GLY C 271 29.62 17.51 20.20
CA GLY C 271 29.73 18.96 20.31
C GLY C 271 29.76 19.59 18.94
N GLN C 272 29.87 18.76 17.87
CA GLN C 272 29.91 19.08 16.43
C GLN C 272 31.13 19.89 15.97
N ARG C 273 31.23 21.15 16.42
CA ARG C 273 32.31 22.02 16.03
C ARG C 273 33.66 21.55 16.64
N ALA C 274 34.61 21.18 15.79
CA ALA C 274 35.89 20.65 16.24
C ALA C 274 37.08 21.23 15.47
N ILE C 275 38.14 21.55 16.20
CA ILE C 275 39.41 22.03 15.67
C ILE C 275 40.44 20.98 16.11
N GLN C 276 41.12 20.36 15.14
CA GLN C 276 42.07 19.28 15.40
C GLN C 276 43.50 19.74 15.20
N VAL C 277 44.32 19.63 16.26
CA VAL C 277 45.74 20.02 16.20
C VAL C 277 46.46 18.91 15.40
N GLU C 278 47.26 19.31 14.40
CA GLU C 278 48.00 18.38 13.57
C GLU C 278 48.79 17.40 14.41
N GLY C 279 48.64 16.12 14.10
CA GLY C 279 49.34 15.05 14.81
C GLY C 279 48.66 14.50 16.04
N GLN C 280 47.45 15.00 16.37
CA GLN C 280 46.65 14.56 17.51
C GLN C 280 45.42 13.71 17.07
N PRO C 281 45.39 12.40 17.33
CA PRO C 281 44.30 11.59 16.80
C PRO C 281 42.99 11.50 17.58
N ILE C 282 41.87 11.40 16.83
CA ILE C 282 40.51 11.16 17.32
C ILE C 282 40.28 9.66 16.99
N ILE C 283 40.46 8.79 17.98
CA ILE C 283 40.33 7.34 17.75
C ILE C 283 39.30 6.67 18.64
N LEU C 284 38.80 5.50 18.17
CA LEU C 284 37.92 4.65 18.96
C LEU C 284 38.79 3.57 19.60
N THR C 285 39.48 2.78 18.78
CA THR C 285 40.43 1.76 19.24
C THR C 285 41.77 2.09 18.59
N GLY C 286 42.83 2.06 19.39
CA GLY C 286 44.18 2.35 18.92
C GLY C 286 44.73 1.35 17.93
N ALA C 287 45.75 1.77 17.18
CA ALA C 287 46.44 0.96 16.17
C ALA C 287 47.06 -0.31 16.78
N SER C 288 47.69 -0.17 17.96
CA SER C 288 48.31 -1.29 18.69
C SER C 288 47.29 -2.38 19.05
N ALA C 289 46.14 -1.99 19.62
CA ALA C 289 45.05 -2.91 20.00
C ALA C 289 44.44 -3.58 18.76
N LEU C 290 44.27 -2.80 17.68
CA LEU C 290 43.74 -3.32 16.42
C LEU C 290 44.64 -4.37 15.81
N ASN C 291 45.97 -4.14 15.90
CA ASN C 291 47.00 -5.04 15.39
C ASN C 291 46.94 -6.37 16.12
N LYS C 292 46.62 -6.35 17.42
CA LYS C 292 46.50 -7.54 18.27
C LYS C 292 45.21 -8.29 17.94
N VAL C 293 44.13 -7.56 17.65
CA VAL C 293 42.82 -8.14 17.26
C VAL C 293 42.94 -8.81 15.88
N LEU C 294 43.67 -8.18 14.94
CA LEU C 294 43.84 -8.66 13.57
C LEU C 294 44.93 -9.73 13.40
N GLY C 295 45.84 -9.82 14.37
CA GLY C 295 46.95 -10.76 14.37
C GLY C 295 48.23 -10.13 13.84
N ARG C 296 48.16 -9.63 12.58
CA ARG C 296 49.25 -8.97 11.83
C ARG C 296 49.46 -7.52 12.30
N GLU C 297 50.69 -6.98 12.11
CA GLU C 297 51.02 -5.59 12.42
C GLU C 297 50.62 -4.68 11.24
N VAL C 298 49.29 -4.51 11.06
CA VAL C 298 48.59 -3.77 10.00
C VAL C 298 48.80 -2.26 10.02
N TYR C 299 48.61 -1.62 11.18
CA TYR C 299 48.75 -0.17 11.32
C TYR C 299 50.03 0.18 12.04
N THR C 300 50.64 1.32 11.69
CA THR C 300 51.91 1.77 12.27
C THR C 300 51.73 3.00 13.11
N SER C 301 50.57 3.67 13.00
CA SER C 301 50.27 4.90 13.72
C SER C 301 48.77 5.06 13.99
N ASN C 302 48.42 5.74 15.09
CA ASN C 302 47.04 6.10 15.41
C ASN C 302 46.54 7.18 14.44
N LEU C 303 47.47 7.84 13.72
CA LEU C 303 47.16 8.88 12.74
C LEU C 303 46.48 8.31 11.49
N GLN C 304 46.72 7.02 11.21
CA GLN C 304 46.11 6.30 10.10
C GLN C 304 44.64 6.09 10.39
N LEU C 305 44.27 6.04 11.68
CA LEU C 305 42.88 5.85 12.12
C LEU C 305 42.13 7.15 12.39
N GLY C 306 42.77 8.10 13.07
CA GLY C 306 42.15 9.35 13.48
C GLY C 306 42.93 10.64 13.33
N GLY C 307 43.93 10.67 12.45
CA GLY C 307 44.66 11.90 12.18
C GLY C 307 43.83 12.88 11.37
N THR C 308 44.36 14.08 11.10
CA THR C 308 43.64 15.11 10.31
C THR C 308 43.33 14.58 8.90
N GLN C 309 44.22 13.75 8.33
CA GLN C 309 44.11 13.10 7.02
C GLN C 309 42.81 12.26 6.93
N ILE C 310 42.25 11.86 8.10
CA ILE C 310 41.00 11.12 8.21
C ILE C 310 39.90 12.10 8.58
N MET C 311 40.02 12.74 9.76
CA MET C 311 38.99 13.58 10.36
C MET C 311 38.67 14.92 9.72
N TYR C 312 39.68 15.61 9.17
CA TYR C 312 39.52 16.89 8.46
C TYR C 312 38.94 16.58 7.08
N ASN C 313 39.37 15.49 6.46
CA ASN C 313 38.86 15.00 5.17
C ASN C 313 37.39 14.47 5.26
N ASN C 314 36.96 14.03 6.46
CA ASN C 314 35.65 13.48 6.86
C ASN C 314 34.61 14.53 7.12
N GLY C 315 35.05 15.67 7.65
CA GLY C 315 34.16 16.71 8.15
C GLY C 315 33.88 16.51 9.63
N VAL C 316 34.62 15.58 10.33
CA VAL C 316 34.50 15.42 11.78
C VAL C 316 35.26 16.61 12.40
N SER C 317 36.43 16.95 11.82
CA SER C 317 37.24 18.11 12.19
C SER C 317 36.91 19.25 11.20
N HIS C 318 36.38 20.35 11.73
CA HIS C 318 35.96 21.50 10.95
C HIS C 318 37.14 22.27 10.46
N LEU C 319 38.16 22.32 11.29
CA LEU C 319 39.43 23.02 11.01
C LEU C 319 40.56 22.24 11.64
N THR C 320 41.77 22.48 11.15
CA THR C 320 43.03 21.96 11.67
C THR C 320 43.82 23.15 12.27
N ALA C 321 44.77 22.87 13.17
CA ALA C 321 45.64 23.86 13.80
C ALA C 321 47.05 23.29 13.90
N VAL C 322 48.06 24.13 13.62
CA VAL C 322 49.47 23.75 13.69
C VAL C 322 49.94 23.42 15.10
N ASP C 323 49.37 24.11 16.11
CA ASP C 323 49.66 23.93 17.52
C ASP C 323 48.48 24.43 18.36
N ASP C 324 48.55 24.27 19.71
CA ASP C 324 47.52 24.65 20.67
C ASP C 324 47.11 26.10 20.59
N LEU C 325 48.07 27.04 20.52
CA LEU C 325 47.76 28.47 20.39
C LEU C 325 46.98 28.79 19.12
N ALA C 326 47.37 28.25 17.93
CA ALA C 326 46.62 28.42 16.67
C ALA C 326 45.16 27.92 16.89
N GLY C 327 45.02 26.76 17.54
CA GLY C 327 43.70 26.20 17.87
C GLY C 327 42.87 27.12 18.72
N VAL C 328 43.49 27.66 19.80
CA VAL C 328 42.83 28.62 20.69
C VAL C 328 42.46 29.90 19.89
N GLU C 329 43.36 30.36 18.99
CA GLU C 329 43.09 31.51 18.14
C GLU C 329 41.86 31.31 17.24
N LYS C 330 41.69 30.09 16.69
CA LYS C 330 40.55 29.71 15.85
C LYS C 330 39.25 29.63 16.65
N ILE C 331 39.30 29.16 17.92
CA ILE C 331 38.11 29.11 18.80
C ILE C 331 37.62 30.55 19.00
N VAL C 332 38.54 31.41 19.41
CA VAL C 332 38.33 32.83 19.71
C VAL C 332 37.79 33.60 18.48
N GLU C 333 38.31 33.28 17.27
CA GLU C 333 37.87 33.86 15.99
C GLU C 333 36.46 33.40 15.65
N TRP C 334 36.18 32.09 15.80
CA TRP C 334 34.88 31.49 15.54
C TRP C 334 33.84 32.13 16.46
N MET C 335 34.15 32.25 17.77
CA MET C 335 33.27 32.85 18.78
C MET C 335 32.91 34.31 18.50
N SER C 336 33.78 35.03 17.76
CA SER C 336 33.56 36.44 17.44
C SER C 336 32.31 36.67 16.58
N TYR C 337 31.75 35.61 15.97
CA TYR C 337 30.55 35.68 15.13
C TYR C 337 29.32 35.32 15.93
N VAL C 338 29.51 34.74 17.11
CA VAL C 338 28.50 34.15 17.98
C VAL C 338 28.01 35.08 19.10
N PRO C 339 26.68 35.13 19.39
CA PRO C 339 26.18 35.94 20.53
C PRO C 339 26.89 35.62 21.85
N ALA C 340 26.94 36.58 22.79
CA ALA C 340 27.58 36.42 24.10
C ALA C 340 26.95 35.27 24.88
N LYS C 341 25.64 35.06 24.72
CA LYS C 341 24.87 34.00 25.36
C LYS C 341 23.58 33.71 24.58
N ARG C 342 22.99 32.54 24.79
CA ARG C 342 21.73 32.12 24.14
C ARG C 342 20.69 33.23 24.12
N ASN C 343 20.11 33.45 22.95
CA ASN C 343 19.05 34.44 22.69
C ASN C 343 19.45 35.90 22.76
N MET C 344 20.74 36.19 22.83
CA MET C 344 21.19 37.57 22.77
C MET C 344 21.34 37.90 21.27
N PRO C 345 21.23 39.18 20.84
CA PRO C 345 21.37 39.49 19.41
C PRO C 345 22.72 39.06 18.86
N VAL C 346 22.81 38.81 17.54
CA VAL C 346 24.07 38.46 16.88
C VAL C 346 25.06 39.61 17.02
N PRO C 347 26.35 39.36 17.33
CA PRO C 347 27.26 40.50 17.60
C PRO C 347 27.66 41.28 16.37
N ILE C 348 27.14 42.52 16.24
CA ILE C 348 27.48 43.43 15.15
C ILE C 348 28.92 43.92 15.37
N LEU C 349 29.73 43.93 14.30
CA LEU C 349 31.08 44.44 14.36
C LEU C 349 31.42 45.14 13.05
N GLU C 350 31.23 46.46 13.03
CA GLU C 350 31.55 47.22 11.82
C GLU C 350 33.05 47.46 11.71
N THR C 351 33.59 47.24 10.50
CA THR C 351 35.01 47.47 10.22
C THR C 351 35.19 48.61 9.19
N LYS C 352 36.41 48.83 8.64
CA LYS C 352 36.64 49.91 7.66
C LYS C 352 35.77 49.70 6.41
N ASP C 353 35.36 48.44 6.13
CA ASP C 353 34.53 48.07 4.98
C ASP C 353 33.03 48.21 5.29
N THR C 354 32.52 49.44 5.08
CA THR C 354 31.11 49.78 5.34
C THR C 354 30.19 49.19 4.28
N TRP C 355 28.88 49.17 4.56
CA TRP C 355 27.83 48.65 3.70
C TRP C 355 27.68 49.44 2.38
N ASP C 356 27.98 50.76 2.40
CA ASP C 356 27.72 51.66 1.30
C ASP C 356 28.75 51.69 0.20
N ARG C 357 28.75 50.62 -0.62
CA ARG C 357 29.67 50.48 -1.75
C ARG C 357 29.11 49.44 -2.73
N PRO C 358 29.50 49.50 -4.02
CA PRO C 358 29.11 48.41 -4.94
C PRO C 358 29.97 47.15 -4.71
N VAL C 359 29.56 46.02 -5.31
CA VAL C 359 30.32 44.77 -5.26
C VAL C 359 31.20 44.82 -6.52
N ASP C 360 32.54 44.73 -6.38
CA ASP C 360 33.43 44.82 -7.55
C ASP C 360 33.57 43.50 -8.29
N PHE C 361 33.94 42.40 -7.57
CA PHE C 361 34.11 41.12 -8.26
C PHE C 361 32.81 40.62 -8.87
N THR C 362 32.79 40.46 -10.20
CA THR C 362 31.62 39.96 -10.91
C THR C 362 31.99 38.74 -11.75
N PRO C 363 31.32 37.58 -11.54
CA PRO C 363 31.61 36.40 -12.37
C PRO C 363 31.17 36.57 -13.83
N THR C 364 31.88 35.92 -14.75
CA THR C 364 31.59 35.92 -16.20
C THR C 364 31.35 34.48 -16.62
N ASN C 365 30.50 34.26 -17.63
CA ASN C 365 30.21 32.90 -18.09
C ASN C 365 31.39 32.24 -18.81
N ASP C 366 32.20 33.05 -19.48
CA ASP C 366 33.36 32.59 -20.22
C ASP C 366 34.64 32.36 -19.35
N GLU C 367 34.62 32.75 -18.08
CA GLU C 367 35.79 32.64 -17.21
C GLU C 367 35.55 31.87 -15.93
N THR C 368 36.55 31.06 -15.54
CA THR C 368 36.54 30.28 -14.31
C THR C 368 36.77 31.23 -13.13
N TYR C 369 36.04 31.00 -12.03
CA TYR C 369 36.20 31.79 -10.82
C TYR C 369 36.14 30.93 -9.59
N ASP C 370 36.74 31.41 -8.51
CA ASP C 370 36.66 30.78 -7.19
C ASP C 370 35.47 31.52 -6.52
N VAL C 371 34.45 30.78 -6.04
CA VAL C 371 33.29 31.40 -5.38
C VAL C 371 33.70 32.32 -4.21
N ARG C 372 34.86 32.03 -3.54
CA ARG C 372 35.38 32.85 -2.43
C ARG C 372 35.62 34.30 -2.82
N TRP C 373 35.91 34.55 -4.11
CA TRP C 373 36.09 35.90 -4.65
C TRP C 373 34.77 36.68 -4.59
N MET C 374 33.63 36.00 -4.82
CA MET C 374 32.31 36.63 -4.76
C MET C 374 31.94 36.92 -3.32
N ILE C 375 32.36 36.03 -2.40
CA ILE C 375 32.09 36.13 -0.99
C ILE C 375 32.92 37.25 -0.31
N GLU C 376 34.25 37.21 -0.44
CA GLU C 376 35.15 38.10 0.30
C GLU C 376 35.99 39.06 -0.53
N GLY C 377 35.93 38.92 -1.84
CA GLY C 377 36.71 39.74 -2.74
C GLY C 377 38.01 39.08 -3.12
N ARG C 378 38.83 39.75 -3.93
CA ARG C 378 40.11 39.22 -4.36
C ARG C 378 41.16 40.26 -4.67
N GLU C 379 42.43 39.91 -4.41
CA GLU C 379 43.55 40.77 -4.74
C GLU C 379 43.83 40.71 -6.25
N THR C 380 44.04 41.86 -6.87
CA THR C 380 44.34 42.01 -8.30
C THR C 380 45.55 42.92 -8.41
N GLU C 381 46.30 42.83 -9.53
CA GLU C 381 47.46 43.67 -9.82
C GLU C 381 47.05 45.16 -9.83
N SER C 382 45.80 45.45 -10.26
CA SER C 382 45.22 46.77 -10.34
C SER C 382 44.43 47.19 -9.07
N GLY C 383 44.60 46.45 -7.97
CA GLY C 383 43.95 46.73 -6.70
C GLY C 383 42.96 45.66 -6.25
N PHE C 384 42.51 45.73 -4.98
CA PHE C 384 41.55 44.79 -4.38
C PHE C 384 40.14 44.98 -4.93
N GLU C 385 39.52 43.88 -5.41
CA GLU C 385 38.15 43.88 -5.92
C GLU C 385 37.30 43.36 -4.77
N TYR C 386 36.47 44.23 -4.18
CA TYR C 386 35.62 43.86 -3.06
C TYR C 386 34.51 42.93 -3.52
N GLY C 387 34.13 42.01 -2.64
CA GLY C 387 33.06 41.05 -2.88
C GLY C 387 31.80 41.43 -2.14
N LEU C 388 30.87 40.46 -2.02
CA LEU C 388 29.60 40.70 -1.38
C LEU C 388 29.71 41.03 0.12
N PHE C 389 30.58 40.30 0.84
CA PHE C 389 30.73 40.50 2.28
C PHE C 389 31.92 41.38 2.67
N ASP C 390 32.01 41.72 3.96
CA ASP C 390 33.06 42.60 4.48
C ASP C 390 34.47 42.04 4.22
N LYS C 391 35.41 42.91 3.79
CA LYS C 391 36.79 42.51 3.52
C LYS C 391 37.41 41.90 4.80
N GLY C 392 37.99 40.71 4.64
CA GLY C 392 38.64 39.96 5.71
C GLY C 392 37.71 39.31 6.72
N SER C 393 36.40 39.22 6.42
CA SER C 393 35.45 38.65 7.37
C SER C 393 35.12 37.18 7.12
N PHE C 394 35.53 36.63 5.97
CA PHE C 394 35.20 35.25 5.68
C PHE C 394 36.04 34.25 6.44
N PHE C 395 35.39 33.52 7.36
CA PHE C 395 35.96 32.46 8.17
C PHE C 395 35.37 31.12 7.70
N GLU C 396 36.06 30.43 6.78
CA GLU C 396 35.64 29.16 6.20
C GLU C 396 35.86 28.01 7.16
N THR C 397 34.85 27.13 7.31
CA THR C 397 34.92 25.94 8.15
C THR C 397 34.55 24.72 7.28
N LEU C 398 34.79 23.48 7.77
CA LEU C 398 34.59 22.20 7.09
C LEU C 398 35.34 22.21 5.74
N SER C 399 36.47 22.95 5.71
CA SER C 399 37.25 23.18 4.49
C SER C 399 37.96 21.98 3.91
N GLY C 400 38.09 20.92 4.70
CA GLY C 400 38.77 19.70 4.27
C GLY C 400 37.88 18.66 3.63
N TRP C 401 36.57 18.77 3.84
CA TRP C 401 35.53 17.84 3.39
C TRP C 401 34.59 18.46 2.36
N ALA C 402 34.05 17.59 1.46
CA ALA C 402 33.07 17.91 0.41
C ALA C 402 33.24 19.32 -0.15
N LYS C 403 34.43 19.58 -0.70
CA LYS C 403 34.88 20.87 -1.22
C LYS C 403 34.02 21.53 -2.35
N GLY C 404 32.95 20.85 -2.79
CA GLY C 404 32.01 21.33 -3.79
C GLY C 404 31.10 22.41 -3.25
N VAL C 405 30.93 22.44 -1.91
CA VAL C 405 30.19 23.47 -1.17
C VAL C 405 31.18 24.22 -0.34
N VAL C 406 31.03 25.55 -0.30
CA VAL C 406 31.91 26.41 0.49
C VAL C 406 31.09 26.97 1.64
N VAL C 407 31.49 26.62 2.89
CA VAL C 407 30.76 27.10 4.05
C VAL C 407 31.66 27.90 4.96
N GLY C 408 31.12 28.95 5.51
CA GLY C 408 31.85 29.80 6.44
C GLY C 408 30.95 30.81 7.11
N ARG C 409 31.55 31.62 7.97
CA ARG C 409 30.89 32.75 8.63
C ARG C 409 31.50 33.99 7.95
N ALA C 410 30.72 35.06 7.85
CA ALA C 410 31.17 36.33 7.30
C ALA C 410 30.39 37.46 7.96
N ARG C 411 30.69 38.70 7.57
CA ARG C 411 29.97 39.87 8.06
C ARG C 411 29.47 40.73 6.86
N LEU C 412 28.23 41.24 6.94
CA LEU C 412 27.60 42.12 5.93
C LEU C 412 27.41 43.49 6.61
N GLY C 413 28.30 44.43 6.33
CA GLY C 413 28.28 45.73 6.98
C GLY C 413 28.32 45.65 8.51
N GLY C 414 28.95 44.59 9.02
CA GLY C 414 29.07 44.30 10.45
C GLY C 414 28.17 43.19 10.95
N ILE C 415 27.12 42.85 10.18
CA ILE C 415 26.16 41.83 10.60
C ILE C 415 26.74 40.43 10.40
N PRO C 416 26.97 39.62 11.48
CA PRO C 416 27.50 38.27 11.28
C PRO C 416 26.43 37.33 10.73
N LEU C 417 26.82 36.39 9.85
CA LEU C 417 25.89 35.42 9.26
C LEU C 417 26.67 34.22 8.72
N GLY C 418 25.95 33.12 8.49
CA GLY C 418 26.52 31.94 7.86
C GLY C 418 26.36 32.05 6.36
N VAL C 419 27.40 31.67 5.62
CA VAL C 419 27.36 31.76 4.16
C VAL C 419 27.56 30.35 3.58
N ILE C 420 26.75 29.97 2.58
CA ILE C 420 26.89 28.74 1.80
C ILE C 420 26.98 29.18 0.32
N GLY C 421 28.09 28.82 -0.30
CA GLY C 421 28.36 29.11 -1.70
C GLY C 421 28.67 27.82 -2.43
N VAL C 422 28.64 27.85 -3.78
CA VAL C 422 28.88 26.68 -4.64
C VAL C 422 30.20 26.77 -5.39
N GLU C 423 31.07 25.76 -5.21
CA GLU C 423 32.33 25.67 -5.93
C GLU C 423 32.03 25.20 -7.38
N THR C 424 32.31 26.06 -8.35
CA THR C 424 32.06 25.77 -9.78
C THR C 424 33.07 24.83 -10.38
N ARG C 425 34.33 24.88 -9.87
CA ARG C 425 35.42 24.02 -10.33
C ARG C 425 35.22 22.55 -9.91
N THR C 426 35.62 21.62 -10.78
CA THR C 426 35.48 20.19 -10.49
C THR C 426 36.38 19.83 -9.30
N VAL C 427 35.86 19.03 -8.38
CA VAL C 427 36.59 18.66 -7.16
C VAL C 427 36.95 17.17 -7.21
N GLU C 428 38.15 16.84 -6.71
CA GLU C 428 38.66 15.49 -6.56
C GLU C 428 38.87 15.20 -5.10
N ASN C 429 38.76 13.94 -4.74
CA ASN C 429 39.02 13.48 -3.39
C ASN C 429 39.53 12.07 -3.45
N LEU C 430 40.49 11.76 -2.59
CA LEU C 430 41.08 10.43 -2.57
C LEU C 430 40.62 9.59 -1.39
N ILE C 431 39.98 8.47 -1.71
CA ILE C 431 39.58 7.50 -0.71
C ILE C 431 40.81 6.65 -0.44
N PRO C 432 41.32 6.61 0.79
CA PRO C 432 42.53 5.82 1.06
C PRO C 432 42.31 4.31 1.01
N ALA C 433 43.39 3.55 0.81
CA ALA C 433 43.35 2.09 0.83
C ALA C 433 43.51 1.66 2.28
N ASP C 434 42.60 0.81 2.80
CA ASP C 434 42.68 0.36 4.19
C ASP C 434 43.74 -0.75 4.29
N PRO C 435 44.81 -0.55 5.13
CA PRO C 435 45.84 -1.60 5.25
C PRO C 435 45.28 -2.95 5.73
N ALA C 436 44.15 -2.94 6.46
CA ALA C 436 43.47 -4.12 6.98
C ALA C 436 42.96 -5.07 5.87
N ASN C 437 42.70 -4.53 4.66
CA ASN C 437 42.29 -5.33 3.51
C ASN C 437 43.39 -5.36 2.44
N PRO C 438 44.05 -6.51 2.24
CA PRO C 438 45.13 -6.58 1.22
C PRO C 438 44.65 -6.35 -0.22
N ASN C 439 43.35 -6.59 -0.49
CA ASN C 439 42.72 -6.43 -1.81
C ASN C 439 42.02 -5.06 -1.94
N SER C 440 42.68 -4.01 -1.40
CA SER C 440 42.21 -2.63 -1.42
C SER C 440 43.22 -1.72 -2.07
N ALA C 441 42.69 -0.77 -2.85
CA ALA C 441 43.49 0.23 -3.52
C ALA C 441 42.79 1.56 -3.36
N GLU C 442 43.58 2.63 -3.34
CA GLU C 442 43.04 3.98 -3.19
C GLU C 442 42.26 4.39 -4.45
N THR C 443 41.09 5.01 -4.26
CA THR C 443 40.23 5.48 -5.35
C THR C 443 40.17 7.00 -5.40
N LEU C 444 40.23 7.55 -6.61
CA LEU C 444 40.11 8.99 -6.83
C LEU C 444 38.76 9.28 -7.46
N ILE C 445 37.95 10.06 -6.76
CA ILE C 445 36.60 10.42 -7.18
C ILE C 445 36.56 11.86 -7.62
N GLN C 446 36.11 12.08 -8.85
CA GLN C 446 35.87 13.40 -9.41
C GLN C 446 34.37 13.70 -9.18
N GLN C 447 34.05 14.97 -8.94
CA GLN C 447 32.67 15.43 -8.76
C GLN C 447 32.58 16.79 -9.42
N ALA C 448 31.71 16.93 -10.40
CA ALA C 448 31.52 18.17 -11.12
C ALA C 448 30.89 19.26 -10.22
N GLY C 449 31.18 20.53 -10.50
CA GLY C 449 30.61 21.64 -9.76
C GLY C 449 29.13 21.85 -10.08
N GLN C 450 28.42 22.64 -9.22
CA GLN C 450 27.00 22.99 -9.36
C GLN C 450 26.07 21.76 -9.38
N VAL C 451 26.46 20.70 -8.65
CA VAL C 451 25.73 19.44 -8.50
C VAL C 451 25.87 19.05 -7.00
N TRP C 452 24.75 18.73 -6.35
CA TRP C 452 24.82 18.20 -5.00
C TRP C 452 25.08 16.69 -5.12
N PHE C 453 26.10 16.19 -4.38
CA PHE C 453 26.44 14.79 -4.26
C PHE C 453 26.13 14.36 -2.79
N PRO C 454 26.09 13.06 -2.44
CA PRO C 454 25.85 12.70 -1.01
C PRO C 454 26.68 13.51 0.01
N ASN C 455 28.00 13.68 -0.24
CA ASN C 455 28.85 14.44 0.68
C ASN C 455 28.52 15.93 0.73
N SER C 456 28.41 16.62 -0.44
CA SER C 456 28.07 18.04 -0.48
C SER C 456 26.66 18.32 0.06
N ALA C 457 25.69 17.41 -0.12
CA ALA C 457 24.34 17.58 0.45
C ALA C 457 24.43 17.42 1.99
N PHE C 458 25.20 16.45 2.47
CA PHE C 458 25.46 16.25 3.90
C PHE C 458 26.12 17.50 4.51
N LYS C 459 27.19 18.04 3.85
CA LYS C 459 27.88 19.23 4.32
C LYS C 459 26.94 20.44 4.42
N THR C 460 26.09 20.66 3.39
CA THR C 460 25.12 21.73 3.33
C THR C 460 24.18 21.64 4.52
N ALA C 461 23.56 20.46 4.69
CA ALA C 461 22.66 20.21 5.82
C ALA C 461 23.38 20.46 7.15
N GLN C 462 24.61 19.97 7.31
CA GLN C 462 25.45 20.13 8.51
C GLN C 462 25.69 21.58 8.82
N ALA C 463 26.07 22.39 7.80
CA ALA C 463 26.34 23.83 7.92
C ALA C 463 25.12 24.57 8.40
N ILE C 464 23.95 24.32 7.78
CA ILE C 464 22.67 24.93 8.15
C ILE C 464 22.38 24.69 9.63
N ASN C 465 22.51 23.43 10.08
CA ASN C 465 22.28 23.07 11.47
C ASN C 465 23.26 23.72 12.41
N ASP C 466 24.57 23.78 12.04
CA ASP C 466 25.60 24.40 12.89
C ASP C 466 25.45 25.91 13.00
N PHE C 467 24.92 26.59 11.95
CA PHE C 467 24.64 28.04 12.01
C PHE C 467 23.44 28.27 12.93
N ASN C 468 22.50 27.32 12.92
CA ASN C 468 21.26 27.46 13.65
C ASN C 468 21.40 27.22 15.15
N ASN C 469 21.86 26.01 15.56
CA ASN C 469 22.02 25.67 16.97
C ASN C 469 23.27 26.33 17.51
N GLY C 470 23.11 26.94 18.69
CA GLY C 470 24.20 27.57 19.42
C GLY C 470 24.72 28.85 18.78
N GLU C 471 25.11 28.81 17.49
CA GLU C 471 25.56 30.02 16.76
C GLU C 471 24.40 31.01 16.59
N GLN C 472 23.16 30.50 16.39
CA GLN C 472 21.92 31.27 16.23
C GLN C 472 22.09 32.40 15.26
N LEU C 473 22.73 32.15 14.12
CA LEU C 473 23.02 33.15 13.09
C LEU C 473 21.99 33.18 11.95
N PRO C 474 21.80 34.38 11.30
CA PRO C 474 21.02 34.38 10.05
C PRO C 474 21.89 33.72 8.95
N MET C 475 21.32 33.50 7.78
CA MET C 475 22.11 32.80 6.75
C MET C 475 21.81 33.26 5.36
N MET C 476 22.84 33.24 4.51
CA MET C 476 22.72 33.46 3.08
C MET C 476 23.25 32.25 2.30
N ILE C 477 22.43 31.75 1.35
CA ILE C 477 22.82 30.68 0.44
C ILE C 477 22.90 31.29 -0.94
N LEU C 478 24.11 31.34 -1.52
CA LEU C 478 24.31 31.82 -2.89
C LEU C 478 24.05 30.57 -3.77
N ALA C 479 22.75 30.20 -3.92
CA ALA C 479 22.27 28.98 -4.59
C ALA C 479 22.63 28.93 -6.04
N ASN C 480 23.38 27.90 -6.44
CA ASN C 480 23.86 27.71 -7.78
C ASN C 480 24.09 26.22 -8.06
N TRP C 481 22.99 25.45 -8.14
CA TRP C 481 23.07 24.00 -8.39
C TRP C 481 22.16 23.61 -9.50
N ARG C 482 22.63 22.71 -10.37
CA ARG C 482 21.88 22.17 -11.53
C ARG C 482 20.99 20.99 -11.11
N GLY C 483 21.19 20.52 -9.89
CA GLY C 483 20.40 19.43 -9.31
C GLY C 483 21.26 18.50 -8.49
N PHE C 484 20.69 17.33 -8.14
CA PHE C 484 21.38 16.29 -7.38
C PHE C 484 21.94 15.31 -8.38
N SER C 485 22.98 14.56 -8.01
CA SER C 485 23.51 13.51 -8.87
C SER C 485 22.55 12.33 -8.83
N GLY C 486 21.92 12.05 -9.97
CA GLY C 486 20.94 10.98 -10.11
C GLY C 486 21.47 9.69 -10.69
N GLY C 487 22.79 9.58 -10.82
CA GLY C 487 23.45 8.40 -11.37
C GLY C 487 23.44 7.24 -10.40
N GLN C 488 23.77 6.04 -10.89
CA GLN C 488 23.74 4.84 -10.06
C GLN C 488 24.54 4.91 -8.77
N ARG C 489 25.82 5.31 -8.86
CA ARG C 489 26.72 5.41 -7.70
C ARG C 489 26.13 6.27 -6.58
N ASP C 490 25.69 7.50 -6.92
CA ASP C 490 25.17 8.44 -5.93
C ASP C 490 23.79 8.10 -5.42
N MET C 491 22.98 7.44 -6.24
CA MET C 491 21.67 6.96 -5.83
C MET C 491 21.86 5.82 -4.83
N PHE C 492 22.76 4.90 -5.14
CA PHE C 492 23.14 3.81 -4.25
C PHE C 492 23.75 4.37 -2.96
N ASN C 493 24.54 5.47 -3.05
CA ASN C 493 25.14 6.08 -1.86
C ASN C 493 24.22 7.04 -1.15
N GLU C 494 22.90 6.84 -1.32
CA GLU C 494 21.82 7.50 -0.61
C GLU C 494 21.72 9.02 -0.76
N VAL C 495 21.96 9.56 -1.96
CA VAL C 495 21.81 11.01 -2.17
C VAL C 495 20.44 11.56 -1.68
N LEU C 496 19.34 10.76 -1.83
CA LEU C 496 18.00 11.16 -1.39
C LEU C 496 17.95 11.42 0.14
N LYS C 497 18.71 10.66 0.92
CA LYS C 497 18.77 10.80 2.38
C LYS C 497 19.41 12.13 2.73
N TYR C 498 20.56 12.44 2.11
CA TYR C 498 21.33 13.65 2.38
C TYR C 498 20.64 14.89 1.93
N GLY C 499 19.99 14.81 0.77
CA GLY C 499 19.18 15.91 0.25
C GLY C 499 18.05 16.21 1.20
N SER C 500 17.39 15.17 1.74
CA SER C 500 16.30 15.32 2.71
C SER C 500 16.73 16.01 4.03
N PHE C 501 17.96 15.78 4.50
CA PHE C 501 18.50 16.43 5.68
C PHE C 501 18.48 17.95 5.47
N ILE C 502 18.74 18.44 4.21
CA ILE C 502 18.74 19.87 3.90
C ILE C 502 17.36 20.44 4.24
N VAL C 503 16.28 19.78 3.80
CA VAL C 503 14.90 20.19 4.08
C VAL C 503 14.67 20.28 5.59
N ASP C 504 15.01 19.21 6.32
CA ASP C 504 14.87 19.16 7.77
C ASP C 504 15.61 20.29 8.44
N ALA C 505 16.83 20.58 7.97
CA ALA C 505 17.66 21.65 8.55
C ALA C 505 17.02 23.02 8.38
N LEU C 506 16.41 23.30 7.20
CA LEU C 506 15.69 24.54 6.88
C LEU C 506 14.39 24.70 7.65
N VAL C 507 13.63 23.60 7.84
CA VAL C 507 12.39 23.59 8.64
C VAL C 507 12.69 24.05 10.06
N ASP C 508 13.85 23.67 10.62
CA ASP C 508 14.25 23.99 12.00
C ASP C 508 14.87 25.36 12.19
N TYR C 509 15.20 26.06 11.11
CA TYR C 509 15.90 27.35 11.20
C TYR C 509 15.09 28.42 11.90
N LYS C 510 15.70 29.10 12.91
CA LYS C 510 14.97 30.12 13.70
C LYS C 510 15.43 31.56 13.47
N GLN C 511 16.27 31.81 12.44
CA GLN C 511 16.77 33.17 12.14
C GLN C 511 16.56 33.51 10.64
N PRO C 512 16.53 34.82 10.24
CA PRO C 512 16.37 35.15 8.81
C PRO C 512 17.25 34.35 7.85
N ILE C 513 16.66 33.90 6.68
CA ILE C 513 17.35 33.19 5.59
C ILE C 513 17.13 33.93 4.30
N ILE C 514 18.22 34.16 3.57
CA ILE C 514 18.23 34.77 2.23
C ILE C 514 18.77 33.71 1.27
N ILE C 515 17.98 33.33 0.25
CA ILE C 515 18.42 32.44 -0.83
C ILE C 515 18.59 33.41 -2.00
N TYR C 516 19.76 33.42 -2.63
CA TYR C 516 20.06 34.32 -3.72
C TYR C 516 20.74 33.57 -4.85
N ILE C 517 20.07 33.46 -6.01
CA ILE C 517 20.66 32.81 -7.20
C ILE C 517 21.56 33.91 -7.79
N PRO C 518 22.91 33.75 -7.72
CA PRO C 518 23.80 34.85 -8.16
C PRO C 518 23.93 35.03 -9.68
N PRO C 519 24.60 36.11 -10.17
CA PRO C 519 24.81 36.24 -11.62
C PRO C 519 25.61 35.06 -12.14
N THR C 520 25.32 34.57 -13.37
CA THR C 520 25.91 33.37 -14.03
C THR C 520 25.43 32.07 -13.34
N GLY C 521 24.66 32.21 -12.27
CA GLY C 521 24.17 31.08 -11.51
C GLY C 521 22.84 30.52 -11.99
N GLU C 522 22.57 29.27 -11.61
CA GLU C 522 21.33 28.59 -11.93
C GLU C 522 20.82 27.76 -10.77
N LEU C 523 19.51 27.53 -10.74
CA LEU C 523 18.89 26.71 -9.73
C LEU C 523 17.85 25.92 -10.46
N ARG C 524 18.06 24.61 -10.58
CA ARG C 524 17.20 23.75 -11.37
C ARG C 524 16.69 22.53 -10.65
N GLY C 525 15.59 21.98 -11.18
CA GLY C 525 14.91 20.78 -10.71
C GLY C 525 14.91 20.54 -9.23
N GLY C 526 15.51 19.43 -8.82
CA GLY C 526 15.62 19.02 -7.42
C GLY C 526 16.36 19.97 -6.50
N SER C 527 17.26 20.78 -7.04
CA SER C 527 18.03 21.76 -6.28
C SER C 527 17.17 22.91 -5.80
N TRP C 528 16.19 23.36 -6.62
CA TRP C 528 15.27 24.40 -6.24
C TRP C 528 14.37 23.88 -5.12
N VAL C 529 13.76 22.69 -5.32
CA VAL C 529 12.86 22.09 -4.35
C VAL C 529 13.38 22.12 -2.91
N VAL C 530 14.67 21.75 -2.69
CA VAL C 530 15.20 21.72 -1.32
C VAL C 530 15.54 23.08 -0.69
N VAL C 531 15.49 24.18 -1.46
CA VAL C 531 15.81 25.51 -0.92
C VAL C 531 14.68 26.49 -1.12
N ASP C 532 13.51 26.01 -1.57
CA ASP C 532 12.40 26.92 -1.82
C ASP C 532 11.92 27.56 -0.52
N PRO C 533 11.65 28.91 -0.50
CA PRO C 533 11.17 29.54 0.75
C PRO C 533 9.87 29.04 1.37
N THR C 534 9.03 28.26 0.64
CA THR C 534 7.79 27.73 1.22
C THR C 534 8.08 26.60 2.22
N ILE C 535 9.37 26.15 2.30
CA ILE C 535 9.82 25.13 3.27
C ILE C 535 9.70 25.71 4.68
N ASN C 536 10.02 27.02 4.81
CA ASN C 536 9.97 27.77 6.06
C ASN C 536 9.71 29.23 5.70
N ALA C 537 8.42 29.57 5.47
CA ALA C 537 7.98 30.91 5.09
C ALA C 537 8.24 31.98 6.17
N ASP C 538 8.32 31.57 7.43
CA ASP C 538 8.57 32.45 8.57
C ASP C 538 9.96 33.02 8.53
N GLN C 539 10.96 32.28 8.00
CA GLN C 539 12.34 32.76 7.90
C GLN C 539 12.89 32.93 6.49
N MET C 540 12.37 32.18 5.53
CA MET C 540 12.93 32.16 4.19
C MET C 540 12.43 33.20 3.24
N GLU C 541 13.34 33.61 2.33
CA GLU C 541 13.12 34.62 1.30
C GLU C 541 14.02 34.30 0.13
N MET C 542 13.51 34.45 -1.09
CA MET C 542 14.35 34.17 -2.25
C MET C 542 14.46 35.32 -3.24
N TYR C 543 15.68 35.48 -3.78
CA TYR C 543 16.05 36.49 -4.75
C TYR C 543 16.82 35.84 -5.88
N ALA C 544 16.68 36.37 -7.07
CA ALA C 544 17.39 35.88 -8.24
C ALA C 544 18.01 37.08 -8.93
N ASP C 545 19.24 36.93 -9.37
CA ASP C 545 19.92 37.99 -10.06
C ASP C 545 19.28 38.14 -11.43
N VAL C 546 19.40 39.31 -12.01
CA VAL C 546 18.93 39.60 -13.38
C VAL C 546 19.65 38.67 -14.40
N ASN C 547 20.86 38.19 -14.04
CA ASN C 547 21.69 37.30 -14.84
C ASN C 547 21.73 35.86 -14.37
N ALA C 548 20.77 35.49 -13.53
CA ALA C 548 20.59 34.13 -13.05
C ALA C 548 19.61 33.38 -13.98
N ARG C 549 19.49 32.07 -13.79
CA ARG C 549 18.56 31.23 -14.54
C ARG C 549 17.93 30.20 -13.62
N ALA C 550 16.70 29.79 -13.92
CA ALA C 550 16.01 28.75 -13.16
C ALA C 550 14.89 28.12 -13.97
N GLY C 551 14.71 26.82 -13.80
CA GLY C 551 13.68 26.04 -14.48
C GLY C 551 13.72 24.61 -13.99
N VAL C 552 12.69 23.80 -14.35
CA VAL C 552 12.64 22.38 -13.94
C VAL C 552 13.84 21.65 -14.58
N LEU C 553 14.00 21.80 -15.89
CA LEU C 553 15.13 21.23 -16.62
C LEU C 553 16.05 22.36 -17.11
N GLU C 554 17.18 21.97 -17.73
CA GLU C 554 18.13 22.89 -18.38
C GLU C 554 17.52 23.09 -19.80
N PRO C 555 17.84 24.16 -20.58
CA PRO C 555 17.21 24.32 -21.91
C PRO C 555 17.27 23.11 -22.82
N GLU C 556 18.38 22.32 -22.77
CA GLU C 556 18.52 21.10 -23.56
C GLU C 556 17.44 20.07 -23.22
N GLY C 557 17.12 19.95 -21.93
CA GLY C 557 16.09 19.07 -21.42
C GLY C 557 14.70 19.46 -21.85
N THR C 558 14.36 20.77 -21.66
CA THR C 558 13.07 21.33 -22.06
C THR C 558 12.79 21.13 -23.58
N VAL C 559 13.78 21.38 -24.47
CA VAL C 559 13.58 21.16 -25.90
C VAL C 559 13.39 19.68 -26.21
N GLU C 560 14.20 18.80 -25.58
CA GLU C 560 14.11 17.35 -25.76
C GLU C 560 12.70 16.83 -25.43
N ILE C 561 12.06 17.43 -24.45
CA ILE C 561 10.75 17.03 -23.97
C ILE C 561 9.56 17.82 -24.58
N LYS C 562 9.75 19.13 -24.88
CA LYS C 562 8.69 20.03 -25.35
C LYS C 562 8.85 20.70 -26.72
N PHE C 563 10.06 20.71 -27.32
CA PHE C 563 10.28 21.30 -28.66
C PHE C 563 10.93 20.25 -29.57
N ARG C 564 10.17 19.17 -29.81
CA ARG C 564 10.61 18.00 -30.59
C ARG C 564 10.60 18.26 -32.12
N ARG C 565 11.04 17.28 -32.95
CA ARG C 565 11.13 17.43 -34.42
C ARG C 565 9.88 17.92 -35.15
N GLU C 566 8.68 17.42 -34.79
CA GLU C 566 7.42 17.85 -35.43
C GLU C 566 7.19 19.36 -35.22
N LYS C 567 7.42 19.84 -33.98
CA LYS C 567 7.28 21.25 -33.62
C LYS C 567 8.37 22.10 -34.32
N LEU C 568 9.59 21.55 -34.44
CA LEU C 568 10.74 22.19 -35.06
C LEU C 568 10.55 22.32 -36.58
N LEU C 569 10.04 21.26 -37.25
CA LEU C 569 9.78 21.27 -38.69
C LEU C 569 8.65 22.22 -39.08
N ASP C 570 7.62 22.35 -38.21
CA ASP C 570 6.51 23.29 -38.39
C ASP C 570 7.03 24.73 -38.33
N THR C 571 8.04 24.98 -37.48
CA THR C 571 8.71 26.27 -37.31
C THR C 571 9.51 26.60 -38.57
N MET C 572 10.17 25.57 -39.17
CA MET C 572 10.91 25.72 -40.44
C MET C 572 9.91 26.11 -41.54
N ASN C 573 8.78 25.39 -41.61
CA ASN C 573 7.70 25.63 -42.56
C ASN C 573 7.13 27.04 -42.46
N ARG C 574 7.17 27.63 -41.26
CA ARG C 574 6.65 28.98 -41.01
C ARG C 574 7.71 30.06 -41.28
N LEU C 575 8.95 29.84 -40.82
CA LEU C 575 10.06 30.79 -40.86
C LEU C 575 11.03 30.74 -42.04
N ASP C 576 11.14 29.59 -42.72
CA ASP C 576 12.07 29.47 -43.85
C ASP C 576 11.33 29.49 -45.19
N ASP C 577 11.73 30.42 -46.08
CA ASP C 577 11.14 30.60 -47.41
C ASP C 577 11.34 29.36 -48.29
N LYS C 578 12.55 28.77 -48.25
CA LYS C 578 12.92 27.57 -49.01
C LYS C 578 12.21 26.29 -48.53
N TYR C 579 12.10 26.07 -47.19
CA TYR C 579 11.44 24.87 -46.63
C TYR C 579 9.93 24.82 -46.97
N ARG C 580 9.24 25.96 -46.78
CA ARG C 580 7.80 26.18 -47.00
C ARG C 580 7.38 25.76 -48.43
N GLU C 581 8.02 26.38 -49.47
CA GLU C 581 7.85 26.16 -50.91
C GLU C 581 8.03 24.66 -51.23
N LEU C 582 9.07 24.04 -50.64
CA LEU C 582 9.39 22.62 -50.77
C LEU C 582 8.28 21.73 -50.19
N ARG C 583 7.75 22.06 -48.98
CA ARG C 583 6.71 21.27 -48.31
C ARG C 583 5.39 21.14 -49.06
N SER C 584 4.90 22.25 -49.66
CA SER C 584 3.65 22.27 -50.44
C SER C 584 3.69 21.27 -51.60
N GLN C 585 4.87 21.11 -52.25
CA GLN C 585 5.14 20.20 -53.35
C GLN C 585 5.07 18.73 -52.90
N LEU C 603 13.23 18.20 -49.63
CA LEU C 603 12.75 18.72 -48.34
C LEU C 603 13.62 18.23 -47.20
N ALA C 604 14.05 16.95 -47.22
CA ALA C 604 14.94 16.37 -46.21
C ALA C 604 16.34 16.96 -46.34
N ASP C 605 16.63 17.56 -47.52
CA ASP C 605 17.90 18.22 -47.87
C ASP C 605 18.04 19.54 -47.07
N ARG C 606 17.02 20.44 -47.15
CA ARG C 606 16.94 21.75 -46.49
C ARG C 606 16.87 21.61 -44.97
N GLU C 607 16.07 20.64 -44.49
CA GLU C 607 15.87 20.29 -43.10
C GLU C 607 17.23 20.03 -42.42
N ARG C 608 18.08 19.19 -43.04
CA ARG C 608 19.43 18.84 -42.56
C ARG C 608 20.35 20.07 -42.44
N GLU C 609 20.21 21.02 -43.37
CA GLU C 609 20.98 22.27 -43.39
C GLU C 609 20.50 23.22 -42.31
N LEU C 610 19.16 23.31 -42.10
CA LEU C 610 18.51 24.20 -41.13
C LEU C 610 18.60 23.72 -39.69
N LEU C 611 18.51 22.39 -39.48
CA LEU C 611 18.54 21.71 -38.17
C LEU C 611 19.51 22.26 -37.10
N PRO C 612 20.81 22.56 -37.39
CA PRO C 612 21.69 23.09 -36.32
C PRO C 612 21.27 24.46 -35.77
N ILE C 613 20.84 25.39 -36.64
CA ILE C 613 20.40 26.73 -36.23
C ILE C 613 18.99 26.75 -35.63
N TYR C 614 18.10 25.85 -36.09
CA TYR C 614 16.74 25.75 -35.55
C TYR C 614 16.74 25.07 -34.17
N GLY C 615 17.78 24.28 -33.91
CA GLY C 615 18.02 23.67 -32.61
C GLY C 615 18.46 24.76 -31.66
N GLN C 616 19.25 25.74 -32.17
CA GLN C 616 19.72 26.90 -31.41
C GLN C 616 18.58 27.85 -31.06
N ILE C 617 17.62 28.03 -32.01
CA ILE C 617 16.44 28.87 -31.87
C ILE C 617 15.57 28.33 -30.72
N SER C 618 15.25 27.01 -30.75
CA SER C 618 14.43 26.35 -29.72
C SER C 618 15.09 26.45 -28.35
N LEU C 619 16.45 26.31 -28.30
CA LEU C 619 17.23 26.42 -27.07
C LEU C 619 17.12 27.85 -26.50
N GLN C 620 17.09 28.86 -27.39
CA GLN C 620 16.94 30.26 -27.02
C GLN C 620 15.50 30.53 -26.55
N PHE C 621 14.51 29.94 -27.25
CA PHE C 621 13.09 30.03 -26.92
C PHE C 621 12.89 29.48 -25.47
N ALA C 622 13.45 28.29 -25.18
CA ALA C 622 13.39 27.63 -23.87
C ALA C 622 14.04 28.51 -22.80
N ASP C 623 15.28 29.02 -23.06
CA ASP C 623 16.03 29.87 -22.12
C ASP C 623 15.29 31.16 -21.78
N LEU C 624 14.44 31.66 -22.70
CA LEU C 624 13.68 32.89 -22.46
C LEU C 624 12.64 32.76 -21.34
N HIS C 625 12.29 31.52 -20.96
CA HIS C 625 11.35 31.23 -19.88
C HIS C 625 12.08 31.20 -18.55
N ASP C 626 13.38 30.82 -18.56
CA ASP C 626 14.26 30.63 -17.41
C ASP C 626 14.78 31.90 -16.72
N ARG C 627 14.25 33.07 -17.06
CA ARG C 627 14.71 34.38 -16.57
C ARG C 627 14.06 34.81 -15.27
N SER C 628 14.75 35.67 -14.51
CA SER C 628 14.26 36.22 -13.23
C SER C 628 12.92 36.99 -13.37
N SER C 629 12.65 37.54 -14.57
CA SER C 629 11.40 38.26 -14.89
C SER C 629 10.20 37.32 -14.81
N ARG C 630 10.38 36.04 -15.22
CA ARG C 630 9.31 35.06 -15.13
C ARG C 630 9.13 34.66 -13.68
N MET C 631 10.25 34.57 -12.93
CA MET C 631 10.27 34.22 -11.50
C MET C 631 9.49 35.27 -10.69
N VAL C 632 9.69 36.56 -10.99
CA VAL C 632 8.97 37.68 -10.38
C VAL C 632 7.45 37.61 -10.77
N ALA C 633 7.17 37.45 -12.08
CA ALA C 633 5.82 37.36 -12.62
C ALA C 633 5.02 36.25 -11.97
N LYS C 634 5.66 35.10 -11.73
CA LYS C 634 4.99 33.96 -11.12
C LYS C 634 5.01 33.97 -9.60
N GLY C 635 5.61 35.00 -9.00
CA GLY C 635 5.69 35.21 -7.56
C GLY C 635 6.48 34.20 -6.78
N VAL C 636 7.55 33.65 -7.38
CA VAL C 636 8.37 32.63 -6.74
C VAL C 636 9.63 33.21 -6.05
N ILE C 637 9.91 34.50 -6.32
CA ILE C 637 11.02 35.28 -5.73
C ILE C 637 10.49 36.63 -5.22
N SER C 638 11.12 37.16 -4.17
CA SER C 638 10.70 38.43 -3.60
C SER C 638 11.05 39.59 -4.55
N LYS C 639 12.22 39.52 -5.21
CA LYS C 639 12.73 40.55 -6.11
C LYS C 639 13.79 39.98 -7.00
N GLU C 640 13.99 40.59 -8.18
CA GLU C 640 15.11 40.32 -9.08
C GLU C 640 16.15 41.40 -8.74
N LEU C 641 17.44 41.02 -8.60
CA LEU C 641 18.47 41.96 -8.18
C LEU C 641 19.63 42.12 -9.15
N GLU C 642 20.38 43.26 -9.00
CA GLU C 642 21.61 43.51 -9.74
C GLU C 642 22.75 43.29 -8.75
N TRP C 643 23.60 42.30 -9.01
CA TRP C 643 24.75 41.88 -8.22
C TRP C 643 25.56 43.04 -7.62
N THR C 644 25.93 44.03 -8.43
CA THR C 644 26.71 45.20 -7.99
C THR C 644 26.04 45.95 -6.85
N GLU C 645 24.69 45.91 -6.82
CA GLU C 645 23.88 46.57 -5.81
C GLU C 645 23.40 45.68 -4.66
N ALA C 646 23.73 44.37 -4.70
CA ALA C 646 23.29 43.37 -3.73
C ALA C 646 23.75 43.62 -2.28
N ARG C 647 24.98 44.12 -2.07
CA ARG C 647 25.51 44.38 -0.73
C ARG C 647 24.64 45.43 0.00
N ARG C 648 24.35 46.55 -0.69
CA ARG C 648 23.48 47.62 -0.18
C ARG C 648 22.08 47.09 0.08
N PHE C 649 21.54 46.31 -0.85
CA PHE C 649 20.19 45.76 -0.72
C PHE C 649 20.06 44.84 0.48
N PHE C 650 20.93 43.83 0.54
CA PHE C 650 20.97 42.82 1.61
C PHE C 650 21.32 43.38 2.95
N PHE C 651 22.22 44.38 3.02
CA PHE C 651 22.56 44.99 4.32
C PHE C 651 21.29 45.50 4.96
N TRP C 652 20.53 46.33 4.28
CA TRP C 652 19.29 46.88 4.85
C TRP C 652 18.16 45.88 5.01
N ARG C 653 18.04 44.88 4.09
CA ARG C 653 17.02 43.84 4.20
C ARG C 653 17.29 43.00 5.43
N LEU C 654 18.54 42.56 5.61
CA LEU C 654 18.90 41.81 6.81
C LEU C 654 18.73 42.66 8.10
N ARG C 655 19.22 43.91 8.09
CA ARG C 655 19.10 44.82 9.23
C ARG C 655 17.61 45.04 9.63
N ARG C 656 16.72 45.27 8.64
CA ARG C 656 15.26 45.43 8.87
C ARG C 656 14.65 44.15 9.47
N ARG C 657 15.02 42.99 8.92
CA ARG C 657 14.56 41.68 9.33
C ARG C 657 14.95 41.37 10.78
N LEU C 658 16.22 41.61 11.19
CA LEU C 658 16.61 41.37 12.59
C LEU C 658 15.77 42.23 13.57
N ASN C 659 15.47 43.47 13.20
CA ASN C 659 14.70 44.37 14.02
C ASN C 659 13.27 43.91 14.16
N GLU C 660 12.66 43.44 13.04
CA GLU C 660 11.29 42.93 13.01
C GLU C 660 11.20 41.62 13.80
N GLU C 661 12.19 40.70 13.62
CA GLU C 661 12.32 39.43 14.38
C GLU C 661 12.37 39.72 15.88
N TYR C 662 13.15 40.74 16.29
CA TYR C 662 13.24 41.16 17.69
C TYR C 662 11.85 41.49 18.22
N LEU C 663 11.10 42.35 17.51
CA LEU C 663 9.77 42.77 17.90
C LEU C 663 8.76 41.64 17.91
N ILE C 664 8.90 40.64 17.00
CA ILE C 664 8.01 39.45 16.94
C ILE C 664 8.21 38.64 18.23
N LYS C 665 9.49 38.38 18.60
CA LYS C 665 9.85 37.67 19.84
C LYS C 665 9.28 38.34 21.08
N ARG C 666 9.26 39.69 21.14
CA ARG C 666 8.72 40.42 22.30
C ARG C 666 7.22 40.28 22.40
N LEU C 667 6.54 40.21 21.26
CA LEU C 667 5.09 40.08 21.22
C LEU C 667 4.70 38.65 21.56
N SER C 668 5.59 37.69 21.31
CA SER C 668 5.39 36.27 21.59
C SER C 668 5.24 36.05 23.11
N HIS C 669 6.06 36.76 23.92
CA HIS C 669 5.99 36.71 25.38
C HIS C 669 4.65 37.28 25.86
N GLN C 670 4.25 38.43 25.28
CA GLN C 670 3.00 39.16 25.54
C GLN C 670 1.79 38.26 25.32
N VAL C 671 1.12 37.91 26.43
CA VAL C 671 -0.09 37.07 26.55
C VAL C 671 -0.03 35.65 25.90
N GLY C 672 0.87 35.47 24.92
CA GLY C 672 1.12 34.21 24.24
C GLY C 672 0.63 34.03 22.82
N GLU C 673 -0.41 33.18 22.66
CA GLU C 673 -1.02 32.65 21.43
C GLU C 673 -1.64 33.59 20.38
N ALA C 674 -1.02 33.59 19.18
CA ALA C 674 -1.37 34.30 17.92
C ALA C 674 -0.39 33.81 16.84
N SER C 675 -0.82 33.83 15.56
CA SER C 675 0.08 33.40 14.48
C SER C 675 1.17 34.42 14.21
N ARG C 676 2.23 33.97 13.50
CA ARG C 676 3.37 34.80 13.12
C ARG C 676 2.88 35.93 12.21
N LEU C 677 1.87 35.63 11.37
CA LEU C 677 1.22 36.55 10.45
C LEU C 677 0.47 37.65 11.20
N GLU C 678 -0.14 37.28 12.34
CA GLU C 678 -0.90 38.25 13.13
C GLU C 678 0.04 39.17 13.88
N LYS C 679 1.14 38.59 14.40
CA LYS C 679 2.19 39.29 15.13
C LYS C 679 2.88 40.41 14.31
N ILE C 680 3.32 40.14 13.04
CA ILE C 680 3.93 41.19 12.21
C ILE C 680 2.93 42.22 11.79
N ALA C 681 1.71 41.82 11.41
CA ALA C 681 0.66 42.74 10.98
C ALA C 681 0.41 43.73 12.11
N ARG C 682 0.46 43.27 13.38
CA ARG C 682 0.28 44.13 14.55
C ARG C 682 1.43 45.10 14.69
N ILE C 683 2.68 44.60 14.60
CA ILE C 683 3.90 45.39 14.69
C ILE C 683 3.91 46.48 13.61
N ARG C 684 3.58 46.13 12.36
CA ARG C 684 3.54 47.08 11.24
C ARG C 684 2.41 48.14 11.38
N SER C 685 1.36 47.78 12.14
CA SER C 685 0.29 48.72 12.42
C SER C 685 0.79 49.86 13.36
N TRP C 686 1.94 49.64 14.06
CA TRP C 686 2.52 50.63 14.95
C TRP C 686 3.37 51.65 14.24
N TYR C 687 3.90 51.29 13.03
CA TYR C 687 4.72 52.18 12.20
C TYR C 687 3.89 53.40 11.78
N PRO C 688 4.48 54.60 11.66
CA PRO C 688 3.69 55.76 11.18
C PRO C 688 3.09 55.48 9.79
N ALA C 689 1.88 56.01 9.53
CA ALA C 689 1.16 55.89 8.25
C ALA C 689 2.06 56.24 7.04
N SER C 690 2.96 57.24 7.21
CA SER C 690 3.91 57.68 6.20
C SER C 690 5.02 56.68 5.86
N VAL C 691 5.31 55.72 6.75
CA VAL C 691 6.36 54.74 6.52
C VAL C 691 5.92 53.68 5.48
N ASP C 692 6.73 53.49 4.42
CA ASP C 692 6.55 52.46 3.41
C ASP C 692 7.09 51.17 4.03
N HIS C 693 6.21 50.19 4.26
CA HIS C 693 6.54 48.89 4.85
C HIS C 693 7.52 48.10 3.98
N GLU C 694 7.62 48.47 2.69
CA GLU C 694 8.50 47.84 1.73
C GLU C 694 9.90 48.44 1.70
N ASP C 695 10.09 49.62 2.37
CA ASP C 695 11.37 50.32 2.50
C ASP C 695 12.15 49.80 3.73
N ASP C 696 13.09 48.89 3.49
CA ASP C 696 13.89 48.24 4.53
C ASP C 696 14.66 49.22 5.37
N ARG C 697 15.35 50.18 4.74
CA ARG C 697 16.13 51.18 5.44
C ARG C 697 15.28 52.07 6.33
N GLN C 698 14.16 52.58 5.81
CA GLN C 698 13.24 53.44 6.56
C GLN C 698 12.65 52.69 7.75
N VAL C 699 12.26 51.42 7.54
CA VAL C 699 11.69 50.56 8.59
C VAL C 699 12.68 50.27 9.75
N ALA C 700 13.95 49.97 9.42
CA ALA C 700 14.98 49.70 10.42
C ALA C 700 15.30 51.01 11.16
N THR C 701 15.41 52.12 10.42
CA THR C 701 15.69 53.42 10.99
C THR C 701 14.63 53.81 12.01
N TRP C 702 13.34 53.59 11.69
CA TRP C 702 12.27 53.98 12.61
C TRP C 702 12.28 53.10 13.85
N ILE C 703 12.40 51.76 13.67
CA ILE C 703 12.45 50.80 14.78
C ILE C 703 13.57 51.20 15.75
N GLU C 704 14.82 51.39 15.23
CA GLU C 704 15.95 51.76 16.07
C GLU C 704 15.84 53.12 16.73
N GLU C 705 15.09 54.06 16.12
CA GLU C 705 14.84 55.38 16.71
C GLU C 705 13.79 55.29 17.82
N ASN C 706 13.02 54.18 17.86
CA ASN C 706 11.87 54.00 18.75
C ASN C 706 11.82 52.74 19.59
N TYR C 707 12.95 52.04 19.84
CA TYR C 707 12.94 50.81 20.65
C TYR C 707 12.29 51.03 22.04
N LYS C 708 12.69 52.10 22.75
CA LYS C 708 12.22 52.40 24.11
C LYS C 708 10.74 52.79 24.10
N THR C 709 10.31 53.45 23.01
CA THR C 709 8.93 53.85 22.77
C THR C 709 8.05 52.61 22.53
N LEU C 710 8.51 51.68 21.69
CA LEU C 710 7.85 50.41 21.37
C LEU C 710 7.83 49.52 22.62
N ASP C 711 8.87 49.59 23.45
CA ASP C 711 8.98 48.86 24.69
C ASP C 711 7.86 49.30 25.60
N ASP C 712 7.66 50.64 25.72
CA ASP C 712 6.56 51.25 26.45
C ASP C 712 5.24 50.66 25.90
N LYS C 713 5.07 50.61 24.55
CA LYS C 713 3.87 50.04 23.94
C LYS C 713 3.63 48.57 24.37
N LEU C 714 4.70 47.74 24.32
CA LEU C 714 4.72 46.32 24.72
C LEU C 714 4.35 46.16 26.22
N LYS C 715 4.94 47.00 27.12
CA LYS C 715 4.68 46.94 28.56
C LYS C 715 3.26 47.33 28.96
N GLY C 716 2.69 48.31 28.25
CA GLY C 716 1.35 48.82 28.49
C GLY C 716 0.28 47.80 28.18
N LEU C 717 0.61 46.89 27.24
CA LEU C 717 -0.22 45.80 26.77
C LEU C 717 -0.31 44.69 27.83
N LYS C 718 0.84 44.37 28.51
CA LYS C 718 0.96 43.39 29.60
C LYS C 718 -0.07 43.68 30.73
N LEU C 719 -0.18 44.97 31.13
CA LEU C 719 -1.11 45.47 32.13
C LEU C 719 -2.56 45.37 31.60
N GLU C 720 -3.27 44.27 31.97
CA GLU C 720 -4.64 43.96 31.54
C GLU C 720 -5.38 43.13 32.60
C29 RCP D . -41.61 -44.37 1.23
C30 RCP D . -42.70 -43.51 0.56
O28 RCP D . -43.23 -44.12 -0.62
C28 RCP D . -43.32 -45.55 -0.54
C27 RCP D . -41.94 -46.23 -0.40
N26 RCP D . -41.02 -45.32 0.27
C26 RCP D . -39.70 -45.38 0.04
O26 RCP D . -39.18 -46.19 -0.72
C25 RCP D . -38.85 -44.40 0.81
C24 RCP D . -37.79 -45.22 1.54
C23 RCP D . -38.34 -43.30 -0.09
C22 RCP D . -37.30 -42.48 0.64
C21 RCP D . -36.09 -43.28 1.10
N20 RCP D . -36.50 -44.56 1.68
C20 RCP D . -35.49 -45.36 2.39
C19 RCP D . -34.51 -44.48 3.15
C18 RCP D . -33.40 -45.36 3.74
C17 RCP D . -36.16 -46.28 3.41
C16 RCP D . -35.09 -47.14 4.06
N15 RCP D . -34.07 -46.26 4.67
C15 RCP D . -33.74 -46.30 5.98
O15 RCP D . -32.86 -45.58 6.46
C14 RCP D . -34.45 -47.25 6.93
C1 RCP D . -35.47 -46.81 7.76
C2 RCP D . -35.93 -45.50 7.64
C3 RCP D . -37.00 -45.07 8.42
C4 RCP D . -37.62 -45.94 9.32
C5 RCP D . -37.20 -47.27 9.43
C6 RCP D . -36.10 -47.70 8.67
C7 RCP D . -35.70 -49.03 8.76
C8 RCP D . -34.62 -49.46 7.99
C13 RCP D . -34.03 -48.59 7.03
C12 RCP D . -32.97 -49.05 6.25
C11 RCP D . -32.50 -50.35 6.42
C10 RCP D . -33.08 -51.20 7.36
C9 RCP D . -34.15 -50.76 8.16
C29 RCP E . 37.91 -3.55 13.01
C30 RCP E . 36.82 -3.80 11.98
O28 RCP E . 36.33 -5.16 11.98
C28 RCP E . 35.89 -5.58 13.28
C27 RCP E . 36.98 -5.42 14.33
N26 RCP E . 37.38 -4.01 14.31
C26 RCP E . 37.28 -3.20 15.37
O26 RCP E . 37.63 -2.03 15.37
C25 RCP E . 36.75 -3.83 16.63
C24 RCP E . 37.39 -3.09 17.81
C23 RCP E . 35.22 -3.90 16.65
C22 RCP E . 34.62 -3.85 18.06
C21 RCP E . 35.57 -4.32 19.16
N20 RCP E . 36.85 -3.63 19.03
C20 RCP E . 37.68 -3.39 20.23
C19 RCP E . 37.10 -4.12 21.44
C18 RCP E . 37.94 -3.79 22.67
C17 RCP E . 39.09 -3.88 19.98
C16 RCP E . 39.97 -3.77 21.23
N15 RCP E . 39.27 -4.33 22.41
C15 RCP E . 39.85 -5.21 23.25
O15 RCP E . 39.25 -5.65 24.24
C14 RCP E . 41.23 -5.76 22.97
C1 RCP E . 41.32 -7.02 22.34
C2 RCP E . 40.14 -7.71 22.00
C3 RCP E . 40.21 -8.95 21.37
C4 RCP E . 41.46 -9.51 21.10
C5 RCP E . 42.64 -8.84 21.45
C6 RCP E . 42.58 -7.60 22.09
C7 RCP E . 43.76 -6.95 22.47
C8 RCP E . 43.69 -5.70 23.10
C13 RCP E . 42.43 -5.09 23.33
C12 RCP E . 42.38 -3.86 24.01
C11 RCP E . 43.57 -3.24 24.43
C10 RCP E . 44.80 -3.82 24.14
C9 RCP E . 44.86 -5.07 23.51
C29 RCP F . 25.69 14.51 -13.88
C30 RCP F . 26.77 14.66 -12.82
O28 RCP F . 27.36 13.38 -12.52
C28 RCP F . 26.41 12.41 -12.06
C27 RCP F . 25.21 12.26 -13.00
N26 RCP F . 24.71 13.61 -13.28
C26 RCP F . 23.46 13.99 -13.01
O26 RCP F . 22.61 13.24 -12.53
C25 RCP F . 23.09 15.40 -13.38
C24 RCP F . 21.61 15.39 -13.75
C23 RCP F . 23.45 16.36 -12.25
C22 RCP F . 22.98 17.78 -12.54
C21 RCP F . 21.50 17.86 -12.99
N20 RCP F . 21.16 16.77 -13.90
C20 RCP F . 20.15 16.96 -14.96
C19 RCP F . 19.74 18.39 -15.27
C18 RCP F . 18.34 18.28 -15.89
C17 RCP F . 20.39 16.24 -16.28
C16 RCP F . 19.06 16.18 -17.03
N15 RCP F . 18.51 17.55 -17.15
C15 RCP F . 18.20 18.11 -18.33
O15 RCP F . 17.76 19.25 -18.43
C14 RCP F . 18.40 17.35 -19.62
C1 RCP F . 19.59 17.52 -20.36
C2 RCP F . 20.60 18.39 -19.91
C3 RCP F . 21.80 18.51 -20.61
C4 RCP F . 22.00 17.78 -21.77
C5 RCP F . 21.01 16.91 -22.23
C6 RCP F . 19.80 16.79 -21.54
C7 RCP F . 18.82 15.90 -22.01
C8 RCP F . 17.63 15.74 -21.29
C13 RCP F . 17.42 16.43 -20.08
C12 RCP F . 16.20 16.30 -19.41
C11 RCP F . 15.21 15.46 -19.92
C10 RCP F . 15.43 14.74 -21.09
C9 RCP F . 16.63 14.89 -21.79
#